data_1M9Z
# 
_entry.id   1M9Z 
# 
_audit_conform.dict_name       mmcif_pdbx.dic 
_audit_conform.dict_version    5.397 
_audit_conform.dict_location   http://mmcif.pdb.org/dictionaries/ascii/mmcif_pdbx.dic 
# 
loop_
_database_2.database_id 
_database_2.database_code 
_database_2.pdbx_database_accession 
_database_2.pdbx_DOI 
PDB   1M9Z         pdb_00001m9z 10.2210/pdb1m9z/pdb 
RCSB  RCSB016781   ?            ?                   
WWPDB D_1000016781 ?            ?                   
# 
loop_
_pdbx_audit_revision_history.ordinal 
_pdbx_audit_revision_history.data_content_type 
_pdbx_audit_revision_history.major_revision 
_pdbx_audit_revision_history.minor_revision 
_pdbx_audit_revision_history.revision_date 
1 'Structure model' 1 0 2002-09-11 
2 'Structure model' 1 1 2008-04-28 
3 'Structure model' 1 2 2011-07-13 
4 'Structure model' 1 3 2019-07-24 
5 'Structure model' 1 4 2021-10-27 
6 'Structure model' 1 5 2024-10-16 
# 
_pdbx_audit_revision_details.ordinal             1 
_pdbx_audit_revision_details.revision_ordinal    1 
_pdbx_audit_revision_details.data_content_type   'Structure model' 
_pdbx_audit_revision_details.provider            repository 
_pdbx_audit_revision_details.type                'Initial release' 
_pdbx_audit_revision_details.description         ? 
_pdbx_audit_revision_details.details             ? 
# 
loop_
_pdbx_audit_revision_group.ordinal 
_pdbx_audit_revision_group.revision_ordinal 
_pdbx_audit_revision_group.data_content_type 
_pdbx_audit_revision_group.group 
1  2 'Structure model' 'Version format compliance' 
2  3 'Structure model' 'Non-polymer description'   
3  3 'Structure model' 'Version format compliance' 
4  4 'Structure model' Advisory                    
5  4 'Structure model' 'Data collection'           
6  4 'Structure model' 'Refinement description'    
7  5 'Structure model' Advisory                    
8  5 'Structure model' 'Database references'       
9  5 'Structure model' 'Derived calculations'      
10 6 'Structure model' 'Data collection'           
11 6 'Structure model' 'Structure summary'         
# 
loop_
_pdbx_audit_revision_category.ordinal 
_pdbx_audit_revision_category.revision_ordinal 
_pdbx_audit_revision_category.data_content_type 
_pdbx_audit_revision_category.category 
1  4 'Structure model' pdbx_unobs_or_zero_occ_atoms 
2  4 'Structure model' software                     
3  5 'Structure model' database_2                   
4  5 'Structure model' pdbx_unobs_or_zero_occ_atoms 
5  5 'Structure model' struct_ref_seq_dif           
6  5 'Structure model' struct_site                  
7  6 'Structure model' chem_comp_atom               
8  6 'Structure model' chem_comp_bond               
9  6 'Structure model' pdbx_entry_details           
10 6 'Structure model' pdbx_modification_feature    
# 
loop_
_pdbx_audit_revision_item.ordinal 
_pdbx_audit_revision_item.revision_ordinal 
_pdbx_audit_revision_item.data_content_type 
_pdbx_audit_revision_item.item 
1 4 'Structure model' '_software.classification'            
2 4 'Structure model' '_software.name'                      
3 4 'Structure model' '_software.version'                   
4 5 'Structure model' '_database_2.pdbx_DOI'                
5 5 'Structure model' '_database_2.pdbx_database_accession' 
6 5 'Structure model' '_struct_ref_seq_dif.details'         
7 5 'Structure model' '_struct_site.pdbx_auth_asym_id'      
8 5 'Structure model' '_struct_site.pdbx_auth_comp_id'      
9 5 'Structure model' '_struct_site.pdbx_auth_seq_id'       
# 
_pdbx_database_status.status_code                     REL 
_pdbx_database_status.entry_id                        1M9Z 
_pdbx_database_status.recvd_initial_deposition_date   2002-07-30 
_pdbx_database_status.deposit_site                    RCSB 
_pdbx_database_status.process_site                    RCSB 
_pdbx_database_status.SG_entry                        . 
_pdbx_database_status.pdb_format_compatible           Y 
_pdbx_database_status.status_code_mr                  ? 
_pdbx_database_status.status_code_sf                  ? 
_pdbx_database_status.status_code_cs                  ? 
_pdbx_database_status.methods_development_category    ? 
_pdbx_database_status.status_code_nmr_data            ? 
# 
_pdbx_database_related.db_name        PDB 
_pdbx_database_related.db_id          1KTZ 
_pdbx_database_related.details        
'CRYSTAL STRUCTURE OF THE HUMAN TGF-BETA TYPE II RECEPTOR EXTRACELLULAR DOMAIN IN COMPLEX WITH TGF-BETA3' 
_pdbx_database_related.content_type   unspecified 
# 
loop_
_audit_author.name 
_audit_author.pdbx_ordinal 
'Boesen, C.C.'   1 
'Radaev, S.'     2 
'Motyka, S.A.'   3 
'Patamawenu, A.' 4 
'Sun, P.D.'      5 
# 
_citation.id                        primary 
_citation.title                     'THE 1.1A CRYSTAL STRUCTURE OF HUMAN TGF-BETA TYPE II RECEPTOR LIGAND BINDING DOMAIN' 
_citation.journal_abbrev            Structure 
_citation.journal_volume            10 
_citation.page_first                913 
_citation.page_last                 919 
_citation.year                      2002 
_citation.journal_id_ASTM           STRUE6 
_citation.country                   UK 
_citation.journal_id_ISSN           0969-2126 
_citation.journal_id_CSD            2005 
_citation.book_publisher            ? 
_citation.pdbx_database_id_PubMed   12121646 
_citation.pdbx_database_id_DOI      '10.1016/S0969-2126(02)00780-3' 
# 
loop_
_citation_author.citation_id 
_citation_author.name 
_citation_author.ordinal 
_citation_author.identifier_ORCID 
primary 'Boesen, C.C.'   1 ? 
primary 'Radaev, S.'     2 ? 
primary 'Motyka, S.A.'   3 ? 
primary 'Patamawenu, A.' 4 ? 
primary 'Sun, P.D.'      5 ? 
# 
loop_
_entity.id 
_entity.type 
_entity.src_method 
_entity.pdbx_description 
_entity.formula_weight 
_entity.pdbx_number_of_molecules 
_entity.pdbx_ec 
_entity.pdbx_mutation 
_entity.pdbx_fragment 
_entity.details 
1 polymer     man 'TGF-BETA RECEPTOR TYPE II' 12624.248 1   ? Q26A,K97T Extracellular ? 
2 non-polymer syn GLYCEROL                    92.094    1   ? ?         ?             ? 
3 water       nat water                       18.015    178 ? ?         ?             ? 
# 
_entity_name_com.entity_id   1 
_entity_name_com.name        'TGFR-2, TGF-beta type II receptor' 
# 
_entity_poly.entity_id                      1 
_entity_poly.type                           'polypeptide(L)' 
_entity_poly.nstd_linkage                   no 
_entity_poly.nstd_monomer                   no 
_entity_poly.pdbx_seq_one_letter_code       
;ALCKFCDVRFSTCDNQKSCMSNCSITSICEKPQEVCVAVWRKNDENITLETVCHDPKLPYHDFILEDAASPTCIMKEKKK
PGETFFMCSCSSDECNDNIIFSEEYNTSNPD
;
_entity_poly.pdbx_seq_one_letter_code_can   
;ALCKFCDVRFSTCDNQKSCMSNCSITSICEKPQEVCVAVWRKNDENITLETVCHDPKLPYHDFILEDAASPTCIMKEKKK
PGETFFMCSCSSDECNDNIIFSEEYNTSNPD
;
_entity_poly.pdbx_strand_id                 A 
_entity_poly.pdbx_target_identifier         ? 
# 
loop_
_pdbx_entity_nonpoly.entity_id 
_pdbx_entity_nonpoly.name 
_pdbx_entity_nonpoly.comp_id 
2 GLYCEROL GOL 
3 water    HOH 
# 
loop_
_entity_poly_seq.entity_id 
_entity_poly_seq.num 
_entity_poly_seq.mon_id 
_entity_poly_seq.hetero 
1 1   ALA n 
1 2   LEU n 
1 3   CYS n 
1 4   LYS n 
1 5   PHE n 
1 6   CYS n 
1 7   ASP n 
1 8   VAL n 
1 9   ARG n 
1 10  PHE n 
1 11  SER n 
1 12  THR n 
1 13  CYS n 
1 14  ASP n 
1 15  ASN n 
1 16  GLN n 
1 17  LYS n 
1 18  SER n 
1 19  CYS n 
1 20  MET n 
1 21  SER n 
1 22  ASN n 
1 23  CYS n 
1 24  SER n 
1 25  ILE n 
1 26  THR n 
1 27  SER n 
1 28  ILE n 
1 29  CYS n 
1 30  GLU n 
1 31  LYS n 
1 32  PRO n 
1 33  GLN n 
1 34  GLU n 
1 35  VAL n 
1 36  CYS n 
1 37  VAL n 
1 38  ALA n 
1 39  VAL n 
1 40  TRP n 
1 41  ARG n 
1 42  LYS n 
1 43  ASN n 
1 44  ASP n 
1 45  GLU n 
1 46  ASN n 
1 47  ILE n 
1 48  THR n 
1 49  LEU n 
1 50  GLU n 
1 51  THR n 
1 52  VAL n 
1 53  CYS n 
1 54  HIS n 
1 55  ASP n 
1 56  PRO n 
1 57  LYS n 
1 58  LEU n 
1 59  PRO n 
1 60  TYR n 
1 61  HIS n 
1 62  ASP n 
1 63  PHE n 
1 64  ILE n 
1 65  LEU n 
1 66  GLU n 
1 67  ASP n 
1 68  ALA n 
1 69  ALA n 
1 70  SER n 
1 71  PRO n 
1 72  THR n 
1 73  CYS n 
1 74  ILE n 
1 75  MET n 
1 76  LYS n 
1 77  GLU n 
1 78  LYS n 
1 79  LYS n 
1 80  LYS n 
1 81  PRO n 
1 82  GLY n 
1 83  GLU n 
1 84  THR n 
1 85  PHE n 
1 86  PHE n 
1 87  MET n 
1 88  CYS n 
1 89  SER n 
1 90  CYS n 
1 91  SER n 
1 92  SER n 
1 93  ASP n 
1 94  GLU n 
1 95  CYS n 
1 96  ASN n 
1 97  ASP n 
1 98  ASN n 
1 99  ILE n 
1 100 ILE n 
1 101 PHE n 
1 102 SER n 
1 103 GLU n 
1 104 GLU n 
1 105 TYR n 
1 106 ASN n 
1 107 THR n 
1 108 SER n 
1 109 ASN n 
1 110 PRO n 
1 111 ASP n 
# 
_entity_src_gen.entity_id                          1 
_entity_src_gen.pdbx_src_id                        1 
_entity_src_gen.pdbx_alt_source_flag               sample 
_entity_src_gen.pdbx_seq_type                      ? 
_entity_src_gen.pdbx_beg_seq_num                   ? 
_entity_src_gen.pdbx_end_seq_num                   ? 
_entity_src_gen.gene_src_common_name               human 
_entity_src_gen.gene_src_genus                     Homo 
_entity_src_gen.pdbx_gene_src_gene                 ? 
_entity_src_gen.gene_src_species                   ? 
_entity_src_gen.gene_src_strain                    ? 
_entity_src_gen.gene_src_tissue                    ? 
_entity_src_gen.gene_src_tissue_fraction           ? 
_entity_src_gen.gene_src_details                   ? 
_entity_src_gen.pdbx_gene_src_fragment             ? 
_entity_src_gen.pdbx_gene_src_scientific_name      'Homo sapiens' 
_entity_src_gen.pdbx_gene_src_ncbi_taxonomy_id     9606 
_entity_src_gen.pdbx_gene_src_variant              ? 
_entity_src_gen.pdbx_gene_src_cell_line            ? 
_entity_src_gen.pdbx_gene_src_atcc                 ? 
_entity_src_gen.pdbx_gene_src_organ                ? 
_entity_src_gen.pdbx_gene_src_organelle            ? 
_entity_src_gen.pdbx_gene_src_cell                 ? 
_entity_src_gen.pdbx_gene_src_cellular_location    ? 
_entity_src_gen.host_org_common_name               ? 
_entity_src_gen.pdbx_host_org_scientific_name      'Escherichia coli' 
_entity_src_gen.pdbx_host_org_ncbi_taxonomy_id     562 
_entity_src_gen.host_org_genus                     Escherichia 
_entity_src_gen.pdbx_host_org_gene                 ? 
_entity_src_gen.pdbx_host_org_organ                ? 
_entity_src_gen.host_org_species                   ? 
_entity_src_gen.pdbx_host_org_tissue               ? 
_entity_src_gen.pdbx_host_org_tissue_fraction      ? 
_entity_src_gen.pdbx_host_org_strain               ? 
_entity_src_gen.pdbx_host_org_variant              ? 
_entity_src_gen.pdbx_host_org_cell_line            ? 
_entity_src_gen.pdbx_host_org_atcc                 ? 
_entity_src_gen.pdbx_host_org_culture_collection   ? 
_entity_src_gen.pdbx_host_org_cell                 ? 
_entity_src_gen.pdbx_host_org_organelle            ? 
_entity_src_gen.pdbx_host_org_cellular_location    ? 
_entity_src_gen.pdbx_host_org_vector_type          ? 
_entity_src_gen.pdbx_host_org_vector               ? 
_entity_src_gen.host_org_details                   ? 
_entity_src_gen.expression_system_id               ? 
_entity_src_gen.plasmid_name                       ? 
_entity_src_gen.plasmid_details                    ? 
_entity_src_gen.pdbx_description                   ? 
# 
loop_
_chem_comp.id 
_chem_comp.type 
_chem_comp.mon_nstd_flag 
_chem_comp.name 
_chem_comp.pdbx_synonyms 
_chem_comp.formula 
_chem_comp.formula_weight 
ALA 'L-peptide linking' y ALANINE         ?                               'C3 H7 N O2'     89.093  
ARG 'L-peptide linking' y ARGININE        ?                               'C6 H15 N4 O2 1' 175.209 
ASN 'L-peptide linking' y ASPARAGINE      ?                               'C4 H8 N2 O3'    132.118 
ASP 'L-peptide linking' y 'ASPARTIC ACID' ?                               'C4 H7 N O4'     133.103 
CYS 'L-peptide linking' y CYSTEINE        ?                               'C3 H7 N O2 S'   121.158 
GLN 'L-peptide linking' y GLUTAMINE       ?                               'C5 H10 N2 O3'   146.144 
GLU 'L-peptide linking' y 'GLUTAMIC ACID' ?                               'C5 H9 N O4'     147.129 
GLY 'peptide linking'   y GLYCINE         ?                               'C2 H5 N O2'     75.067  
GOL non-polymer         . GLYCEROL        'GLYCERIN; PROPANE-1,2,3-TRIOL' 'C3 H8 O3'       92.094  
HIS 'L-peptide linking' y HISTIDINE       ?                               'C6 H10 N3 O2 1' 156.162 
HOH non-polymer         . WATER           ?                               'H2 O'           18.015  
ILE 'L-peptide linking' y ISOLEUCINE      ?                               'C6 H13 N O2'    131.173 
LEU 'L-peptide linking' y LEUCINE         ?                               'C6 H13 N O2'    131.173 
LYS 'L-peptide linking' y LYSINE          ?                               'C6 H15 N2 O2 1' 147.195 
MET 'L-peptide linking' y METHIONINE      ?                               'C5 H11 N O2 S'  149.211 
PHE 'L-peptide linking' y PHENYLALANINE   ?                               'C9 H11 N O2'    165.189 
PRO 'L-peptide linking' y PROLINE         ?                               'C5 H9 N O2'     115.130 
SER 'L-peptide linking' y SERINE          ?                               'C3 H7 N O3'     105.093 
THR 'L-peptide linking' y THREONINE       ?                               'C4 H9 N O3'     119.119 
TRP 'L-peptide linking' y TRYPTOPHAN      ?                               'C11 H12 N2 O2'  204.225 
TYR 'L-peptide linking' y TYROSINE        ?                               'C9 H11 N O3'    181.189 
VAL 'L-peptide linking' y VALINE          ?                               'C5 H11 N O2'    117.146 
# 
loop_
_pdbx_poly_seq_scheme.asym_id 
_pdbx_poly_seq_scheme.entity_id 
_pdbx_poly_seq_scheme.seq_id 
_pdbx_poly_seq_scheme.mon_id 
_pdbx_poly_seq_scheme.ndb_seq_num 
_pdbx_poly_seq_scheme.pdb_seq_num 
_pdbx_poly_seq_scheme.auth_seq_num 
_pdbx_poly_seq_scheme.pdb_mon_id 
_pdbx_poly_seq_scheme.auth_mon_id 
_pdbx_poly_seq_scheme.pdb_strand_id 
_pdbx_poly_seq_scheme.pdb_ins_code 
_pdbx_poly_seq_scheme.hetero 
A 1 1   ALA 1   26  26  ALA ALA A . n 
A 1 2   LEU 2   27  27  LEU LEU A . n 
A 1 3   CYS 3   28  28  CYS CYS A . n 
A 1 4   LYS 4   29  29  LYS LYS A . n 
A 1 5   PHE 5   30  30  PHE PHE A . n 
A 1 6   CYS 6   31  31  CYS CYS A . n 
A 1 7   ASP 7   32  32  ASP ASP A . n 
A 1 8   VAL 8   33  33  VAL VAL A . n 
A 1 9   ARG 9   34  34  ARG ARG A . n 
A 1 10  PHE 10  35  35  PHE PHE A . n 
A 1 11  SER 11  36  36  SER SER A . n 
A 1 12  THR 12  37  37  THR THR A . n 
A 1 13  CYS 13  38  38  CYS CYS A . n 
A 1 14  ASP 14  39  39  ASP ASP A . n 
A 1 15  ASN 15  40  40  ASN ASN A . n 
A 1 16  GLN 16  41  41  GLN GLN A . n 
A 1 17  LYS 17  42  42  LYS LYS A . n 
A 1 18  SER 18  43  43  SER SER A . n 
A 1 19  CYS 19  44  44  CYS CYS A . n 
A 1 20  MET 20  45  45  MET MET A . n 
A 1 21  SER 21  46  46  SER SER A . n 
A 1 22  ASN 22  47  47  ASN ASN A . n 
A 1 23  CYS 23  48  48  CYS CYS A . n 
A 1 24  SER 24  49  49  SER SER A . n 
A 1 25  ILE 25  50  50  ILE ILE A . n 
A 1 26  THR 26  51  51  THR THR A . n 
A 1 27  SER 27  52  52  SER SER A . n 
A 1 28  ILE 28  53  53  ILE ILE A . n 
A 1 29  CYS 29  54  54  CYS CYS A . n 
A 1 30  GLU 30  55  55  GLU GLU A . n 
A 1 31  LYS 31  56  56  LYS LYS A . n 
A 1 32  PRO 32  57  57  PRO PRO A . n 
A 1 33  GLN 33  58  58  GLN GLN A . n 
A 1 34  GLU 34  59  59  GLU GLU A . n 
A 1 35  VAL 35  60  60  VAL VAL A . n 
A 1 36  CYS 36  61  61  CYS CYS A . n 
A 1 37  VAL 37  62  62  VAL VAL A . n 
A 1 38  ALA 38  63  63  ALA ALA A . n 
A 1 39  VAL 39  64  64  VAL VAL A . n 
A 1 40  TRP 40  65  65  TRP TRP A . n 
A 1 41  ARG 41  66  66  ARG ARG A . n 
A 1 42  LYS 42  67  67  LYS LYS A . n 
A 1 43  ASN 43  68  68  ASN ASN A . n 
A 1 44  ASP 44  69  69  ASP ASP A . n 
A 1 45  GLU 45  70  70  GLU GLU A . n 
A 1 46  ASN 46  71  71  ASN ASN A . n 
A 1 47  ILE 47  72  72  ILE ILE A . n 
A 1 48  THR 48  73  73  THR THR A . n 
A 1 49  LEU 49  74  74  LEU LEU A . n 
A 1 50  GLU 50  75  75  GLU GLU A . n 
A 1 51  THR 51  76  76  THR THR A . n 
A 1 52  VAL 52  77  77  VAL VAL A . n 
A 1 53  CYS 53  78  78  CYS CYS A . n 
A 1 54  HIS 54  79  79  HIS HIS A . n 
A 1 55  ASP 55  80  80  ASP ASP A . n 
A 1 56  PRO 56  81  81  PRO PRO A . n 
A 1 57  LYS 57  82  82  LYS LYS A . n 
A 1 58  LEU 58  83  83  LEU LEU A . n 
A 1 59  PRO 59  84  84  PRO PRO A . n 
A 1 60  TYR 60  85  85  TYR TYR A . n 
A 1 61  HIS 61  86  86  HIS HIS A . n 
A 1 62  ASP 62  87  87  ASP ASP A . n 
A 1 63  PHE 63  88  88  PHE PHE A . n 
A 1 64  ILE 64  89  89  ILE ILE A . n 
A 1 65  LEU 65  90  90  LEU LEU A . n 
A 1 66  GLU 66  91  91  GLU GLU A . n 
A 1 67  ASP 67  92  92  ASP ASP A . n 
A 1 68  ALA 68  93  93  ALA ALA A . n 
A 1 69  ALA 69  94  94  ALA ALA A . n 
A 1 70  SER 70  95  95  SER SER A . n 
A 1 71  PRO 71  96  96  PRO PRO A . n 
A 1 72  THR 72  97  97  THR THR A . n 
A 1 73  CYS 73  98  98  CYS CYS A . n 
A 1 74  ILE 74  99  99  ILE ILE A . n 
A 1 75  MET 75  100 100 MET MET A . n 
A 1 76  LYS 76  101 101 LYS LYS A . n 
A 1 77  GLU 77  102 102 GLU GLU A . n 
A 1 78  LYS 78  103 103 LYS LYS A . n 
A 1 79  LYS 79  104 104 LYS LYS A . n 
A 1 80  LYS 80  105 105 LYS LYS A . n 
A 1 81  PRO 81  106 106 PRO PRO A . n 
A 1 82  GLY 82  107 107 GLY GLY A . n 
A 1 83  GLU 83  108 108 GLU GLU A . n 
A 1 84  THR 84  109 109 THR THR A . n 
A 1 85  PHE 85  110 110 PHE PHE A . n 
A 1 86  PHE 86  111 111 PHE PHE A . n 
A 1 87  MET 87  112 112 MET MET A . n 
A 1 88  CYS 88  113 113 CYS CYS A . n 
A 1 89  SER 89  114 114 SER SER A . n 
A 1 90  CYS 90  115 115 CYS CYS A . n 
A 1 91  SER 91  116 116 SER SER A . n 
A 1 92  SER 92  117 117 SER SER A . n 
A 1 93  ASP 93  118 118 ASP ASP A . n 
A 1 94  GLU 94  119 119 GLU GLU A . n 
A 1 95  CYS 95  120 120 CYS CYS A . n 
A 1 96  ASN 96  121 121 ASN ASN A . n 
A 1 97  ASP 97  122 122 ASP ASP A . n 
A 1 98  ASN 98  123 123 ASN ASN A . n 
A 1 99  ILE 99  124 124 ILE ILE A . n 
A 1 100 ILE 100 125 125 ILE ILE A . n 
A 1 101 PHE 101 126 126 PHE PHE A . n 
A 1 102 SER 102 127 127 SER SER A . n 
A 1 103 GLU 103 128 128 GLU GLU A . n 
A 1 104 GLU 104 129 129 GLU GLU A . n 
A 1 105 TYR 105 130 130 TYR TYR A . n 
A 1 106 ASN 106 131 ?   ?   ?   A . n 
A 1 107 THR 107 132 ?   ?   ?   A . n 
A 1 108 SER 108 133 ?   ?   ?   A . n 
A 1 109 ASN 109 134 ?   ?   ?   A . n 
A 1 110 PRO 110 135 ?   ?   ?   A . n 
A 1 111 ASP 111 136 ?   ?   ?   A . n 
# 
loop_
_pdbx_nonpoly_scheme.asym_id 
_pdbx_nonpoly_scheme.entity_id 
_pdbx_nonpoly_scheme.mon_id 
_pdbx_nonpoly_scheme.ndb_seq_num 
_pdbx_nonpoly_scheme.pdb_seq_num 
_pdbx_nonpoly_scheme.auth_seq_num 
_pdbx_nonpoly_scheme.pdb_mon_id 
_pdbx_nonpoly_scheme.auth_mon_id 
_pdbx_nonpoly_scheme.pdb_strand_id 
_pdbx_nonpoly_scheme.pdb_ins_code 
B 2 GOL 1   910  910 GOL CRY A . 
C 3 HOH 1   911  1   HOH HOH A . 
C 3 HOH 2   912  2   HOH HOH A . 
C 3 HOH 3   913  3   HOH HOH A . 
C 3 HOH 4   914  4   HOH HOH A . 
C 3 HOH 5   915  5   HOH HOH A . 
C 3 HOH 6   916  6   HOH HOH A . 
C 3 HOH 7   917  7   HOH HOH A . 
C 3 HOH 8   918  8   HOH HOH A . 
C 3 HOH 9   919  9   HOH HOH A . 
C 3 HOH 10  920  10  HOH HOH A . 
C 3 HOH 11  921  11  HOH HOH A . 
C 3 HOH 12  922  12  HOH HOH A . 
C 3 HOH 13  923  13  HOH HOH A . 
C 3 HOH 14  924  14  HOH HOH A . 
C 3 HOH 15  925  15  HOH HOH A . 
C 3 HOH 16  926  16  HOH HOH A . 
C 3 HOH 17  927  17  HOH HOH A . 
C 3 HOH 18  928  19  HOH HOH A . 
C 3 HOH 19  929  20  HOH HOH A . 
C 3 HOH 20  930  21  HOH HOH A . 
C 3 HOH 21  931  22  HOH HOH A . 
C 3 HOH 22  932  23  HOH HOH A . 
C 3 HOH 23  933  25  HOH HOH A . 
C 3 HOH 24  934  26  HOH HOH A . 
C 3 HOH 25  935  27  HOH HOH A . 
C 3 HOH 26  936  28  HOH HOH A . 
C 3 HOH 27  937  29  HOH HOH A . 
C 3 HOH 28  938  30  HOH HOH A . 
C 3 HOH 29  939  31  HOH HOH A . 
C 3 HOH 30  940  32  HOH HOH A . 
C 3 HOH 31  941  33  HOH HOH A . 
C 3 HOH 32  942  34  HOH HOH A . 
C 3 HOH 33  943  35  HOH HOH A . 
C 3 HOH 34  944  36  HOH HOH A . 
C 3 HOH 35  945  37  HOH HOH A . 
C 3 HOH 36  946  38  HOH HOH A . 
C 3 HOH 37  947  39  HOH HOH A . 
C 3 HOH 38  948  40  HOH HOH A . 
C 3 HOH 39  949  41  HOH HOH A . 
C 3 HOH 40  950  42  HOH HOH A . 
C 3 HOH 41  951  43  HOH HOH A . 
C 3 HOH 42  952  44  HOH HOH A . 
C 3 HOH 43  953  45  HOH HOH A . 
C 3 HOH 44  954  46  HOH HOH A . 
C 3 HOH 45  955  47  HOH HOH A . 
C 3 HOH 46  956  48  HOH HOH A . 
C 3 HOH 47  957  49  HOH HOH A . 
C 3 HOH 48  958  50  HOH HOH A . 
C 3 HOH 49  959  51  HOH HOH A . 
C 3 HOH 50  960  52  HOH HOH A . 
C 3 HOH 51  961  53  HOH HOH A . 
C 3 HOH 52  962  54  HOH HOH A . 
C 3 HOH 53  963  55  HOH HOH A . 
C 3 HOH 54  964  56  HOH HOH A . 
C 3 HOH 55  965  57  HOH HOH A . 
C 3 HOH 56  966  58  HOH HOH A . 
C 3 HOH 57  967  59  HOH HOH A . 
C 3 HOH 58  968  60  HOH HOH A . 
C 3 HOH 59  969  61  HOH HOH A . 
C 3 HOH 60  970  64  HOH HOH A . 
C 3 HOH 61  971  65  HOH HOH A . 
C 3 HOH 62  972  66  HOH HOH A . 
C 3 HOH 63  973  67  HOH HOH A . 
C 3 HOH 64  974  68  HOH HOH A . 
C 3 HOH 65  975  69  HOH HOH A . 
C 3 HOH 66  976  70  HOH HOH A . 
C 3 HOH 67  977  71  HOH HOH A . 
C 3 HOH 68  978  72  HOH HOH A . 
C 3 HOH 69  979  73  HOH HOH A . 
C 3 HOH 70  980  74  HOH HOH A . 
C 3 HOH 71  981  76  HOH HOH A . 
C 3 HOH 72  982  77  HOH HOH A . 
C 3 HOH 73  983  78  HOH HOH A . 
C 3 HOH 74  984  79  HOH HOH A . 
C 3 HOH 75  985  80  HOH HOH A . 
C 3 HOH 76  986  81  HOH HOH A . 
C 3 HOH 77  987  82  HOH HOH A . 
C 3 HOH 78  988  83  HOH HOH A . 
C 3 HOH 79  989  84  HOH HOH A . 
C 3 HOH 80  990  85  HOH HOH A . 
C 3 HOH 81  991  86  HOH HOH A . 
C 3 HOH 82  992  87  HOH HOH A . 
C 3 HOH 83  993  88  HOH HOH A . 
C 3 HOH 84  994  90  HOH HOH A . 
C 3 HOH 85  995  91  HOH HOH A . 
C 3 HOH 86  996  92  HOH HOH A . 
C 3 HOH 87  997  93  HOH HOH A . 
C 3 HOH 88  998  94  HOH HOH A . 
C 3 HOH 89  999  95  HOH HOH A . 
C 3 HOH 90  1000 96  HOH HOH A . 
C 3 HOH 91  1001 97  HOH HOH A . 
C 3 HOH 92  1002 98  HOH HOH A . 
C 3 HOH 93  1003 99  HOH HOH A . 
C 3 HOH 94  1004 100 HOH HOH A . 
C 3 HOH 95  1005 101 HOH HOH A . 
C 3 HOH 96  1006 102 HOH HOH A . 
C 3 HOH 97  1007 103 HOH HOH A . 
C 3 HOH 98  1008 104 HOH HOH A . 
C 3 HOH 99  1009 105 HOH HOH A . 
C 3 HOH 100 1010 106 HOH HOH A . 
C 3 HOH 101 1011 107 HOH HOH A . 
C 3 HOH 102 1012 110 HOH HOH A . 
C 3 HOH 103 1013 111 HOH HOH A . 
C 3 HOH 104 1014 112 HOH HOH A . 
C 3 HOH 105 1015 113 HOH HOH A . 
C 3 HOH 106 1016 115 HOH HOH A . 
C 3 HOH 107 1017 117 HOH HOH A . 
C 3 HOH 108 1018 118 HOH HOH A . 
C 3 HOH 109 1019 119 HOH HOH A . 
C 3 HOH 110 1020 121 HOH HOH A . 
C 3 HOH 111 1021 123 HOH HOH A . 
C 3 HOH 112 1022 125 HOH HOH A . 
C 3 HOH 113 1023 126 HOH HOH A . 
C 3 HOH 114 1024 127 HOH HOH A . 
C 3 HOH 115 1025 128 HOH HOH A . 
C 3 HOH 116 1026 301 HOH HOH A . 
C 3 HOH 117 1027 304 HOH HOH A . 
C 3 HOH 118 1028 306 HOH HOH A . 
C 3 HOH 119 1029 307 HOH HOH A . 
C 3 HOH 120 1030 309 HOH HOH A . 
C 3 HOH 121 1031 310 HOH HOH A . 
C 3 HOH 122 1032 311 HOH HOH A . 
C 3 HOH 123 1033 314 HOH HOH A . 
C 3 HOH 124 1034 316 HOH HOH A . 
C 3 HOH 125 1035 318 HOH HOH A . 
C 3 HOH 126 1036 319 HOH HOH A . 
C 3 HOH 127 1037 320 HOH HOH A . 
C 3 HOH 128 1038 321 HOH HOH A . 
C 3 HOH 129 1039 322 HOH HOH A . 
C 3 HOH 130 1040 323 HOH HOH A . 
C 3 HOH 131 1041 325 HOH HOH A . 
C 3 HOH 132 1042 326 HOH HOH A . 
C 3 HOH 133 1043 327 HOH HOH A . 
C 3 HOH 134 1044 328 HOH HOH A . 
C 3 HOH 135 1045 329 HOH HOH A . 
C 3 HOH 136 1046 330 HOH HOH A . 
C 3 HOH 137 1047 332 HOH HOH A . 
C 3 HOH 138 1048 336 HOH HOH A . 
C 3 HOH 139 1049 338 HOH HOH A . 
C 3 HOH 140 1050 339 HOH HOH A . 
C 3 HOH 141 1051 340 HOH HOH A . 
C 3 HOH 142 1052 341 HOH HOH A . 
C 3 HOH 143 1053 343 HOH HOH A . 
C 3 HOH 144 1054 344 HOH HOH A . 
C 3 HOH 145 1055 345 HOH HOH A . 
C 3 HOH 146 1056 346 HOH HOH A . 
C 3 HOH 147 1057 349 HOH HOH A . 
C 3 HOH 148 1058 352 HOH HOH A . 
C 3 HOH 149 1059 353 HOH HOH A . 
C 3 HOH 150 1060 354 HOH HOH A . 
C 3 HOH 151 1061 356 HOH HOH A . 
C 3 HOH 152 1062 357 HOH HOH A . 
C 3 HOH 153 1063 358 HOH HOH A . 
C 3 HOH 154 1064 361 HOH HOH A . 
C 3 HOH 155 1065 363 HOH HOH A . 
C 3 HOH 156 1066 366 HOH HOH A . 
C 3 HOH 157 1067 400 HOH HOH A . 
C 3 HOH 158 1068 402 HOH HOH A . 
C 3 HOH 159 1069 403 HOH HOH A . 
C 3 HOH 160 1070 404 HOH HOH A . 
C 3 HOH 161 1071 405 HOH HOH A . 
C 3 HOH 162 1072 406 HOH HOH A . 
C 3 HOH 163 1073 407 HOH HOH A . 
C 3 HOH 164 1074 408 HOH HOH A . 
C 3 HOH 165 1075 409 HOH HOH A . 
C 3 HOH 166 1076 410 HOH HOH A . 
C 3 HOH 167 1077 411 HOH HOH A . 
C 3 HOH 168 1078 412 HOH HOH A . 
C 3 HOH 169 1079 413 HOH HOH A . 
C 3 HOH 170 1080 415 HOH HOH A . 
C 3 HOH 171 1081 416 HOH HOH A . 
C 3 HOH 172 1082 417 HOH HOH A . 
C 3 HOH 173 1083 419 HOH HOH A . 
C 3 HOH 174 1084 420 HOH HOH A . 
C 3 HOH 175 1085 421 HOH HOH A . 
C 3 HOH 176 1086 422 HOH HOH A . 
C 3 HOH 177 1087 423 HOH HOH A . 
C 3 HOH 178 1088 424 HOH HOH A . 
# 
loop_
_pdbx_unobs_or_zero_occ_atoms.id 
_pdbx_unobs_or_zero_occ_atoms.PDB_model_num 
_pdbx_unobs_or_zero_occ_atoms.polymer_flag 
_pdbx_unobs_or_zero_occ_atoms.occupancy_flag 
_pdbx_unobs_or_zero_occ_atoms.auth_asym_id 
_pdbx_unobs_or_zero_occ_atoms.auth_comp_id 
_pdbx_unobs_or_zero_occ_atoms.auth_seq_id 
_pdbx_unobs_or_zero_occ_atoms.PDB_ins_code 
_pdbx_unobs_or_zero_occ_atoms.auth_atom_id 
_pdbx_unobs_or_zero_occ_atoms.label_alt_id 
_pdbx_unobs_or_zero_occ_atoms.label_asym_id 
_pdbx_unobs_or_zero_occ_atoms.label_comp_id 
_pdbx_unobs_or_zero_occ_atoms.label_seq_id 
_pdbx_unobs_or_zero_occ_atoms.label_atom_id 
1  1 Y 0 A GLU 55  ? CG  ? A GLU 30  CG  
2  1 Y 0 A LYS 101 ? CE  ? A LYS 76  CE  
3  1 Y 0 A LYS 101 ? NZ  ? A LYS 76  NZ  
4  1 Y 0 A LYS 103 ? CE  ? A LYS 78  CE  
5  1 Y 0 A LYS 103 ? NZ  ? A LYS 78  NZ  
6  1 Y 0 A LYS 104 ? CG  ? A LYS 79  CG  
7  1 Y 0 A LYS 104 ? CD  ? A LYS 79  CD  
8  1 Y 0 A LYS 104 ? CE  ? A LYS 79  CE  
9  1 Y 0 A LYS 104 ? NZ  ? A LYS 79  NZ  
10 1 Y 0 A GLU 128 ? CD  ? A GLU 103 CD  
11 1 Y 0 A GLU 128 ? OE1 ? A GLU 103 OE1 
12 1 Y 0 A GLU 128 ? OE2 ? A GLU 103 OE2 
# 
loop_
_software.name 
_software.classification 
_software.version 
_software.citation_id 
_software.pdbx_ordinal 
REFMAC    refinement        5.0 ? 1 
SCALEPACK 'data scaling'    .   ? 2 
CNS       refinement        .   ? 3 
HKL-2000  'data collection' .   ? 4 
HKL-2000  'data reduction'  .   ? 5 
CNS       phasing           .   ? 6 
# 
_cell.entry_id           1M9Z 
_cell.length_a           35.471 
_cell.length_b           40.658 
_cell.length_c           76.154 
_cell.angle_alpha        90.00 
_cell.angle_beta         90.00 
_cell.angle_gamma        90.00 
_cell.Z_PDB              4 
_cell.pdbx_unique_axis   ? 
# 
_symmetry.entry_id                         1M9Z 
_symmetry.space_group_name_H-M             'P 21 21 21' 
_symmetry.pdbx_full_space_group_name_H-M   ? 
_symmetry.cell_setting                     ? 
_symmetry.Int_Tables_number                19 
# 
_exptl.entry_id          1M9Z 
_exptl.method            'X-RAY DIFFRACTION' 
_exptl.crystals_number   1 
# 
_exptl_crystal.id                    1 
_exptl_crystal.density_meas          ? 
_exptl_crystal.density_percent_sol   43.42 
_exptl_crystal.density_Matthews      2.17 
_exptl_crystal.description           ? 
# 
_exptl_crystal_grow.crystal_id      1 
_exptl_crystal_grow.method          'VAPOR DIFFUSION, HANGING DROP' 
_exptl_crystal_grow.temp            298.0 
_exptl_crystal_grow.temp_details    ? 
_exptl_crystal_grow.pH              5.0 
_exptl_crystal_grow.pdbx_details    'PEG 2000, sodium citrate, pH 5.0, VAPOR DIFFUSION, HANGING DROP, temperature 298.0K' 
_exptl_crystal_grow.pdbx_pH_range   ? 
# 
_diffrn.id                     1 
_diffrn.ambient_temp           100.0 
_diffrn.ambient_temp_details   ? 
_diffrn.crystal_id             1 
# 
_diffrn_detector.diffrn_id              1 
_diffrn_detector.detector               CCD 
_diffrn_detector.type                   'ADSC QUANTUM 4' 
_diffrn_detector.pdbx_collection_date   2001-07-14 
_diffrn_detector.details                ? 
# 
_diffrn_radiation.diffrn_id                        1 
_diffrn_radiation.wavelength_id                    1 
_diffrn_radiation.pdbx_monochromatic_or_laue_m_l   M 
_diffrn_radiation.monochromator                    'Si 111 CHANNEL' 
_diffrn_radiation.pdbx_diffrn_protocol             MAD 
_diffrn_radiation.pdbx_scattering_type             x-ray 
# 
loop_
_diffrn_radiation_wavelength.id 
_diffrn_radiation_wavelength.wavelength 
_diffrn_radiation_wavelength.wt 
1 1.0092 1.0 
2 1.0011 1.0 
3 1.0076 1.0 
# 
_diffrn_source.diffrn_id                   1 
_diffrn_source.source                      SYNCHROTRON 
_diffrn_source.type                        'NSLS BEAMLINE X9B' 
_diffrn_source.pdbx_synchrotron_site       NSLS 
_diffrn_source.pdbx_synchrotron_beamline   X9B 
_diffrn_source.pdbx_wavelength             ? 
_diffrn_source.pdbx_wavelength_list        '1.0092, 1.0011, 1.0076' 
# 
_reflns.entry_id                     1M9Z 
_reflns.observed_criterion_sigma_F   ? 
_reflns.observed_criterion_sigma_I   -3.0 
_reflns.d_resolution_high            1.05 
_reflns.d_resolution_low             36 
_reflns.number_all                   45991 
_reflns.number_obs                   43635 
_reflns.percent_possible_obs         87.9 
_reflns.pdbx_Rmerge_I_obs            ? 
_reflns.pdbx_Rsym_value              0.035 
_reflns.pdbx_netI_over_sigmaI        56.5 
_reflns.B_iso_Wilson_estimate        8.0 
_reflns.pdbx_redundancy              8.5 
_reflns.R_free_details               ? 
_reflns.limit_h_max                  ? 
_reflns.limit_h_min                  ? 
_reflns.limit_k_max                  ? 
_reflns.limit_k_min                  ? 
_reflns.limit_l_max                  ? 
_reflns.limit_l_min                  ? 
_reflns.observed_criterion_F_max     ? 
_reflns.observed_criterion_F_min     ? 
_reflns.pdbx_ordinal                 1 
_reflns.pdbx_diffrn_id               1 
# 
_reflns_shell.d_res_high             1.05 
_reflns_shell.d_res_low              1.09 
_reflns_shell.percent_possible_all   44.3 
_reflns_shell.Rmerge_I_obs           ? 
_reflns_shell.pdbx_Rsym_value        0.488 
_reflns_shell.meanI_over_sigI_obs    ? 
_reflns_shell.pdbx_redundancy        3.9 
_reflns_shell.percent_possible_obs   ? 
_reflns_shell.number_unique_all      2277 
_reflns_shell.pdbx_ordinal           1 
_reflns_shell.pdbx_diffrn_id         1 
# 
_refine.entry_id                                 1M9Z 
_refine.ls_number_reflns_obs                     43635 
_refine.ls_number_reflns_all                     ? 
_refine.pdbx_ls_sigma_I                          ? 
_refine.pdbx_ls_sigma_F                          0.0 
_refine.pdbx_data_cutoff_high_absF               ? 
_refine.pdbx_data_cutoff_low_absF                ? 
_refine.ls_d_res_low                             35.81 
_refine.ls_d_res_high                            1.05 
_refine.ls_percent_reflns_obs                    87.96 
_refine.ls_R_factor_obs                          0.15647 
_refine.ls_R_factor_all                          ? 
_refine.ls_R_factor_R_work                       0.15595 
_refine.ls_R_factor_R_free                       0.16615 
_refine.ls_R_factor_R_free_error                 ? 
_refine.ls_R_factor_R_free_error_details         ? 
_refine.ls_percent_reflns_R_free                 5.0 
_refine.ls_number_reflns_R_free                  2306 
_refine.ls_number_parameters                     ? 
_refine.ls_number_restraints                     ? 
_refine.occupancy_min                            ? 
_refine.occupancy_max                            ? 
_refine.correlation_coeff_Fo_to_Fc               0.974 
_refine.correlation_coeff_Fo_to_Fc_free          0.973 
_refine.B_iso_mean                               12.080 
_refine.aniso_B[1][1]                            0.10 
_refine.aniso_B[2][2]                            -0.16 
_refine.aniso_B[3][3]                            0.06 
_refine.aniso_B[1][2]                            0.00 
_refine.aniso_B[1][3]                            0.00 
_refine.aniso_B[2][3]                            0.00 
_refine.solvent_model_details                    'BABINET MODEL WITH MASK' 
_refine.solvent_model_param_ksol                 ? 
_refine.solvent_model_param_bsol                 ? 
_refine.pdbx_solvent_vdw_probe_radii             ? 
_refine.pdbx_solvent_ion_probe_radii             ? 
_refine.pdbx_solvent_shrinkage_radii             0.80 
_refine.pdbx_ls_cross_valid_method               THROUGHOUT 
_refine.details                                  'HYDROGENS HAVE BEEN ADDED IN THE RIDING POSITIONS' 
_refine.pdbx_starting_model                      ? 
_refine.pdbx_method_to_determine_struct          MAD 
_refine.pdbx_isotropic_thermal_model             ? 
_refine.pdbx_stereochemistry_target_values       'MAXIMUM LIKELIHOOD' 
_refine.pdbx_stereochem_target_val_spec_case     ? 
_refine.pdbx_R_Free_selection_details            RANDOM 
_refine.pdbx_overall_ESU_R_Free                  ? 
_refine.overall_SU_B                             ? 
_refine.ls_redundancy_reflns_obs                 ? 
_refine.B_iso_min                                ? 
_refine.B_iso_max                                ? 
_refine.overall_SU_R_Cruickshank_DPI             ? 
_refine.overall_SU_R_free                        ? 
_refine.overall_SU_ML                            ? 
_refine.pdbx_overall_ESU_R                       ? 
_refine.pdbx_data_cutoff_high_rms_absF           ? 
_refine.pdbx_refine_id                           'X-RAY DIFFRACTION' 
_refine.pdbx_diffrn_id                           1 
_refine.pdbx_TLS_residual_ADP_flag               ? 
_refine.pdbx_overall_phase_error                 ? 
_refine.pdbx_overall_SU_R_free_Cruickshank_DPI   ? 
_refine.pdbx_overall_SU_R_Blow_DPI               ? 
_refine.pdbx_overall_SU_R_free_Blow_DPI          ? 
# 
_refine_hist.pdbx_refine_id                   'X-RAY DIFFRACTION' 
_refine_hist.cycle_id                         LAST 
_refine_hist.pdbx_number_atoms_protein        827 
_refine_hist.pdbx_number_atoms_nucleic_acid   0 
_refine_hist.pdbx_number_atoms_ligand         6 
_refine_hist.number_atoms_solvent             178 
_refine_hist.number_atoms_total               1011 
_refine_hist.d_res_high                       1.05 
_refine_hist.d_res_low                        35.81 
# 
loop_
_refine_ls_restr.type 
_refine_ls_restr.dev_ideal 
_refine_ls_restr.dev_ideal_target 
_refine_ls_restr.weight 
_refine_ls_restr.number 
_refine_ls_restr.pdbx_refine_id 
_refine_ls_restr.pdbx_restraint_function 
r_bond_refined_d         0.007  0.021  ? 842  'X-RAY DIFFRACTION' ? 
r_bond_other_d           0.001  0.020  ? 703  'X-RAY DIFFRACTION' ? 
r_angle_refined_deg      1.478  1.958  ? 1139 'X-RAY DIFFRACTION' ? 
r_angle_other_deg        0.686  3.000  ? 1661 'X-RAY DIFFRACTION' ? 
r_dihedral_angle_1_deg   5.709  3.000  ? 104  'X-RAY DIFFRACTION' ? 
r_dihedral_angle_3_deg   19.459 15.000 ? 153  'X-RAY DIFFRACTION' ? 
r_chiral_restr           0.085  0.200  ? 127  'X-RAY DIFFRACTION' ? 
r_gen_planes_refined     0.004  0.020  ? 923  'X-RAY DIFFRACTION' ? 
r_gen_planes_other       0.001  0.020  ? 154  'X-RAY DIFFRACTION' ? 
r_nbd_refined            0.224  0.300  ? 177  'X-RAY DIFFRACTION' ? 
r_nbd_other              0.208  0.300  ? 749  'X-RAY DIFFRACTION' ? 
r_xyhbond_nbd_refined    0.227  0.500  ? 147  'X-RAY DIFFRACTION' ? 
r_symmetry_vdw_refined   0.339  0.300  ? 8    'X-RAY DIFFRACTION' ? 
r_symmetry_vdw_other     0.143  0.300  ? 24   'X-RAY DIFFRACTION' ? 
r_symmetry_hbond_refined 0.286  0.500  ? 21   'X-RAY DIFFRACTION' ? 
r_mcbond_it              1.029  1.500  ? 529  'X-RAY DIFFRACTION' ? 
r_mcangle_it             1.668  2.000  ? 862  'X-RAY DIFFRACTION' ? 
r_scbond_it              2.225  3.000  ? 313  'X-RAY DIFFRACTION' ? 
r_scangle_it             3.297  4.500  ? 277  'X-RAY DIFFRACTION' ? 
# 
_refine_ls_shell.pdbx_total_number_of_bins_used   20 
_refine_ls_shell.d_res_high                       1.05 
_refine_ls_shell.d_res_low                        1.077 
_refine_ls_shell.number_reflns_R_work             1512 
_refine_ls_shell.R_factor_R_work                  0.292 
_refine_ls_shell.percent_reflns_obs               ? 
_refine_ls_shell.R_factor_R_free                  0.29 
_refine_ls_shell.R_factor_R_free_error            ? 
_refine_ls_shell.percent_reflns_R_free            ? 
_refine_ls_shell.number_reflns_R_free             79 
_refine_ls_shell.number_reflns_obs                ? 
_refine_ls_shell.redundancy_reflns_obs            ? 
_refine_ls_shell.number_reflns_all                ? 
_refine_ls_shell.pdbx_refine_id                   'X-RAY DIFFRACTION' 
_refine_ls_shell.R_factor_all                     ? 
# 
_struct.entry_id                  1M9Z 
_struct.title                     'CRYSTAL STRUCTURE OF HUMAN TGF-BETA TYPE II RECEPTOR LIGAND BINDING DOMAIN' 
_struct.pdbx_model_details        ? 
_struct.pdbx_CASP_flag            ? 
_struct.pdbx_model_type_details   ? 
# 
_struct_keywords.entry_id        1M9Z 
_struct_keywords.pdbx_keywords   'HORMONE/GROWTH FACTOR' 
_struct_keywords.text            'three finger toxin fold, HORMONE-GROWTH FACTOR COMPLEX' 
# 
loop_
_struct_asym.id 
_struct_asym.pdbx_blank_PDB_chainid_flag 
_struct_asym.pdbx_modified 
_struct_asym.entity_id 
_struct_asym.details 
A N N 1 ? 
B N N 2 ? 
C N N 3 ? 
# 
_struct_ref.id                         1 
_struct_ref.db_name                    UNP 
_struct_ref.db_code                    TGFR2_HUMAN 
_struct_ref.entity_id                  1 
_struct_ref.pdbx_seq_one_letter_code   
;QLCKFCDVRFSTCDNQKSCMSNCSITSICEKPQEVCVAVWRKNDENITLETVCHDPKLPYHDFILEDAASPKCIMKEKKK
PGETFFMCSCSSDECNDNIIFSEEYNTSNPDLLLVIFQVTGISLLPPLGVAISVIIIFYCYRVNRQQKLSSTWETGKTRK
LMEFSEHCAIILEDDRSDISSTCANNINHNTELLPIELDTLVGKGRFAEVYKAKLKQNTSEQFETVAVKIFPYEEYASWK
TEKDIFSDINLKHENILQFLTAEERKTELGKQYWLITAFHAKGNLQEYLTRHVISWEDLRKLGSSLARGIAHLHSDHTPC
GRPKMPIVHRDLKSSNILVKNDLTCCLCDFGLSLRLDPTLSVDDLANSGQVGTARYMAPEVLESRMNLENAESFKQTDVY
SMALVLWEMTSRCNAVGEVKDYEPPFGSKVREHPCVESMKDNVLRDRGRPEIPSFWLNHQGIQMVCETLTECWDHDPEAR
LTAQCVAERFSELEHLDRLSGRSCSEEKIPEDGSLNTTK
;
_struct_ref.pdbx_align_begin           49 
_struct_ref.pdbx_db_accession          P37173 
_struct_ref.pdbx_db_isoform            ? 
# 
_struct_ref_seq.align_id                      1 
_struct_ref_seq.ref_id                        1 
_struct_ref_seq.pdbx_PDB_id_code              1M9Z 
_struct_ref_seq.pdbx_strand_id                A 
_struct_ref_seq.seq_align_beg                 1 
_struct_ref_seq.pdbx_seq_align_beg_ins_code   ? 
_struct_ref_seq.seq_align_end                 111 
_struct_ref_seq.pdbx_seq_align_end_ins_code   ? 
_struct_ref_seq.pdbx_db_accession             P37173 
_struct_ref_seq.db_align_beg                  49 
_struct_ref_seq.pdbx_db_align_beg_ins_code    ? 
_struct_ref_seq.db_align_end                  159 
_struct_ref_seq.pdbx_db_align_end_ins_code    ? 
_struct_ref_seq.pdbx_auth_seq_align_beg       26 
_struct_ref_seq.pdbx_auth_seq_align_end       136 
# 
loop_
_struct_ref_seq_dif.align_id 
_struct_ref_seq_dif.pdbx_pdb_id_code 
_struct_ref_seq_dif.mon_id 
_struct_ref_seq_dif.pdbx_pdb_strand_id 
_struct_ref_seq_dif.seq_num 
_struct_ref_seq_dif.pdbx_pdb_ins_code 
_struct_ref_seq_dif.pdbx_seq_db_name 
_struct_ref_seq_dif.pdbx_seq_db_accession_code 
_struct_ref_seq_dif.db_mon_id 
_struct_ref_seq_dif.pdbx_seq_db_seq_num 
_struct_ref_seq_dif.details 
_struct_ref_seq_dif.pdbx_auth_seq_num 
_struct_ref_seq_dif.pdbx_ordinal 
1 1M9Z ALA A 1  ? UNP P37173 GLN 49  'engineered mutation' 26 1 
1 1M9Z THR A 72 ? UNP P37173 LYS 120 'engineered mutation' 97 2 
# 
_pdbx_struct_assembly.id                   1 
_pdbx_struct_assembly.details              author_defined_assembly 
_pdbx_struct_assembly.method_details       ? 
_pdbx_struct_assembly.oligomeric_details   monomeric 
_pdbx_struct_assembly.oligomeric_count     1 
# 
_pdbx_struct_assembly_gen.assembly_id       1 
_pdbx_struct_assembly_gen.oper_expression   1 
_pdbx_struct_assembly_gen.asym_id_list      A,B,C 
# 
_pdbx_struct_oper_list.id                   1 
_pdbx_struct_oper_list.type                 'identity operation' 
_pdbx_struct_oper_list.name                 1_555 
_pdbx_struct_oper_list.symmetry_operation   x,y,z 
_pdbx_struct_oper_list.matrix[1][1]         1.0000000000 
_pdbx_struct_oper_list.matrix[1][2]         0.0000000000 
_pdbx_struct_oper_list.matrix[1][3]         0.0000000000 
_pdbx_struct_oper_list.vector[1]            0.0000000000 
_pdbx_struct_oper_list.matrix[2][1]         0.0000000000 
_pdbx_struct_oper_list.matrix[2][2]         1.0000000000 
_pdbx_struct_oper_list.matrix[2][3]         0.0000000000 
_pdbx_struct_oper_list.vector[2]            0.0000000000 
_pdbx_struct_oper_list.matrix[3][1]         0.0000000000 
_pdbx_struct_oper_list.matrix[3][2]         0.0000000000 
_pdbx_struct_oper_list.matrix[3][3]         1.0000000000 
_pdbx_struct_oper_list.vector[3]            0.0000000000 
# 
_struct_biol.id                    1 
_struct_biol.pdbx_parent_biol_id   ? 
_struct_biol.details               ? 
# 
_struct_conf.conf_type_id            HELX_P 
_struct_conf.id                      HELX_P1 
_struct_conf.pdbx_PDB_helix_id       1 
_struct_conf.beg_label_comp_id       GLU 
_struct_conf.beg_label_asym_id       A 
_struct_conf.beg_label_seq_id        94 
_struct_conf.pdbx_beg_PDB_ins_code   ? 
_struct_conf.end_label_comp_id       ASN 
_struct_conf.end_label_asym_id       A 
_struct_conf.end_label_seq_id        96 
_struct_conf.pdbx_end_PDB_ins_code   ? 
_struct_conf.beg_auth_comp_id        GLU 
_struct_conf.beg_auth_asym_id        A 
_struct_conf.beg_auth_seq_id         119 
_struct_conf.end_auth_comp_id        ASN 
_struct_conf.end_auth_asym_id        A 
_struct_conf.end_auth_seq_id         121 
_struct_conf.pdbx_PDB_helix_class    5 
_struct_conf.details                 ? 
_struct_conf.pdbx_PDB_helix_length   3 
# 
_struct_conf_type.id          HELX_P 
_struct_conf_type.criteria    ? 
_struct_conf_type.reference   ? 
# 
loop_
_struct_conn.id 
_struct_conn.conn_type_id 
_struct_conn.pdbx_leaving_atom_flag 
_struct_conn.pdbx_PDB_id 
_struct_conn.ptnr1_label_asym_id 
_struct_conn.ptnr1_label_comp_id 
_struct_conn.ptnr1_label_seq_id 
_struct_conn.ptnr1_label_atom_id 
_struct_conn.pdbx_ptnr1_label_alt_id 
_struct_conn.pdbx_ptnr1_PDB_ins_code 
_struct_conn.pdbx_ptnr1_standard_comp_id 
_struct_conn.ptnr1_symmetry 
_struct_conn.ptnr2_label_asym_id 
_struct_conn.ptnr2_label_comp_id 
_struct_conn.ptnr2_label_seq_id 
_struct_conn.ptnr2_label_atom_id 
_struct_conn.pdbx_ptnr2_label_alt_id 
_struct_conn.pdbx_ptnr2_PDB_ins_code 
_struct_conn.ptnr1_auth_asym_id 
_struct_conn.ptnr1_auth_comp_id 
_struct_conn.ptnr1_auth_seq_id 
_struct_conn.ptnr2_auth_asym_id 
_struct_conn.ptnr2_auth_comp_id 
_struct_conn.ptnr2_auth_seq_id 
_struct_conn.ptnr2_symmetry 
_struct_conn.pdbx_ptnr3_label_atom_id 
_struct_conn.pdbx_ptnr3_label_seq_id 
_struct_conn.pdbx_ptnr3_label_comp_id 
_struct_conn.pdbx_ptnr3_label_asym_id 
_struct_conn.pdbx_ptnr3_label_alt_id 
_struct_conn.pdbx_ptnr3_PDB_ins_code 
_struct_conn.details 
_struct_conn.pdbx_dist_value 
_struct_conn.pdbx_value_order 
_struct_conn.pdbx_role 
disulf1 disulf ? ? A CYS 3  SG ? ? ? 1_555 A CYS 36 SG ? ? A CYS 28  A CYS 61  1_555 ? ? ? ? ? ? ? 2.038 ? ? 
disulf2 disulf ? ? A CYS 6  SG ? ? ? 1_555 A CYS 23 SG ? ? A CYS 31  A CYS 48  1_555 ? ? ? ? ? ? ? 2.038 ? ? 
disulf3 disulf ? ? A CYS 13 SG ? ? ? 1_555 A CYS 19 SG ? ? A CYS 38  A CYS 44  1_555 ? ? ? ? ? ? ? 2.023 ? ? 
disulf4 disulf ? ? A CYS 29 SG ? ? ? 1_555 A CYS 53 SG ? ? A CYS 54  A CYS 78  1_555 ? ? ? ? ? ? ? 2.039 ? ? 
disulf5 disulf ? ? A CYS 73 SG ? ? ? 1_555 A CYS 88 SG ? ? A CYS 98  A CYS 113 1_555 ? ? ? ? ? ? ? 2.054 ? ? 
disulf6 disulf ? ? A CYS 90 SG ? ? ? 1_555 A CYS 95 SG ? ? A CYS 115 A CYS 120 1_555 ? ? ? ? ? ? ? 2.048 ? ? 
# 
_struct_conn_type.id          disulf 
_struct_conn_type.criteria    ? 
_struct_conn_type.reference   ? 
# 
loop_
_pdbx_modification_feature.ordinal 
_pdbx_modification_feature.label_comp_id 
_pdbx_modification_feature.label_asym_id 
_pdbx_modification_feature.label_seq_id 
_pdbx_modification_feature.label_alt_id 
_pdbx_modification_feature.modified_residue_label_comp_id 
_pdbx_modification_feature.modified_residue_label_asym_id 
_pdbx_modification_feature.modified_residue_label_seq_id 
_pdbx_modification_feature.modified_residue_label_alt_id 
_pdbx_modification_feature.auth_comp_id 
_pdbx_modification_feature.auth_asym_id 
_pdbx_modification_feature.auth_seq_id 
_pdbx_modification_feature.PDB_ins_code 
_pdbx_modification_feature.symmetry 
_pdbx_modification_feature.modified_residue_auth_comp_id 
_pdbx_modification_feature.modified_residue_auth_asym_id 
_pdbx_modification_feature.modified_residue_auth_seq_id 
_pdbx_modification_feature.modified_residue_PDB_ins_code 
_pdbx_modification_feature.modified_residue_symmetry 
_pdbx_modification_feature.comp_id_linking_atom 
_pdbx_modification_feature.modified_residue_id_linking_atom 
_pdbx_modification_feature.modified_residue_id 
_pdbx_modification_feature.ref_pcm_id 
_pdbx_modification_feature.ref_comp_id 
_pdbx_modification_feature.type 
_pdbx_modification_feature.category 
1 CYS A 3  ? CYS A 36 ? CYS A 28  ? 1_555 CYS A 61  ? 1_555 SG SG . . . None 'Disulfide bridge' 
2 CYS A 6  ? CYS A 23 ? CYS A 31  ? 1_555 CYS A 48  ? 1_555 SG SG . . . None 'Disulfide bridge' 
3 CYS A 13 ? CYS A 19 ? CYS A 38  ? 1_555 CYS A 44  ? 1_555 SG SG . . . None 'Disulfide bridge' 
4 CYS A 29 ? CYS A 53 ? CYS A 54  ? 1_555 CYS A 78  ? 1_555 SG SG . . . None 'Disulfide bridge' 
5 CYS A 73 ? CYS A 88 ? CYS A 98  ? 1_555 CYS A 113 ? 1_555 SG SG . . . None 'Disulfide bridge' 
6 CYS A 90 ? CYS A 95 ? CYS A 115 ? 1_555 CYS A 120 ? 1_555 SG SG . . . None 'Disulfide bridge' 
# 
loop_
_struct_sheet.id 
_struct_sheet.type 
_struct_sheet.number_strands 
_struct_sheet.details 
A ? 2 ? 
B ? 5 ? 
C ? 3 ? 
# 
loop_
_struct_sheet_order.sheet_id 
_struct_sheet_order.range_id_1 
_struct_sheet_order.range_id_2 
_struct_sheet_order.offset 
_struct_sheet_order.sense 
A 1 2 ? anti-parallel 
B 1 2 ? anti-parallel 
B 2 3 ? anti-parallel 
B 3 4 ? anti-parallel 
B 4 5 ? anti-parallel 
C 1 2 ? anti-parallel 
C 2 3 ? parallel      
# 
loop_
_struct_sheet_range.sheet_id 
_struct_sheet_range.id 
_struct_sheet_range.beg_label_comp_id 
_struct_sheet_range.beg_label_asym_id 
_struct_sheet_range.beg_label_seq_id 
_struct_sheet_range.pdbx_beg_PDB_ins_code 
_struct_sheet_range.end_label_comp_id 
_struct_sheet_range.end_label_asym_id 
_struct_sheet_range.end_label_seq_id 
_struct_sheet_range.pdbx_end_PDB_ins_code 
_struct_sheet_range.beg_auth_comp_id 
_struct_sheet_range.beg_auth_asym_id 
_struct_sheet_range.beg_auth_seq_id 
_struct_sheet_range.end_auth_comp_id 
_struct_sheet_range.end_auth_asym_id 
_struct_sheet_range.end_auth_seq_id 
A 1 LEU A 2  ? LYS A 4   ? LEU A 27  LYS A 29  
A 2 THR A 26 ? ILE A 28  ? THR A 51  ILE A 53  
B 1 ASP A 7  ? PHE A 10  ? ASP A 32  PHE A 35  
B 2 ILE A 47 ? HIS A 54  ? ILE A 72  HIS A 79  
B 3 VAL A 35 ? LYS A 42  ? VAL A 60  LYS A 67  
B 4 THR A 84 ? CYS A 90  ? THR A 109 CYS A 115 
B 5 LYS A 76 ? LYS A 78  ? LYS A 101 LYS A 103 
C 1 SER A 18 ? MET A 20  ? SER A 43  MET A 45  
C 2 ASN A 98 ? ILE A 100 ? ASN A 123 ILE A 125 
C 3 CYS A 73 ? ILE A 74  ? CYS A 98  ILE A 99  
# 
loop_
_pdbx_struct_sheet_hbond.sheet_id 
_pdbx_struct_sheet_hbond.range_id_1 
_pdbx_struct_sheet_hbond.range_id_2 
_pdbx_struct_sheet_hbond.range_1_label_atom_id 
_pdbx_struct_sheet_hbond.range_1_label_comp_id 
_pdbx_struct_sheet_hbond.range_1_label_asym_id 
_pdbx_struct_sheet_hbond.range_1_label_seq_id 
_pdbx_struct_sheet_hbond.range_1_PDB_ins_code 
_pdbx_struct_sheet_hbond.range_1_auth_atom_id 
_pdbx_struct_sheet_hbond.range_1_auth_comp_id 
_pdbx_struct_sheet_hbond.range_1_auth_asym_id 
_pdbx_struct_sheet_hbond.range_1_auth_seq_id 
_pdbx_struct_sheet_hbond.range_2_label_atom_id 
_pdbx_struct_sheet_hbond.range_2_label_comp_id 
_pdbx_struct_sheet_hbond.range_2_label_asym_id 
_pdbx_struct_sheet_hbond.range_2_label_seq_id 
_pdbx_struct_sheet_hbond.range_2_PDB_ins_code 
_pdbx_struct_sheet_hbond.range_2_auth_atom_id 
_pdbx_struct_sheet_hbond.range_2_auth_comp_id 
_pdbx_struct_sheet_hbond.range_2_auth_asym_id 
_pdbx_struct_sheet_hbond.range_2_auth_seq_id 
A 1 2 N CYS A 3   ? N CYS A 28  O SER A 27 ? O SER A 52  
B 1 2 N ARG A 9   ? N ARG A 34  O LEU A 49 ? O LEU A 74  
B 2 3 O HIS A 54  ? O HIS A 79  N VAL A 35 ? N VAL A 60  
B 3 4 N LYS A 42  ? N LYS A 67  O THR A 84 ? O THR A 109 
B 4 5 O PHE A 85  ? O PHE A 110 N LYS A 78 ? N LYS A 103 
C 1 2 N CYS A 19  ? N CYS A 44  O ILE A 99 ? O ILE A 124 
C 2 3 O ILE A 100 ? O ILE A 125 N CYS A 73 ? N CYS A 98  
# 
_struct_site.id                   AC1 
_struct_site.pdbx_evidence_code   Software 
_struct_site.pdbx_auth_asym_id    A 
_struct_site.pdbx_auth_comp_id    GOL 
_struct_site.pdbx_auth_seq_id     910 
_struct_site.pdbx_auth_ins_code   ? 
_struct_site.pdbx_num_residues    7 
_struct_site.details              'BINDING SITE FOR RESIDUE GOL A 910' 
# 
loop_
_struct_site_gen.id 
_struct_site_gen.site_id 
_struct_site_gen.pdbx_num_res 
_struct_site_gen.label_comp_id 
_struct_site_gen.label_asym_id 
_struct_site_gen.label_seq_id 
_struct_site_gen.pdbx_auth_ins_code 
_struct_site_gen.auth_comp_id 
_struct_site_gen.auth_asym_id 
_struct_site_gen.auth_seq_id 
_struct_site_gen.label_atom_id 
_struct_site_gen.label_alt_id 
_struct_site_gen.symmetry 
_struct_site_gen.details 
1 AC1 7 ASP A 14  ? ASP A 39   . ? 1_555 ? 
2 AC1 7 ASN A 15  ? ASN A 40   . ? 1_555 ? 
3 AC1 7 GLN A 16  ? GLN A 41   . ? 1_555 ? 
4 AC1 7 TRP A 40  ? TRP A 65   . ? 1_555 ? 
5 AC1 7 PHE A 86  ? PHE A 111  . ? 1_555 ? 
6 AC1 7 PHE A 101 ? PHE A 126  . ? 1_555 ? 
7 AC1 7 HOH C .   ? HOH A 1004 . ? 1_555 ? 
# 
_pdbx_entry_details.entry_id                   1M9Z 
_pdbx_entry_details.compound_details           ? 
_pdbx_entry_details.source_details             ? 
_pdbx_entry_details.nonpolymer_details         ? 
_pdbx_entry_details.sequence_details           ? 
_pdbx_entry_details.has_ligand_of_interest     ? 
_pdbx_entry_details.has_protein_modification   Y 
# 
loop_
_pdbx_validate_close_contact.id 
_pdbx_validate_close_contact.PDB_model_num 
_pdbx_validate_close_contact.auth_atom_id_1 
_pdbx_validate_close_contact.auth_asym_id_1 
_pdbx_validate_close_contact.auth_comp_id_1 
_pdbx_validate_close_contact.auth_seq_id_1 
_pdbx_validate_close_contact.PDB_ins_code_1 
_pdbx_validate_close_contact.label_alt_id_1 
_pdbx_validate_close_contact.auth_atom_id_2 
_pdbx_validate_close_contact.auth_asym_id_2 
_pdbx_validate_close_contact.auth_comp_id_2 
_pdbx_validate_close_contact.auth_seq_id_2 
_pdbx_validate_close_contact.PDB_ins_code_2 
_pdbx_validate_close_contact.label_alt_id_2 
_pdbx_validate_close_contact.dist 
1 1 O   A HOH 964  ? ? O A HOH 1069 ? ? 1.70 
2 1 O   A HOH 963  ? ? O A HOH 1068 ? ? 1.85 
3 1 O   A HOH 953  ? ? O A HOH 1079 ? ? 1.91 
4 1 O   A HOH 990  ? ? O A HOH 1083 ? ? 2.03 
5 1 SD  A MET 45   ? ? O A HOH 1069 ? ? 2.03 
6 1 OD1 A ASN 71   ? ? O A HOH 1078 ? ? 2.06 
7 1 O   A HOH 1035 ? ? O A HOH 1082 ? ? 2.17 
8 1 O   A GLU 108  ? ? O A HOH 1010 ? ? 2.18 
# 
loop_
_pdbx_validate_symm_contact.id 
_pdbx_validate_symm_contact.PDB_model_num 
_pdbx_validate_symm_contact.auth_atom_id_1 
_pdbx_validate_symm_contact.auth_asym_id_1 
_pdbx_validate_symm_contact.auth_comp_id_1 
_pdbx_validate_symm_contact.auth_seq_id_1 
_pdbx_validate_symm_contact.PDB_ins_code_1 
_pdbx_validate_symm_contact.label_alt_id_1 
_pdbx_validate_symm_contact.site_symmetry_1 
_pdbx_validate_symm_contact.auth_atom_id_2 
_pdbx_validate_symm_contact.auth_asym_id_2 
_pdbx_validate_symm_contact.auth_comp_id_2 
_pdbx_validate_symm_contact.auth_seq_id_2 
_pdbx_validate_symm_contact.PDB_ins_code_2 
_pdbx_validate_symm_contact.label_alt_id_2 
_pdbx_validate_symm_contact.site_symmetry_2 
_pdbx_validate_symm_contact.dist 
1 1 O A HOH 1016 ? ? 1_555 O A HOH 1079 ? ? 4_565 2.13 
2 1 O A HOH 941  ? ? 1_555 O A HOH 1083 ? ? 3_645 2.15 
# 
_pdbx_validate_rmsd_bond.id                        1 
_pdbx_validate_rmsd_bond.PDB_model_num             1 
_pdbx_validate_rmsd_bond.auth_atom_id_1            CG 
_pdbx_validate_rmsd_bond.auth_asym_id_1            A 
_pdbx_validate_rmsd_bond.auth_comp_id_1            GLU 
_pdbx_validate_rmsd_bond.auth_seq_id_1             55 
_pdbx_validate_rmsd_bond.PDB_ins_code_1            ? 
_pdbx_validate_rmsd_bond.label_alt_id_1            ? 
_pdbx_validate_rmsd_bond.auth_atom_id_2            CD 
_pdbx_validate_rmsd_bond.auth_asym_id_2            A 
_pdbx_validate_rmsd_bond.auth_comp_id_2            GLU 
_pdbx_validate_rmsd_bond.auth_seq_id_2             55 
_pdbx_validate_rmsd_bond.PDB_ins_code_2            ? 
_pdbx_validate_rmsd_bond.label_alt_id_2            ? 
_pdbx_validate_rmsd_bond.bond_value                1.995 
_pdbx_validate_rmsd_bond.bond_target_value         1.515 
_pdbx_validate_rmsd_bond.bond_deviation            0.480 
_pdbx_validate_rmsd_bond.bond_standard_deviation   0.015 
_pdbx_validate_rmsd_bond.linker_flag               N 
# 
loop_
_pdbx_validate_rmsd_angle.id 
_pdbx_validate_rmsd_angle.PDB_model_num 
_pdbx_validate_rmsd_angle.auth_atom_id_1 
_pdbx_validate_rmsd_angle.auth_asym_id_1 
_pdbx_validate_rmsd_angle.auth_comp_id_1 
_pdbx_validate_rmsd_angle.auth_seq_id_1 
_pdbx_validate_rmsd_angle.PDB_ins_code_1 
_pdbx_validate_rmsd_angle.label_alt_id_1 
_pdbx_validate_rmsd_angle.auth_atom_id_2 
_pdbx_validate_rmsd_angle.auth_asym_id_2 
_pdbx_validate_rmsd_angle.auth_comp_id_2 
_pdbx_validate_rmsd_angle.auth_seq_id_2 
_pdbx_validate_rmsd_angle.PDB_ins_code_2 
_pdbx_validate_rmsd_angle.label_alt_id_2 
_pdbx_validate_rmsd_angle.auth_atom_id_3 
_pdbx_validate_rmsd_angle.auth_asym_id_3 
_pdbx_validate_rmsd_angle.auth_comp_id_3 
_pdbx_validate_rmsd_angle.auth_seq_id_3 
_pdbx_validate_rmsd_angle.PDB_ins_code_3 
_pdbx_validate_rmsd_angle.label_alt_id_3 
_pdbx_validate_rmsd_angle.angle_value 
_pdbx_validate_rmsd_angle.angle_target_value 
_pdbx_validate_rmsd_angle.angle_deviation 
_pdbx_validate_rmsd_angle.angle_standard_deviation 
_pdbx_validate_rmsd_angle.linker_flag 
1 1 CG A GLU 55 ? ? CD A GLU 55 ? ? OE1 A GLU 55 ? ? 97.04  118.30 -21.26 2.00 N 
2 1 CG A GLU 55 ? ? CD A GLU 55 ? ? OE2 A GLU 55 ? ? 104.29 118.30 -14.01 2.00 N 
# 
loop_
_pdbx_validate_torsion.id 
_pdbx_validate_torsion.PDB_model_num 
_pdbx_validate_torsion.auth_comp_id 
_pdbx_validate_torsion.auth_asym_id 
_pdbx_validate_torsion.auth_seq_id 
_pdbx_validate_torsion.PDB_ins_code 
_pdbx_validate_torsion.label_alt_id 
_pdbx_validate_torsion.phi 
_pdbx_validate_torsion.psi 
1 1 ASP A 32  ? ? 58.16  -144.72 
2 1 PHE A 126 ? ? -97.57 58.66   
3 1 SER A 127 ? ? 175.42 157.09  
# 
_pdbx_validate_planes.id              1 
_pdbx_validate_planes.PDB_model_num   1 
_pdbx_validate_planes.auth_comp_id    GLU 
_pdbx_validate_planes.auth_asym_id    A 
_pdbx_validate_planes.auth_seq_id     55 
_pdbx_validate_planes.PDB_ins_code    ? 
_pdbx_validate_planes.label_alt_id    ? 
_pdbx_validate_planes.rmsd            0.203 
_pdbx_validate_planes.type            'SIDE CHAIN' 
# 
loop_
_pdbx_unobs_or_zero_occ_residues.id 
_pdbx_unobs_or_zero_occ_residues.PDB_model_num 
_pdbx_unobs_or_zero_occ_residues.polymer_flag 
_pdbx_unobs_or_zero_occ_residues.occupancy_flag 
_pdbx_unobs_or_zero_occ_residues.auth_asym_id 
_pdbx_unobs_or_zero_occ_residues.auth_comp_id 
_pdbx_unobs_or_zero_occ_residues.auth_seq_id 
_pdbx_unobs_or_zero_occ_residues.PDB_ins_code 
_pdbx_unobs_or_zero_occ_residues.label_asym_id 
_pdbx_unobs_or_zero_occ_residues.label_comp_id 
_pdbx_unobs_or_zero_occ_residues.label_seq_id 
1 1 Y 1 A ASN 131 ? A ASN 106 
2 1 Y 1 A THR 132 ? A THR 107 
3 1 Y 1 A SER 133 ? A SER 108 
4 1 Y 1 A ASN 134 ? A ASN 109 
5 1 Y 1 A PRO 135 ? A PRO 110 
6 1 Y 1 A ASP 136 ? A ASP 111 
# 
loop_
_chem_comp_atom.comp_id 
_chem_comp_atom.atom_id 
_chem_comp_atom.type_symbol 
_chem_comp_atom.pdbx_aromatic_flag 
_chem_comp_atom.pdbx_stereo_config 
_chem_comp_atom.pdbx_ordinal 
ALA N    N N N 1   
ALA CA   C N S 2   
ALA C    C N N 3   
ALA O    O N N 4   
ALA CB   C N N 5   
ALA OXT  O N N 6   
ALA H    H N N 7   
ALA H2   H N N 8   
ALA HA   H N N 9   
ALA HB1  H N N 10  
ALA HB2  H N N 11  
ALA HB3  H N N 12  
ALA HXT  H N N 13  
ARG N    N N N 14  
ARG CA   C N S 15  
ARG C    C N N 16  
ARG O    O N N 17  
ARG CB   C N N 18  
ARG CG   C N N 19  
ARG CD   C N N 20  
ARG NE   N N N 21  
ARG CZ   C N N 22  
ARG NH1  N N N 23  
ARG NH2  N N N 24  
ARG OXT  O N N 25  
ARG H    H N N 26  
ARG H2   H N N 27  
ARG HA   H N N 28  
ARG HB2  H N N 29  
ARG HB3  H N N 30  
ARG HG2  H N N 31  
ARG HG3  H N N 32  
ARG HD2  H N N 33  
ARG HD3  H N N 34  
ARG HE   H N N 35  
ARG HH11 H N N 36  
ARG HH12 H N N 37  
ARG HH21 H N N 38  
ARG HH22 H N N 39  
ARG HXT  H N N 40  
ASN N    N N N 41  
ASN CA   C N S 42  
ASN C    C N N 43  
ASN O    O N N 44  
ASN CB   C N N 45  
ASN CG   C N N 46  
ASN OD1  O N N 47  
ASN ND2  N N N 48  
ASN OXT  O N N 49  
ASN H    H N N 50  
ASN H2   H N N 51  
ASN HA   H N N 52  
ASN HB2  H N N 53  
ASN HB3  H N N 54  
ASN HD21 H N N 55  
ASN HD22 H N N 56  
ASN HXT  H N N 57  
ASP N    N N N 58  
ASP CA   C N S 59  
ASP C    C N N 60  
ASP O    O N N 61  
ASP CB   C N N 62  
ASP CG   C N N 63  
ASP OD1  O N N 64  
ASP OD2  O N N 65  
ASP OXT  O N N 66  
ASP H    H N N 67  
ASP H2   H N N 68  
ASP HA   H N N 69  
ASP HB2  H N N 70  
ASP HB3  H N N 71  
ASP HD2  H N N 72  
ASP HXT  H N N 73  
CYS N    N N N 74  
CYS CA   C N R 75  
CYS C    C N N 76  
CYS O    O N N 77  
CYS CB   C N N 78  
CYS SG   S N N 79  
CYS OXT  O N N 80  
CYS H    H N N 81  
CYS H2   H N N 82  
CYS HA   H N N 83  
CYS HB2  H N N 84  
CYS HB3  H N N 85  
CYS HG   H N N 86  
CYS HXT  H N N 87  
GLN N    N N N 88  
GLN CA   C N S 89  
GLN C    C N N 90  
GLN O    O N N 91  
GLN CB   C N N 92  
GLN CG   C N N 93  
GLN CD   C N N 94  
GLN OE1  O N N 95  
GLN NE2  N N N 96  
GLN OXT  O N N 97  
GLN H    H N N 98  
GLN H2   H N N 99  
GLN HA   H N N 100 
GLN HB2  H N N 101 
GLN HB3  H N N 102 
GLN HG2  H N N 103 
GLN HG3  H N N 104 
GLN HE21 H N N 105 
GLN HE22 H N N 106 
GLN HXT  H N N 107 
GLU N    N N N 108 
GLU CA   C N S 109 
GLU C    C N N 110 
GLU O    O N N 111 
GLU CB   C N N 112 
GLU CG   C N N 113 
GLU CD   C N N 114 
GLU OE1  O N N 115 
GLU OE2  O N N 116 
GLU OXT  O N N 117 
GLU H    H N N 118 
GLU H2   H N N 119 
GLU HA   H N N 120 
GLU HB2  H N N 121 
GLU HB3  H N N 122 
GLU HG2  H N N 123 
GLU HG3  H N N 124 
GLU HE2  H N N 125 
GLU HXT  H N N 126 
GLY N    N N N 127 
GLY CA   C N N 128 
GLY C    C N N 129 
GLY O    O N N 130 
GLY OXT  O N N 131 
GLY H    H N N 132 
GLY H2   H N N 133 
GLY HA2  H N N 134 
GLY HA3  H N N 135 
GLY HXT  H N N 136 
GOL C1   C N N 137 
GOL O1   O N N 138 
GOL C2   C N N 139 
GOL O2   O N N 140 
GOL C3   C N N 141 
GOL O3   O N N 142 
GOL H11  H N N 143 
GOL H12  H N N 144 
GOL HO1  H N N 145 
GOL H2   H N N 146 
GOL HO2  H N N 147 
GOL H31  H N N 148 
GOL H32  H N N 149 
GOL HO3  H N N 150 
HIS N    N N N 151 
HIS CA   C N S 152 
HIS C    C N N 153 
HIS O    O N N 154 
HIS CB   C N N 155 
HIS CG   C Y N 156 
HIS ND1  N Y N 157 
HIS CD2  C Y N 158 
HIS CE1  C Y N 159 
HIS NE2  N Y N 160 
HIS OXT  O N N 161 
HIS H    H N N 162 
HIS H2   H N N 163 
HIS HA   H N N 164 
HIS HB2  H N N 165 
HIS HB3  H N N 166 
HIS HD1  H N N 167 
HIS HD2  H N N 168 
HIS HE1  H N N 169 
HIS HE2  H N N 170 
HIS HXT  H N N 171 
HOH O    O N N 172 
HOH H1   H N N 173 
HOH H2   H N N 174 
ILE N    N N N 175 
ILE CA   C N S 176 
ILE C    C N N 177 
ILE O    O N N 178 
ILE CB   C N S 179 
ILE CG1  C N N 180 
ILE CG2  C N N 181 
ILE CD1  C N N 182 
ILE OXT  O N N 183 
ILE H    H N N 184 
ILE H2   H N N 185 
ILE HA   H N N 186 
ILE HB   H N N 187 
ILE HG12 H N N 188 
ILE HG13 H N N 189 
ILE HG21 H N N 190 
ILE HG22 H N N 191 
ILE HG23 H N N 192 
ILE HD11 H N N 193 
ILE HD12 H N N 194 
ILE HD13 H N N 195 
ILE HXT  H N N 196 
LEU N    N N N 197 
LEU CA   C N S 198 
LEU C    C N N 199 
LEU O    O N N 200 
LEU CB   C N N 201 
LEU CG   C N N 202 
LEU CD1  C N N 203 
LEU CD2  C N N 204 
LEU OXT  O N N 205 
LEU H    H N N 206 
LEU H2   H N N 207 
LEU HA   H N N 208 
LEU HB2  H N N 209 
LEU HB3  H N N 210 
LEU HG   H N N 211 
LEU HD11 H N N 212 
LEU HD12 H N N 213 
LEU HD13 H N N 214 
LEU HD21 H N N 215 
LEU HD22 H N N 216 
LEU HD23 H N N 217 
LEU HXT  H N N 218 
LYS N    N N N 219 
LYS CA   C N S 220 
LYS C    C N N 221 
LYS O    O N N 222 
LYS CB   C N N 223 
LYS CG   C N N 224 
LYS CD   C N N 225 
LYS CE   C N N 226 
LYS NZ   N N N 227 
LYS OXT  O N N 228 
LYS H    H N N 229 
LYS H2   H N N 230 
LYS HA   H N N 231 
LYS HB2  H N N 232 
LYS HB3  H N N 233 
LYS HG2  H N N 234 
LYS HG3  H N N 235 
LYS HD2  H N N 236 
LYS HD3  H N N 237 
LYS HE2  H N N 238 
LYS HE3  H N N 239 
LYS HZ1  H N N 240 
LYS HZ2  H N N 241 
LYS HZ3  H N N 242 
LYS HXT  H N N 243 
MET N    N N N 244 
MET CA   C N S 245 
MET C    C N N 246 
MET O    O N N 247 
MET CB   C N N 248 
MET CG   C N N 249 
MET SD   S N N 250 
MET CE   C N N 251 
MET OXT  O N N 252 
MET H    H N N 253 
MET H2   H N N 254 
MET HA   H N N 255 
MET HB2  H N N 256 
MET HB3  H N N 257 
MET HG2  H N N 258 
MET HG3  H N N 259 
MET HE1  H N N 260 
MET HE2  H N N 261 
MET HE3  H N N 262 
MET HXT  H N N 263 
PHE N    N N N 264 
PHE CA   C N S 265 
PHE C    C N N 266 
PHE O    O N N 267 
PHE CB   C N N 268 
PHE CG   C Y N 269 
PHE CD1  C Y N 270 
PHE CD2  C Y N 271 
PHE CE1  C Y N 272 
PHE CE2  C Y N 273 
PHE CZ   C Y N 274 
PHE OXT  O N N 275 
PHE H    H N N 276 
PHE H2   H N N 277 
PHE HA   H N N 278 
PHE HB2  H N N 279 
PHE HB3  H N N 280 
PHE HD1  H N N 281 
PHE HD2  H N N 282 
PHE HE1  H N N 283 
PHE HE2  H N N 284 
PHE HZ   H N N 285 
PHE HXT  H N N 286 
PRO N    N N N 287 
PRO CA   C N S 288 
PRO C    C N N 289 
PRO O    O N N 290 
PRO CB   C N N 291 
PRO CG   C N N 292 
PRO CD   C N N 293 
PRO OXT  O N N 294 
PRO H    H N N 295 
PRO HA   H N N 296 
PRO HB2  H N N 297 
PRO HB3  H N N 298 
PRO HG2  H N N 299 
PRO HG3  H N N 300 
PRO HD2  H N N 301 
PRO HD3  H N N 302 
PRO HXT  H N N 303 
SER N    N N N 304 
SER CA   C N S 305 
SER C    C N N 306 
SER O    O N N 307 
SER CB   C N N 308 
SER OG   O N N 309 
SER OXT  O N N 310 
SER H    H N N 311 
SER H2   H N N 312 
SER HA   H N N 313 
SER HB2  H N N 314 
SER HB3  H N N 315 
SER HG   H N N 316 
SER HXT  H N N 317 
THR N    N N N 318 
THR CA   C N S 319 
THR C    C N N 320 
THR O    O N N 321 
THR CB   C N R 322 
THR OG1  O N N 323 
THR CG2  C N N 324 
THR OXT  O N N 325 
THR H    H N N 326 
THR H2   H N N 327 
THR HA   H N N 328 
THR HB   H N N 329 
THR HG1  H N N 330 
THR HG21 H N N 331 
THR HG22 H N N 332 
THR HG23 H N N 333 
THR HXT  H N N 334 
TRP N    N N N 335 
TRP CA   C N S 336 
TRP C    C N N 337 
TRP O    O N N 338 
TRP CB   C N N 339 
TRP CG   C Y N 340 
TRP CD1  C Y N 341 
TRP CD2  C Y N 342 
TRP NE1  N Y N 343 
TRP CE2  C Y N 344 
TRP CE3  C Y N 345 
TRP CZ2  C Y N 346 
TRP CZ3  C Y N 347 
TRP CH2  C Y N 348 
TRP OXT  O N N 349 
TRP H    H N N 350 
TRP H2   H N N 351 
TRP HA   H N N 352 
TRP HB2  H N N 353 
TRP HB3  H N N 354 
TRP HD1  H N N 355 
TRP HE1  H N N 356 
TRP HE3  H N N 357 
TRP HZ2  H N N 358 
TRP HZ3  H N N 359 
TRP HH2  H N N 360 
TRP HXT  H N N 361 
TYR N    N N N 362 
TYR CA   C N S 363 
TYR C    C N N 364 
TYR O    O N N 365 
TYR CB   C N N 366 
TYR CG   C Y N 367 
TYR CD1  C Y N 368 
TYR CD2  C Y N 369 
TYR CE1  C Y N 370 
TYR CE2  C Y N 371 
TYR CZ   C Y N 372 
TYR OH   O N N 373 
TYR OXT  O N N 374 
TYR H    H N N 375 
TYR H2   H N N 376 
TYR HA   H N N 377 
TYR HB2  H N N 378 
TYR HB3  H N N 379 
TYR HD1  H N N 380 
TYR HD2  H N N 381 
TYR HE1  H N N 382 
TYR HE2  H N N 383 
TYR HH   H N N 384 
TYR HXT  H N N 385 
VAL N    N N N 386 
VAL CA   C N S 387 
VAL C    C N N 388 
VAL O    O N N 389 
VAL CB   C N N 390 
VAL CG1  C N N 391 
VAL CG2  C N N 392 
VAL OXT  O N N 393 
VAL H    H N N 394 
VAL H2   H N N 395 
VAL HA   H N N 396 
VAL HB   H N N 397 
VAL HG11 H N N 398 
VAL HG12 H N N 399 
VAL HG13 H N N 400 
VAL HG21 H N N 401 
VAL HG22 H N N 402 
VAL HG23 H N N 403 
VAL HXT  H N N 404 
# 
loop_
_chem_comp_bond.comp_id 
_chem_comp_bond.atom_id_1 
_chem_comp_bond.atom_id_2 
_chem_comp_bond.value_order 
_chem_comp_bond.pdbx_aromatic_flag 
_chem_comp_bond.pdbx_stereo_config 
_chem_comp_bond.pdbx_ordinal 
ALA N   CA   sing N N 1   
ALA N   H    sing N N 2   
ALA N   H2   sing N N 3   
ALA CA  C    sing N N 4   
ALA CA  CB   sing N N 5   
ALA CA  HA   sing N N 6   
ALA C   O    doub N N 7   
ALA C   OXT  sing N N 8   
ALA CB  HB1  sing N N 9   
ALA CB  HB2  sing N N 10  
ALA CB  HB3  sing N N 11  
ALA OXT HXT  sing N N 12  
ARG N   CA   sing N N 13  
ARG N   H    sing N N 14  
ARG N   H2   sing N N 15  
ARG CA  C    sing N N 16  
ARG CA  CB   sing N N 17  
ARG CA  HA   sing N N 18  
ARG C   O    doub N N 19  
ARG C   OXT  sing N N 20  
ARG CB  CG   sing N N 21  
ARG CB  HB2  sing N N 22  
ARG CB  HB3  sing N N 23  
ARG CG  CD   sing N N 24  
ARG CG  HG2  sing N N 25  
ARG CG  HG3  sing N N 26  
ARG CD  NE   sing N N 27  
ARG CD  HD2  sing N N 28  
ARG CD  HD3  sing N N 29  
ARG NE  CZ   sing N N 30  
ARG NE  HE   sing N N 31  
ARG CZ  NH1  sing N N 32  
ARG CZ  NH2  doub N N 33  
ARG NH1 HH11 sing N N 34  
ARG NH1 HH12 sing N N 35  
ARG NH2 HH21 sing N N 36  
ARG NH2 HH22 sing N N 37  
ARG OXT HXT  sing N N 38  
ASN N   CA   sing N N 39  
ASN N   H    sing N N 40  
ASN N   H2   sing N N 41  
ASN CA  C    sing N N 42  
ASN CA  CB   sing N N 43  
ASN CA  HA   sing N N 44  
ASN C   O    doub N N 45  
ASN C   OXT  sing N N 46  
ASN CB  CG   sing N N 47  
ASN CB  HB2  sing N N 48  
ASN CB  HB3  sing N N 49  
ASN CG  OD1  doub N N 50  
ASN CG  ND2  sing N N 51  
ASN ND2 HD21 sing N N 52  
ASN ND2 HD22 sing N N 53  
ASN OXT HXT  sing N N 54  
ASP N   CA   sing N N 55  
ASP N   H    sing N N 56  
ASP N   H2   sing N N 57  
ASP CA  C    sing N N 58  
ASP CA  CB   sing N N 59  
ASP CA  HA   sing N N 60  
ASP C   O    doub N N 61  
ASP C   OXT  sing N N 62  
ASP CB  CG   sing N N 63  
ASP CB  HB2  sing N N 64  
ASP CB  HB3  sing N N 65  
ASP CG  OD1  doub N N 66  
ASP CG  OD2  sing N N 67  
ASP OD2 HD2  sing N N 68  
ASP OXT HXT  sing N N 69  
CYS N   CA   sing N N 70  
CYS N   H    sing N N 71  
CYS N   H2   sing N N 72  
CYS CA  C    sing N N 73  
CYS CA  CB   sing N N 74  
CYS CA  HA   sing N N 75  
CYS C   O    doub N N 76  
CYS C   OXT  sing N N 77  
CYS CB  SG   sing N N 78  
CYS CB  HB2  sing N N 79  
CYS CB  HB3  sing N N 80  
CYS SG  HG   sing N N 81  
CYS OXT HXT  sing N N 82  
GLN N   CA   sing N N 83  
GLN N   H    sing N N 84  
GLN N   H2   sing N N 85  
GLN CA  C    sing N N 86  
GLN CA  CB   sing N N 87  
GLN CA  HA   sing N N 88  
GLN C   O    doub N N 89  
GLN C   OXT  sing N N 90  
GLN CB  CG   sing N N 91  
GLN CB  HB2  sing N N 92  
GLN CB  HB3  sing N N 93  
GLN CG  CD   sing N N 94  
GLN CG  HG2  sing N N 95  
GLN CG  HG3  sing N N 96  
GLN CD  OE1  doub N N 97  
GLN CD  NE2  sing N N 98  
GLN NE2 HE21 sing N N 99  
GLN NE2 HE22 sing N N 100 
GLN OXT HXT  sing N N 101 
GLU N   CA   sing N N 102 
GLU N   H    sing N N 103 
GLU N   H2   sing N N 104 
GLU CA  C    sing N N 105 
GLU CA  CB   sing N N 106 
GLU CA  HA   sing N N 107 
GLU C   O    doub N N 108 
GLU C   OXT  sing N N 109 
GLU CB  CG   sing N N 110 
GLU CB  HB2  sing N N 111 
GLU CB  HB3  sing N N 112 
GLU CG  CD   sing N N 113 
GLU CG  HG2  sing N N 114 
GLU CG  HG3  sing N N 115 
GLU CD  OE1  doub N N 116 
GLU CD  OE2  sing N N 117 
GLU OE2 HE2  sing N N 118 
GLU OXT HXT  sing N N 119 
GLY N   CA   sing N N 120 
GLY N   H    sing N N 121 
GLY N   H2   sing N N 122 
GLY CA  C    sing N N 123 
GLY CA  HA2  sing N N 124 
GLY CA  HA3  sing N N 125 
GLY C   O    doub N N 126 
GLY C   OXT  sing N N 127 
GLY OXT HXT  sing N N 128 
GOL C1  O1   sing N N 129 
GOL C1  C2   sing N N 130 
GOL C1  H11  sing N N 131 
GOL C1  H12  sing N N 132 
GOL O1  HO1  sing N N 133 
GOL C2  O2   sing N N 134 
GOL C2  C3   sing N N 135 
GOL C2  H2   sing N N 136 
GOL O2  HO2  sing N N 137 
GOL C3  O3   sing N N 138 
GOL C3  H31  sing N N 139 
GOL C3  H32  sing N N 140 
GOL O3  HO3  sing N N 141 
HIS N   CA   sing N N 142 
HIS N   H    sing N N 143 
HIS N   H2   sing N N 144 
HIS CA  C    sing N N 145 
HIS CA  CB   sing N N 146 
HIS CA  HA   sing N N 147 
HIS C   O    doub N N 148 
HIS C   OXT  sing N N 149 
HIS CB  CG   sing N N 150 
HIS CB  HB2  sing N N 151 
HIS CB  HB3  sing N N 152 
HIS CG  ND1  sing Y N 153 
HIS CG  CD2  doub Y N 154 
HIS ND1 CE1  doub Y N 155 
HIS ND1 HD1  sing N N 156 
HIS CD2 NE2  sing Y N 157 
HIS CD2 HD2  sing N N 158 
HIS CE1 NE2  sing Y N 159 
HIS CE1 HE1  sing N N 160 
HIS NE2 HE2  sing N N 161 
HIS OXT HXT  sing N N 162 
HOH O   H1   sing N N 163 
HOH O   H2   sing N N 164 
ILE N   CA   sing N N 165 
ILE N   H    sing N N 166 
ILE N   H2   sing N N 167 
ILE CA  C    sing N N 168 
ILE CA  CB   sing N N 169 
ILE CA  HA   sing N N 170 
ILE C   O    doub N N 171 
ILE C   OXT  sing N N 172 
ILE CB  CG1  sing N N 173 
ILE CB  CG2  sing N N 174 
ILE CB  HB   sing N N 175 
ILE CG1 CD1  sing N N 176 
ILE CG1 HG12 sing N N 177 
ILE CG1 HG13 sing N N 178 
ILE CG2 HG21 sing N N 179 
ILE CG2 HG22 sing N N 180 
ILE CG2 HG23 sing N N 181 
ILE CD1 HD11 sing N N 182 
ILE CD1 HD12 sing N N 183 
ILE CD1 HD13 sing N N 184 
ILE OXT HXT  sing N N 185 
LEU N   CA   sing N N 186 
LEU N   H    sing N N 187 
LEU N   H2   sing N N 188 
LEU CA  C    sing N N 189 
LEU CA  CB   sing N N 190 
LEU CA  HA   sing N N 191 
LEU C   O    doub N N 192 
LEU C   OXT  sing N N 193 
LEU CB  CG   sing N N 194 
LEU CB  HB2  sing N N 195 
LEU CB  HB3  sing N N 196 
LEU CG  CD1  sing N N 197 
LEU CG  CD2  sing N N 198 
LEU CG  HG   sing N N 199 
LEU CD1 HD11 sing N N 200 
LEU CD1 HD12 sing N N 201 
LEU CD1 HD13 sing N N 202 
LEU CD2 HD21 sing N N 203 
LEU CD2 HD22 sing N N 204 
LEU CD2 HD23 sing N N 205 
LEU OXT HXT  sing N N 206 
LYS N   CA   sing N N 207 
LYS N   H    sing N N 208 
LYS N   H2   sing N N 209 
LYS CA  C    sing N N 210 
LYS CA  CB   sing N N 211 
LYS CA  HA   sing N N 212 
LYS C   O    doub N N 213 
LYS C   OXT  sing N N 214 
LYS CB  CG   sing N N 215 
LYS CB  HB2  sing N N 216 
LYS CB  HB3  sing N N 217 
LYS CG  CD   sing N N 218 
LYS CG  HG2  sing N N 219 
LYS CG  HG3  sing N N 220 
LYS CD  CE   sing N N 221 
LYS CD  HD2  sing N N 222 
LYS CD  HD3  sing N N 223 
LYS CE  NZ   sing N N 224 
LYS CE  HE2  sing N N 225 
LYS CE  HE3  sing N N 226 
LYS NZ  HZ1  sing N N 227 
LYS NZ  HZ2  sing N N 228 
LYS NZ  HZ3  sing N N 229 
LYS OXT HXT  sing N N 230 
MET N   CA   sing N N 231 
MET N   H    sing N N 232 
MET N   H2   sing N N 233 
MET CA  C    sing N N 234 
MET CA  CB   sing N N 235 
MET CA  HA   sing N N 236 
MET C   O    doub N N 237 
MET C   OXT  sing N N 238 
MET CB  CG   sing N N 239 
MET CB  HB2  sing N N 240 
MET CB  HB3  sing N N 241 
MET CG  SD   sing N N 242 
MET CG  HG2  sing N N 243 
MET CG  HG3  sing N N 244 
MET SD  CE   sing N N 245 
MET CE  HE1  sing N N 246 
MET CE  HE2  sing N N 247 
MET CE  HE3  sing N N 248 
MET OXT HXT  sing N N 249 
PHE N   CA   sing N N 250 
PHE N   H    sing N N 251 
PHE N   H2   sing N N 252 
PHE CA  C    sing N N 253 
PHE CA  CB   sing N N 254 
PHE CA  HA   sing N N 255 
PHE C   O    doub N N 256 
PHE C   OXT  sing N N 257 
PHE CB  CG   sing N N 258 
PHE CB  HB2  sing N N 259 
PHE CB  HB3  sing N N 260 
PHE CG  CD1  doub Y N 261 
PHE CG  CD2  sing Y N 262 
PHE CD1 CE1  sing Y N 263 
PHE CD1 HD1  sing N N 264 
PHE CD2 CE2  doub Y N 265 
PHE CD2 HD2  sing N N 266 
PHE CE1 CZ   doub Y N 267 
PHE CE1 HE1  sing N N 268 
PHE CE2 CZ   sing Y N 269 
PHE CE2 HE2  sing N N 270 
PHE CZ  HZ   sing N N 271 
PHE OXT HXT  sing N N 272 
PRO N   CA   sing N N 273 
PRO N   CD   sing N N 274 
PRO N   H    sing N N 275 
PRO CA  C    sing N N 276 
PRO CA  CB   sing N N 277 
PRO CA  HA   sing N N 278 
PRO C   O    doub N N 279 
PRO C   OXT  sing N N 280 
PRO CB  CG   sing N N 281 
PRO CB  HB2  sing N N 282 
PRO CB  HB3  sing N N 283 
PRO CG  CD   sing N N 284 
PRO CG  HG2  sing N N 285 
PRO CG  HG3  sing N N 286 
PRO CD  HD2  sing N N 287 
PRO CD  HD3  sing N N 288 
PRO OXT HXT  sing N N 289 
SER N   CA   sing N N 290 
SER N   H    sing N N 291 
SER N   H2   sing N N 292 
SER CA  C    sing N N 293 
SER CA  CB   sing N N 294 
SER CA  HA   sing N N 295 
SER C   O    doub N N 296 
SER C   OXT  sing N N 297 
SER CB  OG   sing N N 298 
SER CB  HB2  sing N N 299 
SER CB  HB3  sing N N 300 
SER OG  HG   sing N N 301 
SER OXT HXT  sing N N 302 
THR N   CA   sing N N 303 
THR N   H    sing N N 304 
THR N   H2   sing N N 305 
THR CA  C    sing N N 306 
THR CA  CB   sing N N 307 
THR CA  HA   sing N N 308 
THR C   O    doub N N 309 
THR C   OXT  sing N N 310 
THR CB  OG1  sing N N 311 
THR CB  CG2  sing N N 312 
THR CB  HB   sing N N 313 
THR OG1 HG1  sing N N 314 
THR CG2 HG21 sing N N 315 
THR CG2 HG22 sing N N 316 
THR CG2 HG23 sing N N 317 
THR OXT HXT  sing N N 318 
TRP N   CA   sing N N 319 
TRP N   H    sing N N 320 
TRP N   H2   sing N N 321 
TRP CA  C    sing N N 322 
TRP CA  CB   sing N N 323 
TRP CA  HA   sing N N 324 
TRP C   O    doub N N 325 
TRP C   OXT  sing N N 326 
TRP CB  CG   sing N N 327 
TRP CB  HB2  sing N N 328 
TRP CB  HB3  sing N N 329 
TRP CG  CD1  doub Y N 330 
TRP CG  CD2  sing Y N 331 
TRP CD1 NE1  sing Y N 332 
TRP CD1 HD1  sing N N 333 
TRP CD2 CE2  doub Y N 334 
TRP CD2 CE3  sing Y N 335 
TRP NE1 CE2  sing Y N 336 
TRP NE1 HE1  sing N N 337 
TRP CE2 CZ2  sing Y N 338 
TRP CE3 CZ3  doub Y N 339 
TRP CE3 HE3  sing N N 340 
TRP CZ2 CH2  doub Y N 341 
TRP CZ2 HZ2  sing N N 342 
TRP CZ3 CH2  sing Y N 343 
TRP CZ3 HZ3  sing N N 344 
TRP CH2 HH2  sing N N 345 
TRP OXT HXT  sing N N 346 
TYR N   CA   sing N N 347 
TYR N   H    sing N N 348 
TYR N   H2   sing N N 349 
TYR CA  C    sing N N 350 
TYR CA  CB   sing N N 351 
TYR CA  HA   sing N N 352 
TYR C   O    doub N N 353 
TYR C   OXT  sing N N 354 
TYR CB  CG   sing N N 355 
TYR CB  HB2  sing N N 356 
TYR CB  HB3  sing N N 357 
TYR CG  CD1  doub Y N 358 
TYR CG  CD2  sing Y N 359 
TYR CD1 CE1  sing Y N 360 
TYR CD1 HD1  sing N N 361 
TYR CD2 CE2  doub Y N 362 
TYR CD2 HD2  sing N N 363 
TYR CE1 CZ   doub Y N 364 
TYR CE1 HE1  sing N N 365 
TYR CE2 CZ   sing Y N 366 
TYR CE2 HE2  sing N N 367 
TYR CZ  OH   sing N N 368 
TYR OH  HH   sing N N 369 
TYR OXT HXT  sing N N 370 
VAL N   CA   sing N N 371 
VAL N   H    sing N N 372 
VAL N   H2   sing N N 373 
VAL CA  C    sing N N 374 
VAL CA  CB   sing N N 375 
VAL CA  HA   sing N N 376 
VAL C   O    doub N N 377 
VAL C   OXT  sing N N 378 
VAL CB  CG1  sing N N 379 
VAL CB  CG2  sing N N 380 
VAL CB  HB   sing N N 381 
VAL CG1 HG11 sing N N 382 
VAL CG1 HG12 sing N N 383 
VAL CG1 HG13 sing N N 384 
VAL CG2 HG21 sing N N 385 
VAL CG2 HG22 sing N N 386 
VAL CG2 HG23 sing N N 387 
VAL OXT HXT  sing N N 388 
# 
_atom_sites.entry_id                    1M9Z 
_atom_sites.fract_transf_matrix[1][1]   0.01488545 
_atom_sites.fract_transf_matrix[1][2]   -0.02291397 
_atom_sites.fract_transf_matrix[1][3]   -0.00693991 
_atom_sites.fract_transf_matrix[2][1]   0.00972150 
_atom_sites.fract_transf_matrix[2][2]   -0.00052529 
_atom_sites.fract_transf_matrix[2][3]   0.02258607 
_atom_sites.fract_transf_matrix[3][1]   -0.00986994 
_atom_sites.fract_transf_matrix[3][2]   -0.00764455 
_atom_sites.fract_transf_matrix[3][3]   0.00407043 
_atom_sites.fract_transf_vector[1]      0.483317 
_atom_sites.fract_transf_vector[2]      0.881891 
_atom_sites.fract_transf_vector[3]      0.109931 
# 
loop_
_atom_type.symbol 
C 
N 
O 
S 
# 
loop_
_atom_site.group_PDB 
_atom_site.id 
_atom_site.type_symbol 
_atom_site.label_atom_id 
_atom_site.label_alt_id 
_atom_site.label_comp_id 
_atom_site.label_asym_id 
_atom_site.label_entity_id 
_atom_site.label_seq_id 
_atom_site.pdbx_PDB_ins_code 
_atom_site.Cartn_x 
_atom_site.Cartn_y 
_atom_site.Cartn_z 
_atom_site.occupancy 
_atom_site.B_iso_or_equiv 
_atom_site.pdbx_formal_charge 
_atom_site.auth_seq_id 
_atom_site.auth_comp_id 
_atom_site.auth_asym_id 
_atom_site.auth_atom_id 
_atom_site.pdbx_PDB_model_num 
ATOM   1    N N   . ALA A 1 1   ? -12.393 -6.056  -6.928  1.00 12.50 ? 26   ALA A N   1 
ATOM   2    C CA  . ALA A 1 1   ? -11.751 -5.920  -5.602  1.00 13.14 ? 26   ALA A CA  1 
ATOM   3    C C   . ALA A 1 1   ? -12.319 -4.740  -4.836  1.00 12.06 ? 26   ALA A C   1 
ATOM   4    O O   . ALA A 1 1   ? -12.730 -3.747  -5.423  1.00 11.48 ? 26   ALA A O   1 
ATOM   5    C CB  . ALA A 1 1   ? -10.251 -5.737  -5.777  1.00 14.12 ? 26   ALA A CB  1 
ATOM   6    N N   . LEU A 1 2   ? -12.373 -4.884  -3.521  1.00 11.97 ? 27   LEU A N   1 
ATOM   7    C CA  . LEU A 1 2   ? -12.689 -3.809  -2.609  1.00 11.02 ? 27   LEU A CA  1 
ATOM   8    C C   . LEU A 1 2   ? -11.375 -3.410  -1.971  1.00 9.65  ? 27   LEU A C   1 
ATOM   9    O O   . LEU A 1 2   ? -10.694 -4.261  -1.389  1.00 9.88  ? 27   LEU A O   1 
ATOM   10   C CB  . LEU A 1 2   ? -13.657 -4.332  -1.549  1.00 11.77 ? 27   LEU A CB  1 
ATOM   11   C CG  . LEU A 1 2   ? -14.972 -4.799  -2.133  1.00 14.60 ? 27   LEU A CG  1 
ATOM   12   C CD1 . LEU A 1 2   ? -15.745 -5.589  -1.121  1.00 15.09 ? 27   LEU A CD1 1 
ATOM   13   C CD2 . LEU A 1 2   ? -15.725 -3.560  -2.534  1.00 15.84 ? 27   LEU A CD2 1 
ATOM   14   N N   . CYS A 1 3   ? -11.024 -2.135  -2.086  1.00 8.52  ? 28   CYS A N   1 
ATOM   15   C CA  . CYS A 1 3   ? -9.786  -1.643  -1.528  1.00 8.43  ? 28   CYS A CA  1 
ATOM   16   C C   . CYS A 1 3   ? -9.980  -0.336  -0.799  1.00 8.14  ? 28   CYS A C   1 
ATOM   17   O O   . CYS A 1 3   ? -10.870 0.449   -1.132  1.00 9.15  ? 28   CYS A O   1 
ATOM   18   C CB  . CYS A 1 3   ? -8.775  -1.379  -2.648  1.00 8.18  ? 28   CYS A CB  1 
ATOM   19   S SG  . CYS A 1 3   ? -8.385  -2.837  -3.629  1.00 8.66  ? 28   CYS A SG  1 
ATOM   20   N N   . LYS A 1 4   ? -9.124  -0.082  0.179   1.00 8.31  ? 29   LYS A N   1 
ATOM   21   C CA  . LYS A 1 4   ? -9.025  1.270   0.715   1.00 8.60  ? 29   LYS A CA  1 
ATOM   22   C C   . LYS A 1 4   ? -8.514  2.171   -0.411  1.00 8.72  ? 29   LYS A C   1 
ATOM   23   O O   . LYS A 1 4   ? -7.609  1.812   -1.162  1.00 8.53  ? 29   LYS A O   1 
ATOM   24   C CB  . LYS A 1 4   ? -8.087  1.308   1.915   1.00 8.88  ? 29   LYS A CB  1 
ATOM   25   C CG  . LYS A 1 4   ? -8.631  0.539   3.111   1.00 9.65  ? 29   LYS A CG  1 
ATOM   26   C CD  . LYS A 1 4   ? -10.020 1.061   3.494   1.00 11.93 ? 29   LYS A CD  1 
ATOM   27   C CE  . LYS A 1 4   ? -10.555 0.491   4.784   1.00 12.63 ? 29   LYS A CE  1 
ATOM   28   N NZ  . LYS A 1 4   ? -11.833 1.171   5.107   1.00 13.90 ? 29   LYS A NZ  1 
ATOM   29   N N   . PHE A 1 5   ? -9.108  3.352   -0.530  1.00 9.09  ? 30   PHE A N   1 
ATOM   30   C CA  . PHE A 1 5   ? -8.786  4.242   -1.638  1.00 9.53  ? 30   PHE A CA  1 
ATOM   31   C C   . PHE A 1 5   ? -8.865  5.700   -1.191  1.00 9.94  ? 30   PHE A C   1 
ATOM   32   O O   . PHE A 1 5   ? -9.702  6.478   -1.659  1.00 11.79 ? 30   PHE A O   1 
ATOM   33   C CB  . PHE A 1 5   ? -9.723  3.956   -2.820  1.00 10.25 ? 30   PHE A CB  1 
ATOM   34   C CG  . PHE A 1 5   ? -9.183  4.366   -4.183  1.00 10.89 ? 30   PHE A CG  1 
ATOM   35   C CD1 . PHE A 1 5   ? -8.259  5.389   -4.346  1.00 11.67 ? 30   PHE A CD1 1 
ATOM   36   C CD2 . PHE A 1 5   ? -9.625  3.705   -5.317  1.00 12.64 ? 30   PHE A CD2 1 
ATOM   37   C CE1 . PHE A 1 5   ? -7.812  5.737   -5.615  1.00 12.04 ? 30   PHE A CE1 1 
ATOM   38   C CE2 . PHE A 1 5   ? -9.163  4.047   -6.575  1.00 13.08 ? 30   PHE A CE2 1 
ATOM   39   C CZ  . PHE A 1 5   ? -8.258  5.061   -6.721  1.00 13.41 ? 30   PHE A CZ  1 
ATOM   40   N N   . CYS A 1 6   ? -7.965  6.063   -0.285  1.00 9.07  ? 31   CYS A N   1 
ATOM   41   C CA  . CYS A 1 6   ? -7.873  7.431   0.215   1.00 9.88  ? 31   CYS A CA  1 
ATOM   42   C C   . CYS A 1 6   ? -6.800  8.268   -0.477  1.00 9.71  ? 31   CYS A C   1 
ATOM   43   O O   . CYS A 1 6   ? -6.621  9.432   -0.132  1.00 10.32 ? 31   CYS A O   1 
ATOM   44   C CB  . CYS A 1 6   ? -7.581  7.437   1.717   1.00 9.67  ? 31   CYS A CB  1 
ATOM   45   S SG  . CYS A 1 6   ? -9.016  7.039   2.749   1.00 11.07 ? 31   CYS A SG  1 
ATOM   46   N N   . ASP A 1 7   ? -6.108  7.712   -1.462  1.00 9.49  ? 32   ASP A N   1 
ATOM   47   C CA  . ASP A 1 7   ? -4.964  8.392   -2.049  1.00 9.99  ? 32   ASP A CA  1 
ATOM   48   C C   . ASP A 1 7   ? -3.956  8.661   -0.925  1.00 9.61  ? 32   ASP A C   1 
ATOM   49   O O   . ASP A 1 7   ? -3.819  7.807   -0.043  1.00 9.04  ? 32   ASP A O   1 
ATOM   50   C CB  . ASP A 1 7   ? -5.402  9.603   -2.871  1.00 10.40 ? 32   ASP A CB  1 
ATOM   51   C CG  . ASP A 1 7   ? -6.086  9.186   -4.152  1.00 11.96 ? 32   ASP A CG  1 
ATOM   52   O OD1 . ASP A 1 7   ? -5.427  8.507   -4.967  1.00 14.44 ? 32   ASP A OD1 1 
ATOM   53   O OD2 . ASP A 1 7   ? -7.271  9.480   -4.409  1.00 15.23 ? 32   ASP A OD2 1 
ATOM   54   N N   . VAL A 1 8   ? -3.235  9.783   -0.955  1.00 9.94  ? 33   VAL A N   1 
ATOM   55   C CA  . VAL A 1 8   ? -2.152  10.005  -0.008  1.00 10.28 ? 33   VAL A CA  1 
ATOM   56   C C   . VAL A 1 8   ? -2.619  10.780  1.214   1.00 10.36 ? 33   VAL A C   1 
ATOM   57   O O   . VAL A 1 8   ? -3.058  11.928  1.094   1.00 11.74 ? 33   VAL A O   1 
ATOM   58   C CB  . VAL A 1 8   ? -0.988  10.770  -0.657  1.00 10.59 ? 33   VAL A CB  1 
ATOM   59   C CG1 . VAL A 1 8   ? 0.181   10.855  0.318   1.00 11.22 ? 33   VAL A CG1 1 
ATOM   60   C CG2 . VAL A 1 8   ? -0.556  10.132  -1.970  1.00 10.85 ? 33   VAL A CG2 1 
ATOM   61   N N   . ARG A 1 9   ? -2.486  10.164  2.384   1.00 10.17 ? 34   ARG A N   1 
ATOM   62   C CA  . ARG A 1 9   ? -2.904  10.754  3.638   1.00 11.01 ? 34   ARG A CA  1 
ATOM   63   C C   . ARG A 1 9   ? -1.756  10.772  4.634   1.00 11.54 ? 34   ARG A C   1 
ATOM   64   O O   . ARG A 1 9   ? -0.860  9.942   4.585   1.00 11.64 ? 34   ARG A O   1 
ATOM   65   C CB  . ARG A 1 9   ? -4.037  9.924   4.244   1.00 11.10 ? 34   ARG A CB  1 
ATOM   66   C CG  . ARG A 1 9   ? -5.251  9.804   3.363   1.00 11.09 ? 34   ARG A CG  1 
ATOM   67   C CD  . ARG A 1 9   ? -5.869  11.141  2.992   1.00 11.98 ? 34   ARG A CD  1 
ATOM   68   N NE  . ARG A 1 9   ? -7.117  10.943  2.273   1.00 13.10 ? 34   ARG A NE  1 
ATOM   69   C CZ  . ARG A 1 9   ? -8.297  10.807  2.856   1.00 15.31 ? 34   ARG A CZ  1 
ATOM   70   N NH1 . ARG A 1 9   ? -8.414  10.898  4.176   1.00 16.90 ? 34   ARG A NH1 1 
ATOM   71   N NH2 . ARG A 1 9   ? -9.373  10.596  2.114   1.00 16.25 ? 34   ARG A NH2 1 
ATOM   72   N N   . PHE A 1 10  ? -1.775  11.711  5.567   1.00 12.12 ? 35   PHE A N   1 
ATOM   73   C CA  . PHE A 1 10  ? -0.813  11.658  6.655   1.00 12.91 ? 35   PHE A CA  1 
ATOM   74   C C   . PHE A 1 10  ? -1.069  10.400  7.482   1.00 12.60 ? 35   PHE A C   1 
ATOM   75   O O   . PHE A 1 10  ? -2.201  9.946   7.610   1.00 12.97 ? 35   PHE A O   1 
ATOM   76   C CB  . PHE A 1 10  ? -0.917  12.893  7.529   1.00 13.67 ? 35   PHE A CB  1 
ATOM   77   C CG  . PHE A 1 10  ? -0.424  14.131  6.860   1.00 16.71 ? 35   PHE A CG  1 
ATOM   78   C CD1 . PHE A 1 10  ? 0.921   14.286  6.570   1.00 18.72 ? 35   PHE A CD1 1 
ATOM   79   C CD2 . PHE A 1 10  ? -1.309  15.119  6.472   1.00 19.51 ? 35   PHE A CD2 1 
ATOM   80   C CE1 . PHE A 1 10  ? 1.377   15.431  5.939   1.00 20.02 ? 35   PHE A CE1 1 
ATOM   81   C CE2 . PHE A 1 10  ? -0.857  16.261  5.840   1.00 20.70 ? 35   PHE A CE2 1 
ATOM   82   C CZ  . PHE A 1 10  ? 0.484   16.416  5.576   1.00 20.65 ? 35   PHE A CZ  1 
ATOM   83   N N   . SER A 1 11  ? 0.007   9.850   8.022   1.00 12.73 ? 36   SER A N   1 
ATOM   84   C CA  . SER A 1 11  ? -0.051  8.657   8.851   1.00 13.02 ? 36   SER A CA  1 
ATOM   85   C C   . SER A 1 11  ? 0.884   8.802   10.044  1.00 14.06 ? 36   SER A C   1 
ATOM   86   O O   . SER A 1 11  ? 1.891   9.497   9.969   1.00 14.70 ? 36   SER A O   1 
ATOM   87   C CB  . SER A 1 11  ? 0.355   7.426   8.030   1.00 12.82 ? 36   SER A CB  1 
ATOM   88   O OG  . SER A 1 11  ? 0.397   6.250   8.825   1.00 13.10 ? 36   SER A OG  1 
ATOM   89   N N   . THR A 1 12  ? 0.539   8.147   11.146  1.00 15.27 ? 37   THR A N   1 
ATOM   90   C CA  . THR A 1 12  ? 1.424   8.108   12.310  1.00 16.72 ? 37   THR A CA  1 
ATOM   91   C C   . THR A 1 12  ? 2.131   6.752   12.395  1.00 15.98 ? 37   THR A C   1 
ATOM   92   O O   . THR A 1 12  ? 2.896   6.503   13.326  1.00 17.70 ? 37   THR A O   1 
ATOM   93   C CB  . THR A 1 12  ? 0.651   8.380   13.620  1.00 17.69 ? 37   THR A CB  1 
ATOM   94   O OG1 . THR A 1 12  ? -0.423  7.449   13.751  1.00 20.60 ? 37   THR A OG1 1 
ATOM   95   C CG2 . THR A 1 12  ? -0.040  9.739   13.589  1.00 19.71 ? 37   THR A CG2 1 
ATOM   96   N N   . CYS A 1 13  ? 1.862   5.876   11.431  1.00 14.62 ? 38   CYS A N   1 
ATOM   97   C CA  . CYS A 1 13  ? 2.492   4.564   11.389  1.00 13.68 ? 38   CYS A CA  1 
ATOM   98   C C   . CYS A 1 13  ? 4.005   4.680   11.305  1.00 13.79 ? 38   CYS A C   1 
ATOM   99   O O   . CYS A 1 13  ? 4.520   5.212   10.328  1.00 13.63 ? 38   CYS A O   1 
ATOM   100  C CB  . CYS A 1 13  ? 2.004   3.813   10.152  1.00 13.04 ? 38   CYS A CB  1 
ATOM   101  S SG  . CYS A 1 13  ? 2.833   2.230   9.848   1.00 12.59 ? 38   CYS A SG  1 
ATOM   102  N N   . ASP A 1 14  ? 4.721   4.177   12.308  1.00 14.62 ? 39   ASP A N   1 
ATOM   103  C CA  . ASP A 1 14  ? 6.180   4.231   12.289  1.00 15.49 ? 39   ASP A CA  1 
ATOM   104  C C   . ASP A 1 14  ? 6.742   3.251   13.315  1.00 15.65 ? 39   ASP A C   1 
ATOM   105  O O   . ASP A 1 14  ? 6.224   3.148   14.420  1.00 16.46 ? 39   ASP A O   1 
ATOM   106  C CB  . ASP A 1 14  ? 6.661   5.657   12.593  1.00 15.91 ? 39   ASP A CB  1 
ATOM   107  C CG  . ASP A 1 14  ? 8.068   5.932   12.085  1.00 16.88 ? 39   ASP A CG  1 
ATOM   108  O OD1 . ASP A 1 14  ? 8.604   5.133   11.290  1.00 17.90 ? 39   ASP A OD1 1 
ATOM   109  O OD2 . ASP A 1 14  ? 8.713   6.945   12.424  1.00 18.63 ? 39   ASP A OD2 1 
ATOM   110  N N   . ASN A 1 15  ? 7.781   2.525   12.930  1.00 16.23 ? 40   ASN A N   1 
ATOM   111  C CA  . ASN A 1 15  ? 8.450   1.589   13.829  1.00 16.72 ? 40   ASN A CA  1 
ATOM   112  C C   . ASN A 1 15  ? 7.493   0.557   14.423  1.00 16.12 ? 40   ASN A C   1 
ATOM   113  O O   . ASN A 1 15  ? 7.559   0.241   15.615  1.00 16.91 ? 40   ASN A O   1 
ATOM   114  C CB  . ASN A 1 15  ? 9.189   2.348   14.942  1.00 17.64 ? 40   ASN A CB  1 
ATOM   115  C CG  . ASN A 1 15  ? 10.115  3.412   14.396  1.00 19.76 ? 40   ASN A CG  1 
ATOM   116  O OD1 . ASN A 1 15  ? 9.968   4.600   14.693  1.00 23.48 ? 40   ASN A OD1 1 
ATOM   117  N ND2 . ASN A 1 15  ? 11.059  2.993   13.572  1.00 22.42 ? 40   ASN A ND2 1 
ATOM   118  N N   . GLN A 1 16  ? 6.609   0.030   13.579  1.00 15.23 ? 41   GLN A N   1 
ATOM   119  C CA  . GLN A 1 16  ? 5.635   -0.970  13.990  1.00 15.21 ? 41   GLN A CA  1 
ATOM   120  C C   . GLN A 1 16  ? 5.697   -2.171  13.070  1.00 14.33 ? 41   GLN A C   1 
ATOM   121  O O   . GLN A 1 16  ? 6.047   -2.053  11.895  1.00 14.91 ? 41   GLN A O   1 
ATOM   122  C CB  . GLN A 1 16  ? 4.217   -0.413  13.924  1.00 15.82 ? 41   GLN A CB  1 
ATOM   123  C CG  . GLN A 1 16  ? 3.966   0.830   14.748  1.00 17.91 ? 41   GLN A CG  1 
ATOM   124  C CD  . GLN A 1 16  ? 4.417   0.689   16.183  1.00 21.03 ? 41   GLN A CD  1 
ATOM   125  O OE1 . GLN A 1 16  ? 4.186   -0.340  16.819  1.00 22.01 ? 41   GLN A OE1 1 
ATOM   126  N NE2 . GLN A 1 16  ? 5.076   1.719   16.695  1.00 24.48 ? 41   GLN A NE2 1 
ATOM   127  N N   . LYS A 1 17  ? 5.336   -3.328  13.605  1.00 13.37 ? 42   LYS A N   1 
ATOM   128  C CA  . LYS A 1 17  ? 5.294   -4.552  12.818  1.00 13.28 ? 42   LYS A CA  1 
ATOM   129  C C   . LYS A 1 17  ? 4.126   -4.534  11.823  1.00 11.96 ? 42   LYS A C   1 
ATOM   130  O O   . LYS A 1 17  ? 4.247   -5.066  10.723  1.00 13.20 ? 42   LYS A O   1 
ATOM   131  C CB  . LYS A 1 17  ? 5.188   -5.770  13.732  1.00 13.84 ? 42   LYS A CB  1 
ATOM   132  C CG  . LYS A 1 17  ? 6.370   -5.974  14.669  1.00 16.89 ? 42   LYS A CG  1 
ATOM   133  C CD  . LYS A 1 17  ? 6.057   -7.067  15.702  1.00 19.66 ? 42   LYS A CD  1 
ATOM   134  C CE  . LYS A 1 17  ? 7.298   -7.518  16.440  1.00 21.21 ? 42   LYS A CE  1 
ATOM   135  N NZ  . LYS A 1 17  ? 8.142   -6.364  16.831  1.00 22.43 ? 42   LYS A NZ  1 
ATOM   136  N N   . SER A 1 18  ? 2.987   -3.959  12.214  1.00 10.97 ? 43   SER A N   1 
ATOM   137  C CA  . SER A 1 18  ? 1.883   -3.744  11.280  1.00 10.52 ? 43   SER A CA  1 
ATOM   138  C C   . SER A 1 18  ? 1.206   -2.430  11.610  1.00 10.33 ? 43   SER A C   1 
ATOM   139  O O   . SER A 1 18  ? 1.350   -1.916  12.718  1.00 11.55 ? 43   SER A O   1 
ATOM   140  C CB  . SER A 1 18  ? 0.865   -4.887  11.298  1.00 10.70 ? 43   SER A CB  1 
ATOM   141  O OG  . SER A 1 18  ? -0.026  -4.795  12.400  1.00 10.83 ? 43   SER A OG  1 
ATOM   142  N N   . CYS A 1 19  ? 0.492   -1.889  10.633  1.00 10.11 ? 44   CYS A N   1 
ATOM   143  C CA  . CYS A 1 19  ? -0.289  -0.676  10.829  1.00 10.43 ? 44   CYS A CA  1 
ATOM   144  C C   . CYS A 1 19  ? -1.616  -0.774  10.114  1.00 10.03 ? 44   CYS A C   1 
ATOM   145  O O   . CYS A 1 19  ? -1.743  -1.431  9.085   1.00 10.19 ? 44   CYS A O   1 
ATOM   146  C CB  . CYS A 1 19  ? 0.437   0.544   10.283  1.00 10.33 ? 44   CYS A CB  1 
ATOM   147  S SG  . CYS A 1 19  ? 1.964   0.929   11.130  1.00 12.26 ? 44   CYS A SG  1 
ATOM   148  N N   . MET A 1 20  ? -2.598  -0.073  10.656  1.00 10.32 ? 45   MET A N   1 
ATOM   149  C CA  . MET A 1 20  ? -3.880  0.085   9.997   1.00 11.25 ? 45   MET A CA  1 
ATOM   150  C C   . MET A 1 20  ? -3.840  1.327   9.123   1.00 10.37 ? 45   MET A C   1 
ATOM   151  O O   . MET A 1 20  ? -3.135  2.294   9.414   1.00 11.47 ? 45   MET A O   1 
ATOM   152  C CB  . MET A 1 20  ? -4.988  0.206   11.027  1.00 12.08 ? 45   MET A CB  1 
ATOM   153  C CG  . MET A 1 20  ? -5.098  -1.033  11.892  1.00 15.15 ? 45   MET A CG  1 
ATOM   154  S SD  . MET A 1 20  ? -5.351  -2.551  10.959  1.00 21.19 ? 45   MET A SD  1 
ATOM   155  C CE  . MET A 1 20  ? -7.056  -2.303  10.422  1.00 21.22 ? 45   MET A CE  1 
ATOM   156  N N   . SER A 1 21  ? -4.610  1.313   8.045   1.00 9.69  ? 46   SER A N   1 
ATOM   157  C CA  . SER A 1 21  ? -4.573  2.444   7.132   1.00 9.84  ? 46   SER A CA  1 
ATOM   158  C C   . SER A 1 21  ? -5.243  3.692   7.688   1.00 10.48 ? 46   SER A C   1 
ATOM   159  O O   . SER A 1 21  ? -4.884  4.804   7.314   1.00 11.19 ? 46   SER A O   1 
ATOM   160  C CB  . SER A 1 21  ? -5.211  2.094   5.785   1.00 9.79  ? 46   SER A CB  1 
ATOM   161  O OG  . SER A 1 21  ? -6.630  2.093   5.838   1.00 9.80  ? 46   SER A OG  1 
ATOM   162  N N   . ASN A 1 22  ? -6.238  3.496   8.547   1.00 11.04 ? 47   ASN A N   1 
ATOM   163  C CA  . ASN A 1 22  ? -7.070  4.602   9.031   1.00 12.34 ? 47   ASN A CA  1 
ATOM   164  C C   . ASN A 1 22  ? -7.736  5.353   7.882   1.00 12.40 ? 47   ASN A C   1 
ATOM   165  O O   . ASN A 1 22  ? -8.048  6.535   8.007   1.00 14.13 ? 47   ASN A O   1 
ATOM   166  C CB  . ASN A 1 22  ? -6.278  5.545   9.932   1.00 13.28 ? 47   ASN A CB  1 
ATOM   167  C CG  . ASN A 1 22  ? -5.834  4.868   11.203  1.00 15.71 ? 47   ASN A CG  1 
ATOM   168  O OD1 . ASN A 1 22  ? -6.592  4.097   11.799  1.00 18.87 ? 47   ASN A OD1 1 
ATOM   169  N ND2 . ASN A 1 22  ? -4.606  5.130   11.618  1.00 19.61 ? 47   ASN A ND2 1 
ATOM   170  N N   . CYS A 1 23  ? -7.953  4.650   6.772   1.00 11.33 ? 48   CYS A N   1 
ATOM   171  C CA  . CYS A 1 23  ? -8.651  5.200   5.622   1.00 11.37 ? 48   CYS A CA  1 
ATOM   172  C C   . CYS A 1 23  ? -10.134 4.829   5.703   1.00 12.27 ? 48   CYS A C   1 
ATOM   173  O O   . CYS A 1 23  ? -10.483 3.652   5.778   1.00 12.63 ? 48   CYS A O   1 
ATOM   174  C CB  . CYS A 1 23  ? -8.045  4.651   4.335   1.00 10.69 ? 48   CYS A CB  1 
ATOM   175  S SG  . CYS A 1 23  ? -9.015  5.004   2.862   1.00 10.22 ? 48   CYS A SG  1 
ATOM   176  N N   . SER A 1 24  ? -11.011 5.832   5.661   1.00 13.99 ? 49   SER A N   1 
ATOM   177  C CA  . SER A 1 24  ? -12.450 5.604   5.787   1.00 15.03 ? 49   SER A CA  1 
ATOM   178  C C   . SER A 1 24  ? -13.151 5.306   4.459   1.00 14.92 ? 49   SER A C   1 
ATOM   179  O O   . SER A 1 24  ? -14.371 5.161   4.435   1.00 16.49 ? 49   SER A O   1 
ATOM   180  C CB  . SER A 1 24  ? -13.107 6.826   6.429   1.00 16.04 ? 49   SER A CB  1 
ATOM   181  O OG  . SER A 1 24  ? -13.014 7.943   5.568   1.00 18.67 ? 49   SER A OG  1 
ATOM   182  N N   . ILE A 1 25  ? -12.396 5.227   3.365   1.00 13.75 ? 50   ILE A N   1 
ATOM   183  C CA  . ILE A 1 25  ? -12.982 4.985   2.050   1.00 13.68 ? 50   ILE A CA  1 
ATOM   184  C C   . ILE A 1 25  ? -12.620 3.601   1.532   1.00 12.53 ? 50   ILE A C   1 
ATOM   185  O O   . ILE A 1 25  ? -11.456 3.346   1.223   1.00 12.19 ? 50   ILE A O   1 
ATOM   186  C CB  . ILE A 1 25  ? -12.497 6.044   1.023   1.00 13.77 ? 50   ILE A CB  1 
ATOM   187  C CG1 . ILE A 1 25  ? -12.807 7.467   1.499   1.00 15.12 ? 50   ILE A CG1 1 
ATOM   188  C CG2 . ILE A 1 25  ? -13.139 5.778   -0.342  1.00 14.52 ? 50   ILE A CG2 1 
ATOM   189  C CD1 . ILE A 1 25  ? -12.202 8.561   0.626   1.00 15.96 ? 50   ILE A CD1 1 
ATOM   190  N N   . THR A 1 26  ? -13.616 2.720   1.459   1.00 12.46 ? 51   THR A N   1 
ATOM   191  C CA  . THR A 1 26  ? -13.467 1.438   0.793   1.00 12.38 ? 51   THR A CA  1 
ATOM   192  C C   . THR A 1 26  ? -14.233 1.553   -0.501  1.00 12.18 ? 51   THR A C   1 
ATOM   193  O O   . THR A 1 26  ? -15.432 1.839   -0.489  1.00 13.51 ? 51   THR A O   1 
ATOM   194  C CB  . THR A 1 26  ? -14.014 0.282   1.633   1.00 12.77 ? 51   THR A CB  1 
ATOM   195  O OG1 . THR A 1 26  ? -13.145 0.077   2.754   1.00 13.52 ? 51   THR A OG1 1 
ATOM   196  C CG2 . THR A 1 26  ? -13.975 -1.043  0.848   1.00 12.89 ? 51   THR A CG2 1 
ATOM   197  N N   . SER A 1 27  ? -13.538 1.319   -1.606  1.00 12.00 ? 52   SER A N   1 
ATOM   198  C CA  . SER A 1 27  ? -14.109 1.458   -2.929  1.00 12.30 ? 52   SER A CA  1 
ATOM   199  C C   . SER A 1 27  ? -14.080 0.155   -3.690  1.00 11.29 ? 52   SER A C   1 
ATOM   200  O O   . SER A 1 27  ? -13.174 -0.658  -3.519  1.00 11.13 ? 52   SER A O   1 
ATOM   201  C CB  . SER A 1 27  ? -13.296 2.466   -3.744  1.00 12.94 ? 52   SER A CB  1 
ATOM   202  O OG  . SER A 1 27  ? -13.287 3.748   -3.155  1.00 16.36 ? 52   SER A OG  1 
ATOM   203  N N   . ILE A 1 28  ? -15.081 -0.031  -4.546  1.00 11.48 ? 53   ILE A N   1 
ATOM   204  C CA  . ILE A 1 28  ? -15.044 -1.095  -5.537  1.00 11.48 ? 53   ILE A CA  1 
ATOM   205  C C   . ILE A 1 28  ? -14.114 -0.586  -6.631  1.00 11.24 ? 53   ILE A C   1 
ATOM   206  O O   . ILE A 1 28  ? -14.367 0.468   -7.215  1.00 12.24 ? 53   ILE A O   1 
ATOM   207  C CB  . ILE A 1 28  ? -16.427 -1.336  -6.154  1.00 11.83 ? 53   ILE A CB  1 
ATOM   208  C CG1 . ILE A 1 28  ? -17.452 -1.729  -5.092  1.00 12.77 ? 53   ILE A CG1 1 
ATOM   209  C CG2 . ILE A 1 28  ? -16.327 -2.402  -7.244  1.00 12.72 ? 53   ILE A CG2 1 
ATOM   210  C CD1 . ILE A 1 28  ? -18.872 -1.628  -5.578  1.00 13.57 ? 53   ILE A CD1 1 
ATOM   211  N N   . CYS A 1 29  ? -13.022 -1.284  -6.900  1.00 11.43 ? 54   CYS A N   1 
ATOM   212  C CA  . CYS A 1 29  ? -12.142 -0.856  -7.968  1.00 11.52 ? 54   CYS A CA  1 
ATOM   213  C C   . CYS A 1 29  ? -12.922 -0.861  -9.285  1.00 12.26 ? 54   CYS A C   1 
ATOM   214  O O   . CYS A 1 29  ? -13.762 -1.729  -9.524  1.00 12.74 ? 54   CYS A O   1 
ATOM   215  C CB  . CYS A 1 29  ? -10.927 -1.763  -8.044  1.00 11.44 ? 54   CYS A CB  1 
ATOM   216  S SG  . CYS A 1 29  ? -9.949  -1.805  -6.521  1.00 11.55 ? 54   CYS A SG  1 
ATOM   217  N N   . GLU A 1 30  ? -12.630 0.119   -10.133 1.00 13.00 ? 55   GLU A N   1 
ATOM   218  C CA  . GLU A 1 30  ? -13.341 0.309   -11.391 1.00 14.01 ? 55   GLU A CA  1 
ATOM   219  C C   . GLU A 1 30  ? -13.280 -0.880  -12.328 1.00 13.87 ? 55   GLU A C   1 
ATOM   220  O O   . GLU A 1 30  ? -14.264 -1.186  -13.016 1.00 14.95 ? 55   GLU A O   1 
ATOM   221  C CB  . GLU A 1 30  ? -12.770 1.527   -12.113 1.00 15.12 ? 55   GLU A CB  1 
ATOM   222  C CG  . GLU A 1 30  ? -13.401 1.840   -13.449 0.00 22.49 ? 55   GLU A CG  1 
ATOM   223  C CD  . GLU A 1 30  ? -12.893 3.422   -14.552 1.00 46.84 ? 55   GLU A CD  1 
ATOM   224  O OE1 . GLU A 1 30  ? -12.681 4.208   -13.603 1.00 47.03 ? 55   GLU A OE1 1 
ATOM   225  O OE2 . GLU A 1 30  ? -11.986 2.999   -15.299 1.00 46.97 ? 55   GLU A OE2 1 
ATOM   226  N N   . LYS A 1 31  ? -12.116 -1.512  -12.395 1.00 13.32 ? 56   LYS A N   1 
ATOM   227  C CA  . LYS A 1 31  ? -11.895 -2.619  -13.306 1.00 12.98 ? 56   LYS A CA  1 
ATOM   228  C C   . LYS A 1 31  ? -11.637 -3.887  -12.498 1.00 11.30 ? 56   LYS A C   1 
ATOM   229  O O   . LYS A 1 31  ? -10.996 -3.839  -11.444 1.00 11.00 ? 56   LYS A O   1 
ATOM   230  C CB  . LYS A 1 31  ? -10.730 -2.293  -14.238 1.00 13.64 ? 56   LYS A CB  1 
ATOM   231  C CG  . LYS A 1 31  ? -10.930 -1.026  -15.060 1.00 16.95 ? 56   LYS A CG  1 
ATOM   232  C CD  . LYS A 1 31  ? -9.699  -0.745  -15.907 1.00 20.19 ? 56   LYS A CD  1 
ATOM   233  C CE  . LYS A 1 31  ? -9.866  0.490   -16.770 1.00 22.41 ? 56   LYS A CE  1 
ATOM   234  N NZ  . LYS A 1 31  ? -10.977 0.339   -17.745 1.00 24.81 ? 56   LYS A NZ  1 
ATOM   235  N N   . PRO A 1 32  ? -12.132 -5.025  -12.978 1.00 10.81 ? 57   PRO A N   1 
ATOM   236  C CA  . PRO A 1 32  ? -12.041 -6.269  -12.197 1.00 10.53 ? 57   PRO A CA  1 
ATOM   237  C C   . PRO A 1 32  ? -10.613 -6.764  -11.973 1.00 10.52 ? 57   PRO A C   1 
ATOM   238  O O   . PRO A 1 32  ? -10.354 -7.469  -10.999 1.00 11.66 ? 57   PRO A O   1 
ATOM   239  C CB  . PRO A 1 32  ? -12.859 -7.261  -13.037 1.00 10.99 ? 57   PRO A CB  1 
ATOM   240  C CG  . PRO A 1 32  ? -12.755 -6.709  -14.428 1.00 11.58 ? 57   PRO A CG  1 
ATOM   241  C CD  . PRO A 1 32  ? -12.850 -5.225  -14.253 1.00 11.24 ? 57   PRO A CD  1 
ATOM   242  N N   . GLN A 1 33  ? -9.686  -6.381  -12.837 1.00 10.52 ? 58   GLN A N   1 
ATOM   243  C CA  . GLN A 1 33  ? -8.309  -6.822  -12.696 1.00 11.16 ? 58   GLN A CA  1 
ATOM   244  C C   . GLN A 1 33  ? -7.514  -6.027  -11.661 1.00 10.97 ? 58   GLN A C   1 
ATOM   245  O O   . GLN A 1 33  ? -6.381  -6.370  -11.338 1.00 11.30 ? 58   GLN A O   1 
ATOM   246  C CB  . GLN A 1 33  ? -7.586  -6.756  -14.041 1.00 11.60 ? 58   GLN A CB  1 
ATOM   247  C CG  . GLN A 1 33  ? -7.416  -5.356  -14.621 1.00 12.56 ? 58   GLN A CG  1 
ATOM   248  C CD  . GLN A 1 33  ? -8.495  -4.956  -15.626 1.00 13.51 ? 58   GLN A CD  1 
ATOM   249  O OE1 . GLN A 1 33  ? -9.681  -5.255  -15.443 1.00 13.50 ? 58   GLN A OE1 1 
ATOM   250  N NE2 . GLN A 1 33  ? -8.082  -4.269  -16.687 1.00 15.67 ? 58   GLN A NE2 1 
ATOM   251  N N   . GLU A 1 34  ? -8.078  -4.945  -11.149 1.00 10.46 ? 59   GLU A N   1 
ATOM   252  C CA  . GLU A 1 34  ? -7.333  -4.109  -10.216 1.00 10.50 ? 59   GLU A CA  1 
ATOM   253  C C   . GLU A 1 34  ? -7.181  -4.776  -8.859  1.00 10.20 ? 59   GLU A C   1 
ATOM   254  O O   . GLU A 1 34  ? -8.035  -5.572  -8.436  1.00 11.66 ? 59   GLU A O   1 
ATOM   255  C CB  . GLU A 1 34  ? -8.002  -2.745  -10.075 1.00 10.48 ? 59   GLU A CB  1 
ATOM   256  C CG  . GLU A 1 34  ? -7.919  -1.933  -11.363 1.00 12.06 ? 59   GLU A CG  1 
ATOM   257  C CD  . GLU A 1 34  ? -8.598  -0.572  -11.324 1.00 13.99 ? 59   GLU A CD  1 
ATOM   258  O OE1 . GLU A 1 34  ? -9.656  -0.408  -10.695 1.00 18.83 ? 59   GLU A OE1 1 
ATOM   259  O OE2 . GLU A 1 34  ? -8.066  0.361   -11.974 1.00 22.22 ? 59   GLU A OE2 1 
ATOM   260  N N   . VAL A 1 35  ? -6.077  -4.434  -8.203  1.00 9.17  ? 60   VAL A N   1 
ATOM   261  C CA  . VAL A 1 35  ? -5.744  -4.917  -6.878  1.00 9.56  ? 60   VAL A CA  1 
ATOM   262  C C   . VAL A 1 35  ? -5.533  -3.723  -5.956  1.00 8.78  ? 60   VAL A C   1 
ATOM   263  O O   . VAL A 1 35  ? -5.554  -2.569  -6.378  1.00 8.74  ? 60   VAL A O   1 
ATOM   264  C CB  . VAL A 1 35  ? -4.489  -5.812  -6.900  1.00 10.48 ? 60   VAL A CB  1 
ATOM   265  C CG1 . VAL A 1 35  ? -4.705  -6.988  -7.843  1.00 11.26 ? 60   VAL A CG1 1 
ATOM   266  C CG2 . VAL A 1 35  ? -3.247  -5.029  -7.311  1.00 10.77 ? 60   VAL A CG2 1 
ATOM   267  N N   . CYS A 1 36  ? -5.393  -4.016  -4.671  1.00 8.61  ? 61   CYS A N   1 
ATOM   268  C CA  . CYS A 1 36  ? -5.168  -2.985  -3.672  1.00 8.56  ? 61   CYS A CA  1 
ATOM   269  C C   . CYS A 1 36  ? -3.684  -2.690  -3.532  1.00 8.37  ? 61   CYS A C   1 
ATOM   270  O O   . CYS A 1 36  ? -2.854  -3.606  -3.597  1.00 9.31  ? 61   CYS A O   1 
ATOM   271  C CB  . CYS A 1 36  ? -5.702  -3.438  -2.318  1.00 8.06  ? 61   CYS A CB  1 
ATOM   272  S SG  . CYS A 1 36  ? -7.415  -4.041  -2.302  1.00 8.39  ? 61   CYS A SG  1 
ATOM   273  N N   . VAL A 1 37  ? -3.367  -1.427  -3.257  1.00 7.89  ? 62   VAL A N   1 
ATOM   274  C CA  . VAL A 1 37  ? -1.998  -0.978  -3.091  1.00 8.23  ? 62   VAL A CA  1 
ATOM   275  C C   . VAL A 1 37  ? -1.895  -0.077  -1.873  1.00 7.87  ? 62   VAL A C   1 
ATOM   276  O O   . VAL A 1 37  ? -2.804  0.703   -1.588  1.00 7.59  ? 62   VAL A O   1 
ATOM   277  C CB  . VAL A 1 37  ? -1.528  -0.178  -4.330  1.00 8.86  ? 62   VAL A CB  1 
ATOM   278  C CG1 . VAL A 1 37  ? -0.126  0.356   -4.145  1.00 10.93 ? 62   VAL A CG1 1 
ATOM   279  C CG2 . VAL A 1 37  ? -1.621  -1.045  -5.574  1.00 10.65 ? 62   VAL A CG2 1 
ATOM   280  N N   . ALA A 1 38  ? -0.791  -0.208  -1.146  1.00 7.95  ? 63   ALA A N   1 
ATOM   281  C CA  . ALA A 1 38  ? -0.450  0.735   -0.083  1.00 7.92  ? 63   ALA A CA  1 
ATOM   282  C C   . ALA A 1 38  ? 0.996   1.166   -0.269  1.00 8.01  ? 63   ALA A C   1 
ATOM   283  O O   . ALA A 1 38  ? 1.865   0.360   -0.608  1.00 8.83  ? 63   ALA A O   1 
ATOM   284  C CB  . ALA A 1 38  ? -0.648  0.132   1.291   1.00 8.06  ? 63   ALA A CB  1 
ATOM   285  N N   . VAL A 1 39  ? 1.253   2.444   -0.037  1.00 7.86  ? 64   VAL A N   1 
ATOM   286  C CA  . VAL A 1 39  ? 2.586   3.019   -0.178  1.00 8.70  ? 64   VAL A CA  1 
ATOM   287  C C   . VAL A 1 39  ? 2.857   3.888   1.042   1.00 8.73  ? 64   VAL A C   1 
ATOM   288  O O   . VAL A 1 39  ? 2.156   4.879   1.275   1.00 9.15  ? 64   VAL A O   1 
ATOM   289  C CB  . VAL A 1 39  ? 2.728   3.887   -1.457  1.00 9.27  ? 64   VAL A CB  1 
ATOM   290  C CG1 . VAL A 1 39  ? 4.176   4.283   -1.673  1.00 10.67 ? 64   VAL A CG1 1 
ATOM   291  C CG2 . VAL A 1 39  ? 2.198   3.166   -2.681  1.00 11.68 ? 64   VAL A CG2 1 
ATOM   292  N N   . TRP A 1 40  ? 3.861   3.506   1.827   1.00 9.21  ? 65   TRP A N   1 
ATOM   293  C CA  . TRP A 1 40  ? 4.230   4.211   3.049   1.00 9.61  ? 65   TRP A CA  1 
ATOM   294  C C   . TRP A 1 40  ? 5.502   4.994   2.773   1.00 9.80  ? 65   TRP A C   1 
ATOM   295  O O   . TRP A 1 40  ? 6.465   4.426   2.281   1.00 10.70 ? 65   TRP A O   1 
ATOM   296  C CB  . TRP A 1 40  ? 4.453   3.189   4.174   1.00 9.93  ? 65   TRP A CB  1 
ATOM   297  C CG  . TRP A 1 40  ? 4.827   3.757   5.514   1.00 10.92 ? 65   TRP A CG  1 
ATOM   298  C CD1 . TRP A 1 40  ? 3.977   4.064   6.542   1.00 11.28 ? 65   TRP A CD1 1 
ATOM   299  C CD2 . TRP A 1 40  ? 6.146   4.049   5.990   1.00 11.89 ? 65   TRP A CD2 1 
ATOM   300  N NE1 . TRP A 1 40  ? 4.687   4.532   7.622   1.00 12.34 ? 65   TRP A NE1 1 
ATOM   301  C CE2 . TRP A 1 40  ? 6.021   4.520   7.314   1.00 12.17 ? 65   TRP A CE2 1 
ATOM   302  C CE3 . TRP A 1 40  ? 7.422   3.945   5.439   1.00 12.55 ? 65   TRP A CE3 1 
ATOM   303  C CZ2 . TRP A 1 40  ? 7.122   4.914   8.081   1.00 13.33 ? 65   TRP A CZ2 1 
ATOM   304  C CZ3 . TRP A 1 40  ? 8.514   4.323   6.211   1.00 13.63 ? 65   TRP A CZ3 1 
ATOM   305  C CH2 . TRP A 1 40  ? 8.350   4.802   7.511   1.00 13.66 ? 65   TRP A CH2 1 
ATOM   306  N N   . ARG A 1 41  ? 5.514   6.290   3.085   1.00 9.80  ? 66   ARG A N   1 
ATOM   307  C CA  . ARG A 1 41  ? 6.660   7.146   2.795   1.00 11.43 ? 66   ARG A CA  1 
ATOM   308  C C   . ARG A 1 41  ? 6.966   8.043   3.968   1.00 11.59 ? 66   ARG A C   1 
ATOM   309  O O   . ARG A 1 41  ? 6.079   8.708   4.488   1.00 13.44 ? 66   ARG A O   1 
ATOM   310  C CB  . ARG A 1 41  ? 6.382   8.009   1.556   1.00 11.58 ? 66   ARG A CB  1 
ATOM   311  C CG  . ARG A 1 41  ? 6.169   7.167   0.312   1.00 12.36 ? 66   ARG A CG  1 
ATOM   312  C CD  . ARG A 1 41  ? 5.547   7.907   -0.855  1.00 13.74 ? 66   ARG A CD  1 
ATOM   313  N NE  . ARG A 1 41  ? 6.530   8.703   -1.583  1.00 14.09 ? 66   ARG A NE  1 
ATOM   314  C CZ  . ARG A 1 41  ? 6.303   9.254   -2.766  1.00 14.32 ? 66   ARG A CZ  1 
ATOM   315  N NH1 . ARG A 1 41  ? 5.121   9.108   -3.356  1.00 14.42 ? 66   ARG A NH1 1 
ATOM   316  N NH2 . ARG A 1 41  ? 7.254   9.959   -3.364  1.00 15.55 ? 66   ARG A NH2 1 
ATOM   317  N N   . LYS A 1 42  ? 8.236   8.086   4.360   1.00 12.16 ? 67   LYS A N   1 
ATOM   318  C CA  . LYS A 1 42  ? 8.668   8.947   5.445   1.00 12.42 ? 67   LYS A CA  1 
ATOM   319  C C   . LYS A 1 42  ? 9.789   9.848   4.972   1.00 12.35 ? 67   LYS A C   1 
ATOM   320  O O   . LYS A 1 42  ? 10.768  9.377   4.397   1.00 13.67 ? 67   LYS A O   1 
ATOM   321  C CB  . LYS A 1 42  ? 9.166   8.127   6.637   1.00 13.11 ? 67   LYS A CB  1 
ATOM   322  C CG  . LYS A 1 42  ? 9.657   8.984   7.794   1.00 14.47 ? 67   LYS A CG  1 
ATOM   323  C CD  . LYS A 1 42  ? 9.999   8.153   9.007   1.00 16.01 ? 67   LYS A CD  1 
ATOM   324  C CE  . LYS A 1 42  ? 10.427  9.039   10.169  1.00 17.93 ? 67   LYS A CE  1 
ATOM   325  N NZ  . LYS A 1 42  ? 10.841  8.247   11.353  1.00 19.17 ? 67   LYS A NZ  1 
ATOM   326  N N   . ASN A 1 43  ? 9.634   11.144  5.198   1.00 12.50 ? 68   ASN A N   1 
ATOM   327  C CA  . ASN A 1 43  ? 10.695  12.100  4.928   1.00 12.70 ? 68   ASN A CA  1 
ATOM   328  C C   . ASN A 1 43  ? 10.966  12.840  6.238   1.00 13.09 ? 68   ASN A C   1 
ATOM   329  O O   . ASN A 1 43  ? 10.381  12.509  7.266   1.00 14.35 ? 68   ASN A O   1 
ATOM   330  C CB  . ASN A 1 43  ? 10.341  13.024  3.755   1.00 13.03 ? 68   ASN A CB  1 
ATOM   331  C CG  . ASN A 1 43  ? 9.070   13.799  3.981   1.00 12.70 ? 68   ASN A CG  1 
ATOM   332  O OD1 . ASN A 1 43  ? 8.925   14.463  5.000   1.00 13.14 ? 68   ASN A OD1 1 
ATOM   333  N ND2 . ASN A 1 43  ? 8.142   13.736  3.020   1.00 14.43 ? 68   ASN A ND2 1 
ATOM   334  N N   . ASP A 1 44  ? 11.862  13.818  6.234   1.00 13.44 ? 69   ASP A N   1 
ATOM   335  C CA  . ASP A 1 44  ? 12.201  14.489  7.489   1.00 13.69 ? 69   ASP A CA  1 
ATOM   336  C C   . ASP A 1 44  ? 11.138  15.459  8.009   1.00 13.69 ? 69   ASP A C   1 
ATOM   337  O O   . ASP A 1 44  ? 11.332  16.080  9.061   1.00 15.51 ? 69   ASP A O   1 
ATOM   338  C CB  . ASP A 1 44  ? 13.587  15.141  7.423   1.00 13.94 ? 69   ASP A CB  1 
ATOM   339  C CG  . ASP A 1 44  ? 13.658  16.317  6.487   1.00 15.14 ? 69   ASP A CG  1 
ATOM   340  O OD1 . ASP A 1 44  ? 12.666  16.654  5.806   1.00 17.39 ? 69   ASP A OD1 1 
ATOM   341  O OD2 . ASP A 1 44  ? 14.716  16.972  6.384   1.00 18.88 ? 69   ASP A OD2 1 
ATOM   342  N N   . GLU A 1 45  ? 10.025  15.585  7.291   1.00 12.68 ? 70   GLU A N   1 
ATOM   343  C CA  . GLU A 1 45  ? 8.921   16.408  7.754   1.00 12.98 ? 70   GLU A CA  1 
ATOM   344  C C   . GLU A 1 45  ? 7.668   15.623  8.124   1.00 12.96 ? 70   GLU A C   1 
ATOM   345  O O   . GLU A 1 45  ? 6.918   16.054  8.990   1.00 14.72 ? 70   GLU A O   1 
ATOM   346  C CB  . GLU A 1 45  ? 8.590   17.474  6.715   1.00 12.77 ? 70   GLU A CB  1 
ATOM   347  C CG  . GLU A 1 45  ? 9.747   18.446  6.546   1.00 13.19 ? 70   GLU A CG  1 
ATOM   348  C CD  . GLU A 1 45  ? 9.464   19.556  5.558   1.00 14.30 ? 70   GLU A CD  1 
ATOM   349  O OE1 . GLU A 1 45  ? 8.435   19.483  4.877   1.00 15.60 ? 70   GLU A OE1 1 
ATOM   350  O OE2 . GLU A 1 45  ? 10.272  20.500  5.457   1.00 17.59 ? 70   GLU A OE2 1 
ATOM   351  N N   . ASN A 1 46  ? 7.426   14.479  7.492   1.00 13.05 ? 71   ASN A N   1 
ATOM   352  C CA  . ASN A 1 46  ? 6.212   13.740  7.782   1.00 13.94 ? 71   ASN A CA  1 
ATOM   353  C C   . ASN A 1 46  ? 6.209   12.347  7.224   1.00 13.38 ? 71   ASN A C   1 
ATOM   354  O O   . ASN A 1 46  ? 7.103   11.947  6.499   1.00 14.76 ? 71   ASN A O   1 
ATOM   355  C CB  . ASN A 1 46  ? 5.024   14.469  7.201   1.00 15.23 ? 71   ASN A CB  1 
ATOM   356  C CG  . ASN A 1 46  ? 5.117   14.594  5.712   1.00 17.29 ? 71   ASN A CG  1 
ATOM   357  O OD1 . ASN A 1 46  ? 5.275   13.603  4.991   1.00 20.46 ? 71   ASN A OD1 1 
ATOM   358  N ND2 . ASN A 1 46  ? 5.032   15.823  5.229   1.00 19.92 ? 71   ASN A ND2 1 
ATOM   359  N N   . ILE A 1 47  ? 5.162   11.626  7.586   1.00 12.92 ? 72   ILE A N   1 
ATOM   360  C CA  . ILE A 1 47  ? 4.911   10.279  7.114   1.00 12.49 ? 72   ILE A CA  1 
ATOM   361  C C   . ILE A 1 47  ? 3.563   10.263  6.415   1.00 11.66 ? 72   ILE A C   1 
ATOM   362  O O   . ILE A 1 47  ? 2.602   10.837  6.915   1.00 12.30 ? 72   ILE A O   1 
ATOM   363  C CB  . ILE A 1 47  ? 4.884   9.295   8.303   1.00 13.18 ? 72   ILE A CB  1 
ATOM   364  C CG1 . ILE A 1 47  ? 6.242   9.264   9.005   1.00 14.97 ? 72   ILE A CG1 1 
ATOM   365  C CG2 . ILE A 1 47  ? 4.510   7.889   7.828   1.00 13.10 ? 72   ILE A CG2 1 
ATOM   366  C CD1 . ILE A 1 47  ? 6.218   8.533   10.332  1.00 16.14 ? 72   ILE A CD1 1 
ATOM   367  N N   . THR A 1 48  ? 3.485   9.597   5.268   1.00 11.35 ? 73   THR A N   1 
ATOM   368  C CA  . THR A 1 48  ? 2.202   9.428   4.593   1.00 10.68 ? 73   THR A CA  1 
ATOM   369  C C   . THR A 1 48  ? 1.960   7.979   4.244   1.00 9.86  ? 73   THR A C   1 
ATOM   370  O O   . THR A 1 48  ? 2.898   7.191   4.099   1.00 10.22 ? 73   THR A O   1 
ATOM   371  C CB  . THR A 1 48  ? 2.114   10.245  3.288   1.00 11.42 ? 73   THR A CB  1 
ATOM   372  O OG1 . THR A 1 48  ? 3.198   9.891   2.417   1.00 12.51 ? 73   THR A OG1 1 
ATOM   373  C CG2 . THR A 1 48  ? 2.219   11.737  3.550   1.00 12.15 ? 73   THR A CG2 1 
ATOM   374  N N   . LEU A 1 49  ? 0.686   7.649   4.093   1.00 9.20  ? 74   LEU A N   1 
ATOM   375  C CA  . LEU A 1 49  ? 0.254   6.356   3.595   1.00 8.59  ? 74   LEU A CA  1 
ATOM   376  C C   . LEU A 1 49  ? -0.698  6.616   2.439   1.00 8.58  ? 74   LEU A C   1 
ATOM   377  O O   . LEU A 1 49  ? -1.693  7.326   2.585   1.00 8.96  ? 74   LEU A O   1 
ATOM   378  C CB  . LEU A 1 49  ? -0.459  5.556   4.677   1.00 8.99  ? 74   LEU A CB  1 
ATOM   379  C CG  . LEU A 1 49  ? -0.888  4.167   4.203   1.00 9.46  ? 74   LEU A CG  1 
ATOM   380  C CD1 . LEU A 1 49  ? 0.313   3.318   3.901   1.00 9.96  ? 74   LEU A CD1 1 
ATOM   381  C CD2 . LEU A 1 49  ? -1.760  3.498   5.244   1.00 10.59 ? 74   LEU A CD2 1 
ATOM   382  N N   . GLU A 1 50  ? -0.389  6.016   1.296   1.00 8.10  ? 75   GLU A N   1 
ATOM   383  C CA  . GLU A 1 50  ? -1.226  6.090   0.108   1.00 8.22  ? 75   GLU A CA  1 
ATOM   384  C C   . GLU A 1 50  ? -1.972  4.774   -0.055  1.00 8.10  ? 75   GLU A C   1 
ATOM   385  O O   . GLU A 1 50  ? -1.362  3.705   0.010   1.00 8.47  ? 75   GLU A O   1 
ATOM   386  C CB  . GLU A 1 50  ? -0.344  6.318   -1.118  1.00 8.51  ? 75   GLU A CB  1 
ATOM   387  C CG  . GLU A 1 50  ? -1.135  6.406   -2.414  1.00 9.36  ? 75   GLU A CG  1 
ATOM   388  C CD  . GLU A 1 50  ? -0.288  6.473   -3.665  1.00 9.90  ? 75   GLU A CD  1 
ATOM   389  O OE1 . GLU A 1 50  ? 0.929   6.234   -3.591  1.00 10.76 ? 75   GLU A OE1 1 
ATOM   390  O OE2 . GLU A 1 50  ? -0.863  6.744   -4.742  1.00 12.11 ? 75   GLU A OE2 1 
ATOM   391  N N   . THR A 1 51  ? -3.281  4.848   -0.268  1.00 7.78  ? 76   THR A N   1 
ATOM   392  C CA  . THR A 1 51  ? -4.084  3.666   -0.536  1.00 8.03  ? 76   THR A CA  1 
ATOM   393  C C   . THR A 1 51  ? -4.865  3.891   -1.824  1.00 8.13  ? 76   THR A C   1 
ATOM   394  O O   . THR A 1 51  ? -5.583  4.887   -1.971  1.00 8.93  ? 76   THR A O   1 
ATOM   395  C CB  . THR A 1 51  ? -5.062  3.357   0.618   1.00 8.53  ? 76   THR A CB  1 
ATOM   396  O OG1 . THR A 1 51  ? -5.772  4.545   1.030   1.00 8.68  ? 76   THR A OG1 1 
ATOM   397  C CG2 . THR A 1 51  ? -4.320  2.797   1.833   1.00 8.60  ? 76   THR A CG2 1 
ATOM   398  N N   . VAL A 1 52  ? -4.719  2.964   -2.769  1.00 7.96  ? 77   VAL A N   1 
ATOM   399  C CA  . VAL A 1 52  ? -5.428  3.043   -4.042  1.00 8.33  ? 77   VAL A CA  1 
ATOM   400  C C   . VAL A 1 52  ? -5.765  1.643   -4.556  1.00 8.03  ? 77   VAL A C   1 
ATOM   401  O O   . VAL A 1 52  ? -5.257  0.631   -4.065  1.00 8.56  ? 77   VAL A O   1 
ATOM   402  C CB  . VAL A 1 52  ? -4.591  3.757   -5.151  1.00 8.98  ? 77   VAL A CB  1 
ATOM   403  C CG1 . VAL A 1 52  ? -4.273  5.194   -4.761  1.00 9.42  ? 77   VAL A CG1 1 
ATOM   404  C CG2 . VAL A 1 52  ? -3.327  2.964   -5.497  1.00 9.33  ? 77   VAL A CG2 1 
ATOM   405  N N   . CYS A 1 53  ? -6.654  1.624   -5.545  1.00 8.55  ? 78   CYS A N   1 
ATOM   406  C CA  . CYS A 1 53  ? -6.791  0.512   -6.474  1.00 8.76  ? 78   CYS A CA  1 
ATOM   407  C C   . CYS A 1 53  ? -5.786  0.717   -7.608  1.00 9.32  ? 78   CYS A C   1 
ATOM   408  O O   . CYS A 1 53  ? -5.534  1.855   -8.009  1.00 10.08 ? 78   CYS A O   1 
ATOM   409  C CB  . CYS A 1 53  ? -8.173  0.551   -7.133  1.00 9.96  ? 78   CYS A CB  1 
ATOM   410  S SG  . CYS A 1 53  ? -9.552  0.141   -6.057  1.00 11.05 ? 78   CYS A SG  1 
ATOM   411  N N   . HIS A 1 54  ? -5.257  -0.366  -8.176  1.00 8.60  ? 79   HIS A N   1 
ATOM   412  C CA  . HIS A 1 54  ? -4.352  -0.242  -9.308  1.00 9.00  ? 79   HIS A CA  1 
ATOM   413  C C   . HIS A 1 54  ? -4.326  -1.519  -10.130 1.00 8.82  ? 79   HIS A C   1 
ATOM   414  O O   . HIS A 1 54  ? -4.370  -2.611  -9.580  1.00 9.28  ? 79   HIS A O   1 
ATOM   415  C CB  . HIS A 1 54  ? -2.928  0.064   -8.832  1.00 9.49  ? 79   HIS A CB  1 
ATOM   416  C CG  . HIS A 1 54  ? -2.018  0.452   -9.948  1.00 10.09 ? 79   HIS A CG  1 
ATOM   417  N ND1 . HIS A 1 54  ? -1.073  -0.383  -10.506 1.00 12.73 ? 79   HIS A ND1 1 
ATOM   418  C CD2 . HIS A 1 54  ? -1.972  1.600   -10.656 1.00 11.02 ? 79   HIS A CD2 1 
ATOM   419  C CE1 . HIS A 1 54  ? -0.475  0.249   -11.501 1.00 11.13 ? 79   HIS A CE1 1 
ATOM   420  N NE2 . HIS A 1 54  ? -0.993  1.455   -11.605 1.00 14.45 ? 79   HIS A NE2 1 
ATOM   421  N N   . ASP A 1 55  ? -4.247  -1.371  -11.448 1.00 9.13  ? 80   ASP A N   1 
ATOM   422  C CA  . ASP A 1 55  ? -4.147  -2.496  -12.375 1.00 9.67  ? 80   ASP A CA  1 
ATOM   423  C C   . ASP A 1 55  ? -2.702  -2.977  -12.384 1.00 9.74  ? 80   ASP A C   1 
ATOM   424  O O   . ASP A 1 55  ? -1.816  -2.238  -12.808 1.00 10.25 ? 80   ASP A O   1 
ATOM   425  C CB  . ASP A 1 55  ? -4.556  -2.010  -13.757 1.00 10.31 ? 80   ASP A CB  1 
ATOM   426  C CG  . ASP A 1 55  ? -4.519  -3.086  -14.802 1.00 11.38 ? 80   ASP A CG  1 
ATOM   427  O OD1 . ASP A 1 55  ? -3.899  -4.141  -14.581 1.00 11.55 ? 80   ASP A OD1 1 
ATOM   428  O OD2 . ASP A 1 55  ? -5.118  -2.937  -15.880 1.00 13.07 ? 80   ASP A OD2 1 
ATOM   429  N N   . PRO A 1 56  ? -2.449  -4.197  -11.931 1.00 10.38 ? 81   PRO A N   1 
ATOM   430  C CA  . PRO A 1 56  ? -1.068  -4.680  -11.805 1.00 11.33 ? 81   PRO A CA  1 
ATOM   431  C C   . PRO A 1 56  ? -0.365  -4.935  -13.137 1.00 11.79 ? 81   PRO A C   1 
ATOM   432  O O   . PRO A 1 56  ? 0.835   -5.212  -13.121 1.00 12.71 ? 81   PRO A O   1 
ATOM   433  C CB  . PRO A 1 56  ? -1.222  -5.961  -10.995 1.00 12.49 ? 81   PRO A CB  1 
ATOM   434  C CG  . PRO A 1 56  ? -2.588  -6.428  -11.290 1.00 12.23 ? 81   PRO A CG  1 
ATOM   435  C CD  . PRO A 1 56  ? -3.428  -5.216  -11.514 1.00 10.80 ? 81   PRO A CD  1 
ATOM   436  N N   . LYS A 1 57  ? -1.067  -4.829  -14.263 1.00 11.53 ? 82   LYS A N   1 
ATOM   437  C CA  . LYS A 1 57  ? -0.388  -4.879  -15.555 1.00 12.39 ? 82   LYS A CA  1 
ATOM   438  C C   . LYS A 1 57  ? 0.302   -3.541  -15.863 1.00 11.95 ? 82   LYS A C   1 
ATOM   439  O O   . LYS A 1 57  ? 1.034   -3.444  -16.845 1.00 13.39 ? 82   LYS A O   1 
ATOM   440  C CB  . LYS A 1 57  ? -1.358  -5.223  -16.683 1.00 12.56 ? 82   LYS A CB  1 
ATOM   441  C CG  . LYS A 1 57  ? -1.703  -6.686  -16.744 1.00 14.16 ? 82   LYS A CG  1 
ATOM   442  C CD  . LYS A 1 57  ? -2.693  -6.985  -17.842 1.00 15.25 ? 82   LYS A CD  1 
ATOM   443  C CE  . LYS A 1 57  ? -3.088  -8.449  -17.842 1.00 16.46 ? 82   LYS A CE  1 
ATOM   444  N NZ  . LYS A 1 57  ? -4.232  -8.745  -18.752 1.00 17.79 ? 82   LYS A NZ  1 
ATOM   445  N N   . LEU A 1 58  ? 0.078   -2.523  -15.033 1.00 11.61 ? 83   LEU A N   1 
ATOM   446  C CA  . LEU A 1 58  ? 0.671   -1.198  -15.241 1.00 12.16 ? 83   LEU A CA  1 
ATOM   447  C C   . LEU A 1 58  ? 1.625   -0.901  -14.100 1.00 11.56 ? 83   LEU A C   1 
ATOM   448  O O   . LEU A 1 58  ? 1.324   -1.217  -12.951 1.00 11.98 ? 83   LEU A O   1 
ATOM   449  C CB  . LEU A 1 58  ? -0.415  -0.121  -15.231 1.00 12.61 ? 83   LEU A CB  1 
ATOM   450  C CG  . LEU A 1 58  ? -1.355  -0.002  -16.421 1.00 15.95 ? 83   LEU A CG  1 
ATOM   451  C CD1 . LEU A 1 58  ? -1.990  -1.302  -16.740 1.00 17.31 ? 83   LEU A CD1 1 
ATOM   452  C CD2 . LEU A 1 58  ? -2.427  1.040   -16.171 1.00 17.59 ? 83   LEU A CD2 1 
ATOM   453  N N   . PRO A 1 59  ? 2.749   -0.246  -14.361 1.00 12.05 ? 84   PRO A N   1 
ATOM   454  C CA  . PRO A 1 59  ? 3.654   0.097   -13.264 1.00 11.99 ? 84   PRO A CA  1 
ATOM   455  C C   . PRO A 1 59  ? 2.993   1.130   -12.343 1.00 11.27 ? 84   PRO A C   1 
ATOM   456  O O   . PRO A 1 59  ? 2.028   1.808   -12.717 1.00 11.96 ? 84   PRO A O   1 
ATOM   457  C CB  . PRO A 1 59  ? 4.871   0.686   -13.986 1.00 12.65 ? 84   PRO A CB  1 
ATOM   458  C CG  . PRO A 1 59  ? 4.301   1.233   -15.241 1.00 13.69 ? 84   PRO A CG  1 
ATOM   459  C CD  . PRO A 1 59  ? 3.246   0.243   -15.660 1.00 12.56 ? 84   PRO A CD  1 
ATOM   460  N N   . TYR A 1 60  ? 3.512   1.220   -11.124 1.00 10.79 ? 85   TYR A N   1 
ATOM   461  C CA  . TYR A 1 60  ? 3.065   2.218   -10.165 1.00 10.61 ? 85   TYR A CA  1 
ATOM   462  C C   . TYR A 1 60  ? 4.302   2.728   -9.437  1.00 9.98  ? 85   TYR A C   1 
ATOM   463  O O   . TYR A 1 60  ? 5.093   1.943   -8.921  1.00 10.19 ? 85   TYR A O   1 
ATOM   464  C CB  . TYR A 1 60  ? 2.060   1.648   -9.169  1.00 11.10 ? 85   TYR A CB  1 
ATOM   465  C CG  . TYR A 1 60  ? 1.176   2.721   -8.561  1.00 11.17 ? 85   TYR A CG  1 
ATOM   466  C CD1 . TYR A 1 60  ? 0.482   3.592   -9.381  1.00 13.19 ? 85   TYR A CD1 1 
ATOM   467  C CD2 . TYR A 1 60  ? 1.077   2.890   -7.190  1.00 11.38 ? 85   TYR A CD2 1 
ATOM   468  C CE1 . TYR A 1 60  ? -0.326  4.565   -8.860  1.00 14.04 ? 85   TYR A CE1 1 
ATOM   469  C CE2 . TYR A 1 60  ? 0.264   3.875   -6.653  1.00 11.62 ? 85   TYR A CE2 1 
ATOM   470  C CZ  . TYR A 1 60  ? -0.428  4.715   -7.494  1.00 13.16 ? 85   TYR A CZ  1 
ATOM   471  O OH  . TYR A 1 60  ? -1.245  5.707   -7.012  1.00 15.46 ? 85   TYR A OH  1 
ATOM   472  N N   . HIS A 1 61  ? 4.477   4.042   -9.416  1.00 10.03 ? 86   HIS A N   1 
ATOM   473  C CA  . HIS A 1 61  ? 5.683   4.657   -8.847  1.00 10.52 ? 86   HIS A CA  1 
ATOM   474  C C   . HIS A 1 61  ? 6.954   4.094   -9.476  1.00 10.64 ? 86   HIS A C   1 
ATOM   475  O O   . HIS A 1 61  ? 7.991   3.992   -8.823  1.00 11.65 ? 86   HIS A O   1 
ATOM   476  C CB  . HIS A 1 61  ? 5.727   4.510   -7.325  1.00 10.75 ? 86   HIS A CB  1 
ATOM   477  C CG  . HIS A 1 61  ? 4.655   5.271   -6.625  1.00 10.76 ? 86   HIS A CG  1 
ATOM   478  N ND1 . HIS A 1 61  ? 4.585   6.644   -6.645  1.00 14.64 ? 86   HIS A ND1 1 
ATOM   479  C CD2 . HIS A 1 61  ? 3.619   4.851   -5.866  1.00 11.16 ? 86   HIS A CD2 1 
ATOM   480  C CE1 . HIS A 1 61  ? 3.538   7.036   -5.941  1.00 14.50 ? 86   HIS A CE1 1 
ATOM   481  N NE2 . HIS A 1 61  ? 2.927   5.966   -5.467  1.00 11.67 ? 86   HIS A NE2 1 
ATOM   482  N N   . ASP A 1 62  ? 6.862   3.752   -10.756 1.00 11.07 ? 87   ASP A N   1 
ATOM   483  C CA  . ASP A 1 62  ? 7.976   3.199   -11.544 1.00 11.21 ? 87   ASP A CA  1 
ATOM   484  C C   . ASP A 1 62  ? 8.371   1.782   -11.154 1.00 10.83 ? 87   ASP A C   1 
ATOM   485  O O   . ASP A 1 62  ? 9.485   1.345   -11.469 1.00 11.59 ? 87   ASP A O   1 
ATOM   486  C CB  . ASP A 1 62  ? 9.230   4.080   -11.515 1.00 12.58 ? 87   ASP A CB  1 
ATOM   487  C CG  . ASP A 1 62  ? 8.967   5.489   -11.947 1.00 14.78 ? 87   ASP A CG  1 
ATOM   488  O OD1 . ASP A 1 62  ? 8.078   5.716   -12.798 1.00 17.04 ? 87   ASP A OD1 1 
ATOM   489  O OD2 . ASP A 1 62  ? 9.641   6.437   -11.507 1.00 20.36 ? 87   ASP A OD2 1 
ATOM   490  N N   . PHE A 1 63  ? 7.459   1.053   -10.516 1.00 10.73 ? 88   PHE A N   1 
ATOM   491  C CA  . PHE A 1 63  ? 7.702   -0.335  -10.154 1.00 11.18 ? 88   PHE A CA  1 
ATOM   492  C C   . PHE A 1 63  ? 6.555   -1.222  -10.637 1.00 11.54 ? 88   PHE A C   1 
ATOM   493  O O   . PHE A 1 63  ? 5.423   -0.756  -10.824 1.00 12.92 ? 88   PHE A O   1 
ATOM   494  C CB  . PHE A 1 63  ? 7.834   -0.479  -8.634  1.00 11.68 ? 88   PHE A CB  1 
ATOM   495  C CG  . PHE A 1 63  ? 8.896   0.403   -8.027  1.00 12.73 ? 88   PHE A CG  1 
ATOM   496  C CD1 . PHE A 1 63  ? 10.222  0.266   -8.385  1.00 14.11 ? 88   PHE A CD1 1 
ATOM   497  C CD2 . PHE A 1 63  ? 8.559   1.366   -7.091  1.00 13.68 ? 88   PHE A CD2 1 
ATOM   498  C CE1 . PHE A 1 63  ? 11.187  1.079   -7.813  1.00 13.31 ? 88   PHE A CE1 1 
ATOM   499  C CE2 . PHE A 1 63  ? 9.515   2.169   -6.527  1.00 14.40 ? 88   PHE A CE2 1 
ATOM   500  C CZ  . PHE A 1 63  ? 10.824  2.032   -6.896  1.00 14.02 ? 88   PHE A CZ  1 
ATOM   501  N N   . ILE A 1 64  ? 6.840   -2.504  -10.840 1.00 11.46 ? 89   ILE A N   1 
ATOM   502  C CA  . ILE A 1 64  ? 5.793   -3.475  -11.119 1.00 11.94 ? 89   ILE A CA  1 
ATOM   503  C C   . ILE A 1 64  ? 5.333   -4.081  -9.787  1.00 11.84 ? 89   ILE A C   1 
ATOM   504  O O   . ILE A 1 64  ? 6.137   -4.359  -8.897  1.00 13.06 ? 89   ILE A O   1 
ATOM   505  C CB  . ILE A 1 64  ? 6.287   -4.563  -12.083 1.00 12.47 ? 89   ILE A CB  1 
ATOM   506  C CG1 . ILE A 1 64  ? 6.496   -3.979  -13.476 1.00 14.10 ? 89   ILE A CG1 1 
ATOM   507  C CG2 . ILE A 1 64  ? 5.330   -5.741  -12.120 1.00 12.74 ? 89   ILE A CG2 1 
ATOM   508  C CD1 . ILE A 1 64  ? 5.283   -3.483  -14.168 1.00 15.76 ? 89   ILE A CD1 1 
ATOM   509  N N   . LEU A 1 65  ? 4.027   -4.261  -9.654  1.00 11.81 ? 90   LEU A N   1 
ATOM   510  C CA  . LEU A 1 65  ? 3.430   -4.882  -8.474  1.00 12.48 ? 90   LEU A CA  1 
ATOM   511  C C   . LEU A 1 65  ? 3.559   -6.394  -8.582  1.00 13.23 ? 90   LEU A C   1 
ATOM   512  O O   . LEU A 1 65  ? 2.601   -7.101  -8.898  1.00 14.36 ? 90   LEU A O   1 
ATOM   513  C CB  . LEU A 1 65  ? 1.961   -4.502  -8.374  1.00 12.19 ? 90   LEU A CB  1 
ATOM   514  C CG  . LEU A 1 65  ? 1.677   -3.010  -8.258  1.00 13.60 ? 90   LEU A CG  1 
ATOM   515  C CD1 . LEU A 1 65  ? 0.181   -2.794  -8.151  1.00 13.66 ? 90   LEU A CD1 1 
ATOM   516  C CD2 . LEU A 1 65  ? 2.383   -2.372  -7.070  1.00 14.71 ? 90   LEU A CD2 1 
ATOM   517  N N   . GLU A 1 66  ? 4.756   -6.881  -8.297  1.00 14.47 ? 91   GLU A N   1 
ATOM   518  C CA  . GLU A 1 66  ? 5.058   -8.295  -8.469  1.00 15.68 ? 91   GLU A CA  1 
ATOM   519  C C   . GLU A 1 66  ? 4.333   -9.163  -7.434  1.00 15.39 ? 91   GLU A C   1 
ATOM   520  O O   . GLU A 1 66  ? 4.203   -10.374 -7.610  1.00 17.01 ? 91   GLU A O   1 
ATOM   521  C CB  . GLU A 1 66  ? 6.576   -8.524  -8.383  1.00 16.08 ? 91   GLU A CB  1 
ATOM   522  C CG  . GLU A 1 66  ? 7.441   -7.571  -9.209  1.00 17.41 ? 91   GLU A CG  1 
ATOM   523  C CD  . GLU A 1 66  ? 7.653   -7.989  -10.657 1.00 18.37 ? 91   GLU A CD  1 
ATOM   524  O OE1 . GLU A 1 66  ? 7.021   -8.962  -11.119 1.00 20.85 ? 91   GLU A OE1 1 
ATOM   525  O OE2 . GLU A 1 66  ? 8.465   -7.327  -11.341 1.00 19.22 ? 91   GLU A OE2 1 
ATOM   526  N N   . ASP A 1 67  ? 3.841   -8.543  -6.360  1.00 14.85 ? 92   ASP A N   1 
ATOM   527  C CA  . ASP A 1 67  ? 3.170   -9.256  -5.275  1.00 14.78 ? 92   ASP A CA  1 
ATOM   528  C C   . ASP A 1 67  ? 1.643   -9.216  -5.337  1.00 14.71 ? 92   ASP A C   1 
ATOM   529  O O   . ASP A 1 67  ? 0.964   -9.572  -4.369  1.00 14.74 ? 92   ASP A O   1 
ATOM   530  C CB  . ASP A 1 67  ? 3.635   -8.696  -3.920  1.00 14.48 ? 92   ASP A CB  1 
ATOM   531  C CG  . ASP A 1 67  ? 3.339   -7.210  -3.742  1.00 13.38 ? 92   ASP A CG  1 
ATOM   532  O OD1 . ASP A 1 67  ? 3.121   -6.480  -4.753  1.00 12.86 ? 92   ASP A OD1 1 
ATOM   533  O OD2 . ASP A 1 67  ? 3.334   -6.708  -2.587  1.00 12.63 ? 92   ASP A OD2 1 
ATOM   534  N N   . ALA A 1 68  ? 1.102   -8.823  -6.485  1.00 14.88 ? 93   ALA A N   1 
ATOM   535  C CA  . ALA A 1 68  ? -0.333  -8.603  -6.617  1.00 15.47 ? 93   ALA A CA  1 
ATOM   536  C C   . ALA A 1 68  ? -1.213  -9.792  -6.249  1.00 15.87 ? 93   ALA A C   1 
ATOM   537  O O   . ALA A 1 68  ? -2.353  -9.602  -5.841  1.00 17.03 ? 93   ALA A O   1 
ATOM   538  C CB  . ALA A 1 68  ? -0.658  -8.119  -8.022  1.00 15.48 ? 93   ALA A CB  1 
ATOM   539  N N   . ALA A 1 69  ? -0.690  -11.009 -6.390  1.00 16.29 ? 94   ALA A N   1 
ATOM   540  C CA  . ALA A 1 69  ? -1.457  -12.215 -6.091  1.00 16.63 ? 94   ALA A CA  1 
ATOM   541  C C   . ALA A 1 69  ? -1.600  -12.508 -4.595  1.00 16.54 ? 94   ALA A C   1 
ATOM   542  O O   . ALA A 1 69  ? -2.430  -13.324 -4.196  1.00 17.42 ? 94   ALA A O   1 
ATOM   543  C CB  . ALA A 1 69  ? -0.829  -13.425 -6.805  1.00 16.97 ? 94   ALA A CB  1 
ATOM   544  N N   . SER A 1 70  ? -0.804  -11.843 -3.770  1.00 15.88 ? 95   SER A N   1 
ATOM   545  C CA  . SER A 1 70  ? -0.837  -12.072 -2.329  1.00 15.37 ? 95   SER A CA  1 
ATOM   546  C C   . SER A 1 70  ? -2.147  -11.605 -1.691  1.00 14.64 ? 95   SER A C   1 
ATOM   547  O O   . SER A 1 70  ? -2.649  -10.546 -2.050  1.00 14.42 ? 95   SER A O   1 
ATOM   548  C CB  . SER A 1 70  ? 0.322   -11.313 -1.680  1.00 15.51 ? 95   SER A CB  1 
ATOM   549  O OG  . SER A 1 70  ? 0.346   -11.497 -0.277  1.00 16.80 ? 95   SER A OG  1 
ATOM   550  N N   . PRO A 1 71  ? -2.709  -12.371 -0.751  1.00 13.54 ? 96   PRO A N   1 
ATOM   551  C CA  . PRO A 1 71  ? -3.903  -11.903 -0.037  1.00 13.43 ? 96   PRO A CA  1 
ATOM   552  C C   . PRO A 1 71  ? -3.568  -10.827 1.008   1.00 13.19 ? 96   PRO A C   1 
ATOM   553  O O   . PRO A 1 71  ? -4.459  -10.092 1.433   1.00 14.23 ? 96   PRO A O   1 
ATOM   554  C CB  . PRO A 1 71  ? -4.412  -13.171 0.643   1.00 13.98 ? 96   PRO A CB  1 
ATOM   555  C CG  . PRO A 1 71  ? -3.168  -13.932 0.889   1.00 14.73 ? 96   PRO A CG  1 
ATOM   556  C CD  . PRO A 1 71  ? -2.338  -13.746 -0.354  1.00 14.64 ? 96   PRO A CD  1 
ATOM   557  N N   . THR A 1 72  ? -2.299  -10.736 1.406   1.00 12.67 ? 97   THR A N   1 
ATOM   558  C CA  . THR A 1 72  ? -1.864  -9.796  2.428   1.00 12.61 ? 97   THR A CA  1 
ATOM   559  C C   . THR A 1 72  ? -0.903  -8.784  1.827   1.00 11.02 ? 97   THR A C   1 
ATOM   560  O O   . THR A 1 72  ? -0.186  -9.074  0.868   1.00 11.97 ? 97   THR A O   1 
ATOM   561  C CB  . THR A 1 72  ? -1.157  -10.545 3.561   1.00 13.76 ? 97   THR A CB  1 
ATOM   562  O OG1 . THR A 1 72  ? -0.071  -11.287 3.007   1.00 17.44 ? 97   THR A OG1 1 
ATOM   563  C CG2 . THR A 1 72  ? -2.074  -11.568 4.200   1.00 15.75 ? 97   THR A CG2 1 
ATOM   564  N N   . CYS A 1 73  ? -0.877  -7.600  2.424   1.00 10.72 ? 98   CYS A N   1 
ATOM   565  C CA  . CYS A 1 73  ? -0.037  -6.501  1.974   1.00 9.87  ? 98   CYS A CA  1 
ATOM   566  C C   . CYS A 1 73  ? 1.261   -6.495  2.793   1.00 9.96  ? 98   CYS A C   1 
ATOM   567  O O   . CYS A 1 73  ? 1.304   -5.983  3.913   1.00 10.38 ? 98   CYS A O   1 
ATOM   568  C CB  . CYS A 1 73  ? -0.809  -5.178  2.116   1.00 9.56  ? 98   CYS A CB  1 
ATOM   569  S SG  . CYS A 1 73  ? -0.477  -3.942  0.824   1.00 10.00 ? 98   CYS A SG  1 
ATOM   570  N N   . ILE A 1 74  ? 2.305   -7.089  2.215   1.00 10.47 ? 99   ILE A N   1 
ATOM   571  C CA  . ILE A 1 74  ? 3.607   -7.222  2.858   1.00 11.16 ? 99   ILE A CA  1 
ATOM   572  C C   . ILE A 1 74  ? 4.495   -6.108  2.333   1.00 10.92 ? 99   ILE A C   1 
ATOM   573  O O   . ILE A 1 74  ? 4.944   -6.137  1.192   1.00 12.16 ? 99   ILE A O   1 
ATOM   574  C CB  . ILE A 1 74  ? 4.256   -8.600  2.558   1.00 12.02 ? 99   ILE A CB  1 
ATOM   575  C CG1 . ILE A 1 74  ? 3.332   -9.752  2.966   1.00 12.84 ? 99   ILE A CG1 1 
ATOM   576  C CG2 . ILE A 1 74  ? 5.603   -8.703  3.246   1.00 13.30 ? 99   ILE A CG2 1 
ATOM   577  C CD1 . ILE A 1 74  ? 2.852   -9.710  4.398   1.00 13.59 ? 99   ILE A CD1 1 
ATOM   578  N N   . MET A 1 75  ? 4.735   -5.113  3.169   1.00 10.98 ? 100  MET A N   1 
ATOM   579  C CA  . MET A 1 75  ? 5.529   -3.961  2.791   1.00 11.62 ? 100  MET A CA  1 
ATOM   580  C C   . MET A 1 75  ? 6.985   -4.304  2.556   1.00 12.95 ? 100  MET A C   1 
ATOM   581  O O   . MET A 1 75  ? 7.614   -4.977  3.376   1.00 14.44 ? 100  MET A O   1 
ATOM   582  C CB  . MET A 1 75  ? 5.448   -2.916  3.895   1.00 11.94 ? 100  MET A CB  1 
ATOM   583  C CG  . MET A 1 75  ? 4.164   -2.149  3.892   1.00 12.14 ? 100  MET A CG  1 
ATOM   584  S SD  . MET A 1 75  ? 4.128   -1.096  2.425   1.00 12.71 ? 100  MET A SD  1 
ATOM   585  C CE  . MET A 1 75  ? 2.738   -0.067  2.792   1.00 11.71 ? 100  MET A CE  1 
ATOM   586  N N   . LYS A 1 76  ? 7.518   -3.819  1.440   1.00 13.28 ? 101  LYS A N   1 
ATOM   587  C CA  . LYS A 1 76  ? 8.921   -3.986  1.119   1.00 14.34 ? 101  LYS A CA  1 
ATOM   588  C C   . LYS A 1 76  ? 9.477   -2.649  0.664   1.00 13.84 ? 101  LYS A C   1 
ATOM   589  O O   . LYS A 1 76  ? 8.805   -1.876  -0.036  1.00 12.82 ? 101  LYS A O   1 
ATOM   590  C CB  . LYS A 1 76  ? 9.116   -5.052  0.055   1.00 15.13 ? 101  LYS A CB  1 
ATOM   591  C CG  . LYS A 1 76  ? 8.759   -6.444  0.531   1.00 17.64 ? 101  LYS A CG  1 
ATOM   592  C CD  . LYS A 1 76  ? 8.973   -7.464  -0.559  1.00 19.71 ? 101  LYS A CD  1 
ATOM   593  C CE  . LYS A 1 76  ? 8.741   -8.890  -0.221  0.00 25.68 ? 101  LYS A CE  1 
ATOM   594  N NZ  . LYS A 1 76  ? 9.039   -9.871  -1.303  0.00 27.00 ? 101  LYS A NZ  1 
ATOM   595  N N   . GLU A 1 77  ? 10.718  -2.392  1.065   1.00 14.77 ? 102  GLU A N   1 
ATOM   596  C CA  . GLU A 1 77  ? 11.360  -1.116  0.801   1.00 15.61 ? 102  GLU A CA  1 
ATOM   597  C C   . GLU A 1 77  ? 11.821  -0.967  -0.648  1.00 16.13 ? 102  GLU A C   1 
ATOM   598  O O   . GLU A 1 77  ? 12.303  -1.922  -1.266  1.00 16.43 ? 102  GLU A O   1 
ATOM   599  C CB  . GLU A 1 77  ? 12.558  -0.926  1.737   1.00 16.10 ? 102  GLU A CB  1 
ATOM   600  C CG  . GLU A 1 77  ? 13.126  0.477   1.672   1.00 17.58 ? 102  GLU A CG  1 
ATOM   601  C CD  . GLU A 1 77  ? 14.117  0.800   2.775   1.00 20.02 ? 102  GLU A CD  1 
ATOM   602  O OE1 . GLU A 1 77  ? 14.429  -0.077  3.609   1.00 22.97 ? 102  GLU A OE1 1 
ATOM   603  O OE2 . GLU A 1 77  ? 14.578  1.958   2.797   1.00 22.37 ? 102  GLU A OE2 1 
ATOM   604  N N   . LYS A 1 78  ? 11.666  0.249   -1.169  1.00 16.44 ? 103  LYS A N   1 
ATOM   605  C CA  . LYS A 1 78  ? 12.108  0.592   -2.521  1.00 18.14 ? 103  LYS A CA  1 
ATOM   606  C C   . LYS A 1 78  ? 13.092  1.734   -2.432  1.00 18.15 ? 103  LYS A C   1 
ATOM   607  O O   . LYS A 1 78  ? 13.089  2.509   -1.471  1.00 18.31 ? 103  LYS A O   1 
ATOM   608  C CB  . LYS A 1 78  ? 10.934  1.012   -3.406  1.00 18.88 ? 103  LYS A CB  1 
ATOM   609  C CG  . LYS A 1 78  ? 9.835   -0.019  -3.524  1.00 20.64 ? 103  LYS A CG  1 
ATOM   610  C CD  . LYS A 1 78  ? 10.131  -0.998  -4.635  1.00 22.43 ? 103  LYS A CD  1 
ATOM   611  C CE  . LYS A 1 78  ? 9.070   -2.009  -4.889  0.00 26.85 ? 103  LYS A CE  1 
ATOM   612  N NZ  . LYS A 1 78  ? 9.409   -2.950  -5.991  0.00 27.78 ? 103  LYS A NZ  1 
ATOM   613  N N   . LYS A 1 79  ? 13.946  1.822   -3.448  1.00 18.67 ? 104  LYS A N   1 
ATOM   614  C CA  . LYS A 1 79  ? 14.974  2.847   -3.522  1.00 18.92 ? 104  LYS A CA  1 
ATOM   615  C C   . LYS A 1 79  ? 14.408  4.140   -4.111  1.00 19.28 ? 104  LYS A C   1 
ATOM   616  O O   . LYS A 1 79  ? 14.019  4.180   -5.282  1.00 20.07 ? 104  LYS A O   1 
ATOM   617  C CB  . LYS A 1 79  ? 16.146  2.342   -4.371  1.00 18.79 ? 104  LYS A CB  1 
ATOM   618  C CG  . LYS A 1 79  ? 17.263  3.422   -4.411  0.00 24.62 ? 104  LYS A CG  1 
ATOM   619  C CD  . LYS A 1 79  ? 18.425  2.937   -5.259  0.00 25.91 ? 104  LYS A CD  1 
ATOM   620  C CE  . LYS A 1 79  ? 19.567  3.940   -5.248  0.00 26.70 ? 104  LYS A CE  1 
ATOM   621  N NZ  . LYS A 1 79  ? 19.144  5.275   -5.752  0.00 27.43 ? 104  LYS A NZ  1 
ATOM   622  N N   . LYS A 1 80  ? 14.349  5.181   -3.282  1.00 19.65 ? 105  LYS A N   1 
ATOM   623  C CA  . LYS A 1 80  ? 13.870  6.503   -3.683  1.00 20.36 ? 105  LYS A CA  1 
ATOM   624  C C   . LYS A 1 80  ? 14.672  7.560   -2.926  1.00 20.79 ? 105  LYS A C   1 
ATOM   625  O O   . LYS A 1 80  ? 14.991  7.371   -1.757  1.00 21.37 ? 105  LYS A O   1 
ATOM   626  C CB  . LYS A 1 80  ? 12.390  6.666   -3.337  1.00 20.41 ? 105  LYS A CB  1 
ATOM   627  C CG  . LYS A 1 80  ? 11.450  5.771   -4.123  1.00 20.80 ? 105  LYS A CG  1 
ATOM   628  C CD  . LYS A 1 80  ? 11.311  6.211   -5.572  1.00 20.36 ? 105  LYS A CD  1 
ATOM   629  C CE  . LYS A 1 80  ? 10.117  5.540   -6.241  1.00 21.35 ? 105  LYS A CE  1 
ATOM   630  N NZ  . LYS A 1 80  ? 10.086  5.726   -7.723  1.00 21.41 ? 105  LYS A NZ  1 
ATOM   631  N N   . PRO A 1 81  ? 15.008  8.668   -3.584  1.00 21.17 ? 106  PRO A N   1 
ATOM   632  C CA  . PRO A 1 81  ? 15.795  9.729   -2.947  1.00 21.18 ? 106  PRO A CA  1 
ATOM   633  C C   . PRO A 1 81  ? 15.033  10.599  -1.944  1.00 20.86 ? 106  PRO A C   1 
ATOM   634  O O   . PRO A 1 81  ? 13.869  10.923  -2.166  1.00 21.30 ? 106  PRO A O   1 
ATOM   635  C CB  . PRO A 1 81  ? 16.208  10.596  -4.138  1.00 21.43 ? 106  PRO A CB  1 
ATOM   636  C CG  . PRO A 1 81  ? 15.095  10.435  -5.086  1.00 21.71 ? 106  PRO A CG  1 
ATOM   637  C CD  . PRO A 1 81  ? 14.713  8.986   -4.993  1.00 21.46 ? 106  PRO A CD  1 
ATOM   638  N N   . GLY A 1 82  ? 15.701  10.972  -0.856  1.00 20.19 ? 107  GLY A N   1 
ATOM   639  C CA  . GLY A 1 82  ? 15.163  11.911  0.116   1.00 19.66 ? 107  GLY A CA  1 
ATOM   640  C C   . GLY A 1 82  ? 14.017  11.432  0.987   1.00 18.80 ? 107  GLY A C   1 
ATOM   641  O O   . GLY A 1 82  ? 13.354  12.237  1.641   1.00 19.23 ? 107  GLY A O   1 
ATOM   642  N N   . GLU A 1 83  ? 13.791  10.122  1.016   1.00 18.11 ? 108  GLU A N   1 
ATOM   643  C CA  . GLU A 1 83  ? 12.715  9.557   1.817   1.00 17.22 ? 108  GLU A CA  1 
ATOM   644  C C   . GLU A 1 83  ? 12.924  8.066   1.990   1.00 16.93 ? 108  GLU A C   1 
ATOM   645  O O   . GLU A 1 83  ? 13.747  7.460   1.297   1.00 17.52 ? 108  GLU A O   1 
ATOM   646  C CB  . GLU A 1 83  ? 11.361  9.782   1.133   1.00 17.07 ? 108  GLU A CB  1 
ATOM   647  C CG  . GLU A 1 83  ? 11.242  9.116   -0.230  1.00 16.78 ? 108  GLU A CG  1 
ATOM   648  C CD  . GLU A 1 83  ? 9.896   9.352   -0.896  1.00 16.04 ? 108  GLU A CD  1 
ATOM   649  O OE1 . GLU A 1 83  ? 8.880   9.481   -0.182  1.00 16.51 ? 108  GLU A OE1 1 
ATOM   650  O OE2 . GLU A 1 83  ? 9.848   9.395   -2.142  1.00 18.50 ? 108  GLU A OE2 1 
ATOM   651  N N   . THR A 1 84  ? 12.178  7.490   2.928   1.00 16.06 ? 109  THR A N   1 
ATOM   652  C CA  . THR A 1 84  ? 12.097  6.048   3.096   1.00 15.92 ? 109  THR A CA  1 
ATOM   653  C C   . THR A 1 84  ? 10.745  5.653   2.497   1.00 14.61 ? 109  THR A C   1 
ATOM   654  O O   . THR A 1 84  ? 9.729   6.243   2.833   1.00 15.58 ? 109  THR A O   1 
ATOM   655  C CB  . THR A 1 84  ? 12.201  5.679   4.568   1.00 15.98 ? 109  THR A CB  1 
ATOM   656  O OG1 . THR A 1 84  ? 13.489  6.073   5.065   1.00 19.10 ? 109  THR A OG1 1 
ATOM   657  C CG2 . THR A 1 84  ? 12.164  4.182   4.751   1.00 17.10 ? 109  THR A CG2 1 
ATOM   658  N N   . PHE A 1 85  ? 10.759  4.655   1.616   1.00 14.11 ? 110  PHE A N   1 
ATOM   659  C CA  . PHE A 1 85  ? 9.609   4.285   0.782   1.00 13.47 ? 110  PHE A CA  1 
ATOM   660  C C   . PHE A 1 85  ? 9.361   2.775   0.832   1.00 13.13 ? 110  PHE A C   1 
ATOM   661  O O   . PHE A 1 85  ? 10.252  1.989   0.503   1.00 13.73 ? 110  PHE A O   1 
ATOM   662  C CB  . PHE A 1 85  ? 9.953   4.737   -0.654  1.00 14.13 ? 110  PHE A CB  1 
ATOM   663  C CG  . PHE A 1 85  ? 8.852   4.565   -1.681  1.00 14.45 ? 110  PHE A CG  1 
ATOM   664  C CD1 . PHE A 1 85  ? 8.496   3.318   -2.140  1.00 14.82 ? 110  PHE A CD1 1 
ATOM   665  C CD2 . PHE A 1 85  ? 8.258   5.675   -2.271  1.00 15.82 ? 110  PHE A CD2 1 
ATOM   666  C CE1 . PHE A 1 85  ? 7.528   3.174   -3.120  1.00 14.56 ? 110  PHE A CE1 1 
ATOM   667  C CE2 . PHE A 1 85  ? 7.295   5.534   -3.258  1.00 15.90 ? 110  PHE A CE2 1 
ATOM   668  C CZ  . PHE A 1 85  ? 6.933   4.282   -3.678  1.00 15.09 ? 110  PHE A CZ  1 
ATOM   669  N N   . PHE A 1 86  ? 8.151   2.378   1.231   1.00 11.87 ? 111  PHE A N   1 
ATOM   670  C CA  . PHE A 1 86  ? 7.758   0.973   1.269   1.00 11.66 ? 111  PHE A CA  1 
ATOM   671  C C   . PHE A 1 86  ? 6.448   0.822   0.489   1.00 11.00 ? 111  PHE A C   1 
ATOM   672  O O   . PHE A 1 86  ? 5.583   1.705   0.535   1.00 11.20 ? 111  PHE A O   1 
ATOM   673  C CB  . PHE A 1 86  ? 7.519   0.507   2.709   1.00 11.79 ? 111  PHE A CB  1 
ATOM   674  C CG  . PHE A 1 86  ? 8.773   0.217   3.504   1.00 12.79 ? 111  PHE A CG  1 
ATOM   675  C CD1 . PHE A 1 86  ? 9.554   1.241   4.012   1.00 14.50 ? 111  PHE A CD1 1 
ATOM   676  C CD2 . PHE A 1 86  ? 9.131   -1.089  3.794   1.00 13.71 ? 111  PHE A CD2 1 
ATOM   677  C CE1 . PHE A 1 86  ? 10.683  0.960   4.774   1.00 15.56 ? 111  PHE A CE1 1 
ATOM   678  C CE2 . PHE A 1 86  ? 10.249  -1.374  4.558   1.00 15.59 ? 111  PHE A CE2 1 
ATOM   679  C CZ  . PHE A 1 86  ? 11.029  -0.349  5.040   1.00 16.24 ? 111  PHE A CZ  1 
ATOM   680  N N   . MET A 1 87  ? 6.276   -0.299  -0.199  1.00 10.46 ? 112  MET A N   1 
ATOM   681  C CA  . MET A 1 87  ? 5.043   -0.524  -0.963  1.00 10.65 ? 112  MET A CA  1 
ATOM   682  C C   . MET A 1 87  ? 4.646   -1.986  -0.898  1.00 10.20 ? 112  MET A C   1 
ATOM   683  O O   . MET A 1 87  ? 5.494   -2.865  -0.698  1.00 10.93 ? 112  MET A O   1 
ATOM   684  C CB  . MET A 1 87  ? 5.222   -0.066  -2.430  1.00 11.23 ? 112  MET A CB  1 
ATOM   685  C CG  . MET A 1 87  ? 3.989   -0.196  -3.361  1.00 12.85 ? 112  MET A CG  1 
ATOM   686  S SD  . MET A 1 87  ? 3.962   0.814   -4.890  1.00 15.09 ? 112  MET A SD  1 
ATOM   687  C CE  . MET A 1 87  ? 5.199   -0.009  -5.842  1.00 15.51 ? 112  MET A CE  1 
ATOM   688  N N   . CYS A 1 88  ? 3.352   -2.229  -1.044  1.00 9.53  ? 113  CYS A N   1 
ATOM   689  C CA  . CYS A 1 88  ? 2.814   -3.566  -1.158  1.00 9.71  ? 113  CYS A CA  1 
ATOM   690  C C   . CYS A 1 88  ? 1.551   -3.514  -1.994  1.00 9.43  ? 113  CYS A C   1 
ATOM   691  O O   . CYS A 1 88  ? 0.900   -2.470  -2.122  1.00 9.97  ? 113  CYS A O   1 
ATOM   692  C CB  . CYS A 1 88  ? 2.499   -4.183  0.220   1.00 9.76  ? 113  CYS A CB  1 
ATOM   693  S SG  . CYS A 1 88  ? 1.394   -3.234  1.288   1.00 10.36 ? 113  CYS A SG  1 
ATOM   694  N N   . SER A 1 89  ? 1.214   -4.656  -2.572  1.00 9.90  ? 114  SER A N   1 
ATOM   695  C CA  . SER A 1 89  ? -0.091  -4.822  -3.179  1.00 9.96  ? 114  SER A CA  1 
ATOM   696  C C   . SER A 1 89  ? -0.648  -6.168  -2.744  1.00 9.98  ? 114  SER A C   1 
ATOM   697  O O   . SER A 1 89  ? 0.066   -7.019  -2.209  1.00 10.79 ? 114  SER A O   1 
ATOM   698  C CB  . SER A 1 89  ? -0.062  -4.678  -4.696  1.00 10.43 ? 114  SER A CB  1 
ATOM   699  O OG  . SER A 1 89  ? 0.527   -5.794  -5.336  1.00 11.34 ? 114  SER A OG  1 
ATOM   700  N N   . CYS A 1 90  ? -1.942  -6.339  -2.956  1.00 9.74  ? 115  CYS A N   1 
ATOM   701  C CA  . CYS A 1 90  ? -2.622  -7.526  -2.488  1.00 10.04 ? 115  CYS A CA  1 
ATOM   702  C C   . CYS A 1 90  ? -4.002  -7.573  -3.107  1.00 10.20 ? 115  CYS A C   1 
ATOM   703  O O   . CYS A 1 90  ? -4.549  -6.552  -3.559  1.00 9.99  ? 115  CYS A O   1 
ATOM   704  C CB  . CYS A 1 90  ? -2.710  -7.507  -0.958  1.00 9.96  ? 115  CYS A CB  1 
ATOM   705  S SG  . CYS A 1 90  ? -3.490  -6.002  -0.287  1.00 8.98  ? 115  CYS A SG  1 
ATOM   706  N N   . SER A 1 91  ? -4.577  -8.772  -3.101  1.00 11.43 ? 116  SER A N   1 
ATOM   707  C CA  . SER A 1 91  ? -5.819  -8.998  -3.810  1.00 12.90 ? 116  SER A CA  1 
ATOM   708  C C   . SER A 1 91  ? -6.935  -9.645  -3.002  1.00 13.32 ? 116  SER A C   1 
ATOM   709  O O   . SER A 1 91  ? -7.676  -10.455 -3.542  1.00 15.67 ? 116  SER A O   1 
ATOM   710  C CB  . SER A 1 91  ? -5.540  -9.825  -5.078  1.00 14.16 ? 116  SER A CB  1 
ATOM   711  O OG  . SER A 1 91  ? -4.636  -10.890 -4.828  1.00 16.56 ? 116  SER A OG  1 
ATOM   712  N N   . SER A 1 92  ? -7.035  -9.328  -1.715  1.00 11.20 ? 117  SER A N   1 
ATOM   713  C CA  . SER A 1 92  ? -8.180  -9.728  -0.903  1.00 11.07 ? 117  SER A CA  1 
ATOM   714  C C   . SER A 1 92  ? -8.888  -8.461  -0.408  1.00 10.08 ? 117  SER A C   1 
ATOM   715  O O   . SER A 1 92  ? -8.321  -7.369  -0.401  1.00 9.59  ? 117  SER A O   1 
ATOM   716  C CB  . SER A 1 92  ? -7.778  -10.656 0.252   1.00 11.46 ? 117  SER A CB  1 
ATOM   717  O OG  . SER A 1 92  ? -6.999  -10.024 1.248   1.00 13.32 ? 117  SER A OG  1 
ATOM   718  N N   . ASP A 1 93  ? -10.137 -8.617  0.001   1.00 10.66 ? 118  ASP A N   1 
ATOM   719  C CA  . ASP A 1 93  ? -10.970 -7.487  0.361   1.00 10.57 ? 118  ASP A CA  1 
ATOM   720  C C   . ASP A 1 93  ? -10.326 -6.614  1.430   1.00 9.60  ? 118  ASP A C   1 
ATOM   721  O O   . ASP A 1 93  ? -9.980  -7.086  2.507   1.00 9.92  ? 118  ASP A O   1 
ATOM   722  C CB  . ASP A 1 93  ? -12.327 -7.978  0.867   1.00 11.29 ? 118  ASP A CB  1 
ATOM   723  C CG  . ASP A 1 93  ? -13.191 -8.565  -0.221  1.00 11.71 ? 118  ASP A CG  1 
ATOM   724  O OD1 . ASP A 1 93  ? -13.018 -8.182  -1.396  1.00 13.13 ? 118  ASP A OD1 1 
ATOM   725  O OD2 . ASP A 1 93  ? -14.090 -9.383  0.051   1.00 13.14 ? 118  ASP A OD2 1 
ATOM   726  N N   . GLU A 1 94  ? -10.217 -5.324  1.124   1.00 9.31  ? 119  GLU A N   1 
ATOM   727  C CA  . GLU A 1 94  ? -9.684  -4.317  2.044   1.00 9.20  ? 119  GLU A CA  1 
ATOM   728  C C   . GLU A 1 94  ? -8.298  -4.673  2.542   1.00 8.37  ? 119  GLU A C   1 
ATOM   729  O O   . GLU A 1 94  ? -7.883  -4.202  3.596   1.00 8.38  ? 119  GLU A O   1 
ATOM   730  C CB  . GLU A 1 94  ? -10.643 -4.088  3.220   1.00 9.88  ? 119  GLU A CB  1 
ATOM   731  C CG  . GLU A 1 94  ? -11.965 -3.480  2.794   1.00 11.78 ? 119  GLU A CG  1 
ATOM   732  C CD  . GLU A 1 94  ? -12.917 -3.289  3.942   1.00 14.36 ? 119  GLU A CD  1 
ATOM   733  O OE1 . GLU A 1 94  ? -13.126 -4.259  4.699   1.00 17.68 ? 119  GLU A OE1 1 
ATOM   734  O OE2 . GLU A 1 94  ? -13.450 -2.173  4.092   1.00 16.35 ? 119  GLU A OE2 1 
ATOM   735  N N   . CYS A 1 95  ? -7.536  -5.415  1.750   1.00 8.06  ? 120  CYS A N   1 
ATOM   736  C CA  . CYS A 1 95  ? -6.288  -5.932  2.263   1.00 8.22  ? 120  CYS A CA  1 
ATOM   737  C C   . CYS A 1 95  ? -5.240  -4.841  2.488   1.00 7.84  ? 120  CYS A C   1 
ATOM   738  O O   . CYS A 1 95  ? -4.342  -5.017  3.303   1.00 8.66  ? 120  CYS A O   1 
ATOM   739  C CB  . CYS A 1 95  ? -5.780  -7.048  1.357   1.00 8.14  ? 120  CYS A CB  1 
ATOM   740  S SG  . CYS A 1 95  ? -5.471  -6.520  -0.337  1.00 8.64  ? 120  CYS A SG  1 
ATOM   741  N N   . ASN A 1 96  ? -5.348  -3.722  1.781   1.00 7.55  ? 121  ASN A N   1 
ATOM   742  C CA  . ASN A 1 96  ? -4.451  -2.601  2.014   1.00 7.55  ? 121  ASN A CA  1 
ATOM   743  C C   . ASN A 1 96  ? -4.813  -1.781  3.251   1.00 7.54  ? 121  ASN A C   1 
ATOM   744  O O   . ASN A 1 96  ? -4.201  -0.745  3.501   1.00 8.62  ? 121  ASN A O   1 
ATOM   745  C CB  . ASN A 1 96  ? -4.288  -1.723  0.772   1.00 7.34  ? 121  ASN A CB  1 
ATOM   746  C CG  . ASN A 1 96  ? -5.583  -1.086  0.299   1.00 7.16  ? 121  ASN A CG  1 
ATOM   747  O OD1 . ASN A 1 96  ? -6.673  -1.499  0.688   1.00 7.77  ? 121  ASN A OD1 1 
ATOM   748  N ND2 . ASN A 1 96  ? -5.463  -0.080  -0.568  1.00 7.71  ? 121  ASN A ND2 1 
ATOM   749  N N   . ASP A 1 97  ? -5.785  -2.265  4.031   1.00 7.63  ? 122  ASP A N   1 
ATOM   750  C CA  . ASP A 1 97  ? -6.121  -1.639  5.305   1.00 8.77  ? 122  ASP A CA  1 
ATOM   751  C C   . ASP A 1 97  ? -5.183  -2.085  6.414   1.00 9.54  ? 122  ASP A C   1 
ATOM   752  O O   . ASP A 1 97  ? -5.136  -1.445  7.466   1.00 11.06 ? 122  ASP A O   1 
ATOM   753  C CB  . ASP A 1 97  ? -7.559  -1.980  5.704   1.00 9.01  ? 122  ASP A CB  1 
ATOM   754  C CG  . ASP A 1 97  ? -8.072  -1.170  6.869   1.00 10.08 ? 122  ASP A CG  1 
ATOM   755  O OD1 . ASP A 1 97  ? -7.752  0.028   6.996   1.00 11.06 ? 122  ASP A OD1 1 
ATOM   756  O OD2 . ASP A 1 97  ? -8.877  -1.677  7.663   1.00 13.81 ? 122  ASP A OD2 1 
ATOM   757  N N   . ASN A 1 98  ? -4.465  -3.189  6.202   1.00 9.64  ? 123  ASN A N   1 
ATOM   758  C CA  . ASN A 1 98  ? -3.548  -3.727  7.193   1.00 10.33 ? 123  ASN A CA  1 
ATOM   759  C C   . ASN A 1 98  ? -2.212  -4.002  6.542   1.00 10.05 ? 123  ASN A C   1 
ATOM   760  O O   . ASN A 1 98  ? -2.056  -4.967  5.783   1.00 13.11 ? 123  ASN A O   1 
ATOM   761  C CB  . ASN A 1 98  ? -4.110  -5.005  7.772   1.00 10.67 ? 123  ASN A CB  1 
ATOM   762  C CG  . ASN A 1 98  ? -3.313  -5.481  8.941   1.00 12.70 ? 123  ASN A CG  1 
ATOM   763  O OD1 . ASN A 1 98  ? -2.661  -4.701  9.635   1.00 15.04 ? 123  ASN A OD1 1 
ATOM   764  N ND2 . ASN A 1 98  ? -3.354  -6.771  9.169   1.00 12.83 ? 123  ASN A ND2 1 
ATOM   765  N N   . ILE A 1 99  ? -1.238  -3.155  6.831   1.00 9.71  ? 124  ILE A N   1 
ATOM   766  C CA  . ILE A 1 99  ? 0.050   -3.253  6.177   1.00 9.84  ? 124  ILE A CA  1 
ATOM   767  C C   . ILE A 1 99  ? 1.061   -3.883  7.123   1.00 9.60  ? 124  ILE A C   1 
ATOM   768  O O   . ILE A 1 99  ? 1.151   -3.516  8.292   1.00 9.71  ? 124  ILE A O   1 
ATOM   769  C CB  . ILE A 1 99  ? 0.492   -1.861  5.631   1.00 10.12 ? 124  ILE A CB  1 
ATOM   770  C CG1 . ILE A 1 99  ? 0.638   -0.821  6.745   1.00 11.17 ? 124  ILE A CG1 1 
ATOM   771  C CG2 . ILE A 1 99  ? -0.490  -1.385  4.562   1.00 11.71 ? 124  ILE A CG2 1 
ATOM   772  C CD1 . ILE A 1 99  ? 1.199   0.515   6.266   1.00 12.65 ? 124  ILE A CD1 1 
ATOM   773  N N   . ILE A 1 100 ? 1.793   -4.867  6.609   1.00 9.78  ? 125  ILE A N   1 
ATOM   774  C CA  . ILE A 1 100 ? 2.705   -5.658  7.422   1.00 10.20 ? 125  ILE A CA  1 
ATOM   775  C C   . ILE A 1 100 ? 4.145   -5.365  7.032   1.00 10.14 ? 125  ILE A C   1 
ATOM   776  O O   . ILE A 1 100 ? 4.538   -5.561  5.885   1.00 10.87 ? 125  ILE A O   1 
ATOM   777  C CB  . ILE A 1 100 ? 2.453   -7.170  7.237   1.00 11.07 ? 125  ILE A CB  1 
ATOM   778  C CG1 . ILE A 1 100 ? 0.962   -7.520  7.267   1.00 12.00 ? 125  ILE A CG1 1 
ATOM   779  C CG2 . ILE A 1 100 ? 3.257   -7.945  8.268   1.00 12.04 ? 125  ILE A CG2 1 
ATOM   780  C CD1 . ILE A 1 100 ? 0.271   -7.190  8.513   1.00 13.14 ? 125  ILE A CD1 1 
ATOM   781  N N   . PHE A 1 101 ? 4.939   -4.914  7.996   1.00 11.25 ? 126  PHE A N   1 
ATOM   782  C CA  . PHE A 1 101 ? 6.343   -4.574  7.755   1.00 12.89 ? 126  PHE A CA  1 
ATOM   783  C C   . PHE A 1 101 ? 7.298   -5.688  8.140   1.00 15.47 ? 126  PHE A C   1 
ATOM   784  O O   . PHE A 1 101 ? 8.199   -5.498  8.965   1.00 18.64 ? 126  PHE A O   1 
ATOM   785  C CB  . PHE A 1 101 ? 6.721   -3.302  8.507   1.00 12.54 ? 126  PHE A CB  1 
ATOM   786  C CG  . PHE A 1 101 ? 6.075   -2.070  7.962   1.00 11.79 ? 126  PHE A CG  1 
ATOM   787  C CD1 . PHE A 1 101 ? 6.662   -1.363  6.933   1.00 12.44 ? 126  PHE A CD1 1 
ATOM   788  C CD2 . PHE A 1 101 ? 4.881   -1.620  8.476   1.00 12.20 ? 126  PHE A CD2 1 
ATOM   789  C CE1 . PHE A 1 101 ? 6.066   -0.227  6.435   1.00 13.12 ? 126  PHE A CE1 1 
ATOM   790  C CE2 . PHE A 1 101 ? 4.282   -0.484  7.981   1.00 13.58 ? 126  PHE A CE2 1 
ATOM   791  C CZ  . PHE A 1 101 ? 4.878   0.218   6.960   1.00 13.60 ? 126  PHE A CZ  1 
ATOM   792  N N   . SER A 1 102 ? 7.112   -6.844  7.523   1.00 17.73 ? 127  SER A N   1 
ATOM   793  C CA  . SER A 1 102 ? 8.003   -7.972  7.725   1.00 19.85 ? 127  SER A CA  1 
ATOM   794  C C   . SER A 1 102 ? 7.491   -9.193  6.986   1.00 20.59 ? 127  SER A C   1 
ATOM   795  O O   . SER A 1 102 ? 6.304   -9.282  6.660   1.00 20.28 ? 127  SER A O   1 
ATOM   796  C CB  . SER A 1 102 ? 8.176   -8.263  9.213   1.00 20.65 ? 127  SER A CB  1 
ATOM   797  O OG  . SER A 1 102 ? 7.002   -7.995  9.949   1.00 23.86 ? 127  SER A OG  1 
ATOM   798  N N   . GLU A 1 103 ? 8.409   -10.113 6.696   1.00 22.23 ? 128  GLU A N   1 
ATOM   799  C CA  . GLU A 1 103 ? 8.080   -11.375 6.054   1.00 23.47 ? 128  GLU A CA  1 
ATOM   800  C C   . GLU A 1 103 ? 8.165   -12.496 7.088   1.00 24.32 ? 128  GLU A C   1 
ATOM   801  O O   . GLU A 1 103 ? 7.878   -13.652 6.786   1.00 24.95 ? 128  GLU A O   1 
ATOM   802  C CB  . GLU A 1 103 ? 9.053   -11.655 4.910   1.00 23.80 ? 128  GLU A CB  1 
ATOM   803  C CG  . GLU A 1 103 ? 9.143   -10.532 3.889   1.00 24.40 ? 128  GLU A CG  1 
ATOM   804  C CD  . GLU A 1 103 ? 10.148  -10.934 2.795   0.00 33.03 ? 128  GLU A CD  1 
ATOM   805  O OE1 . GLU A 1 103 ? 9.950   -11.956 2.104   0.00 34.15 ? 128  GLU A OE1 1 
ATOM   806  O OE2 . GLU A 1 103 ? 11.131  -10.181 2.631   0.00 33.94 ? 128  GLU A OE2 1 
ATOM   807  N N   . GLU A 1 104 ? 8.533   -12.133 8.316   1.00 25.22 ? 129  GLU A N   1 
ATOM   808  C CA  . GLU A 1 104 ? 8.738   -13.090 9.406   1.00 26.10 ? 129  GLU A CA  1 
ATOM   809  C C   . GLU A 1 104 ? 7.478   -13.874 9.789   1.00 26.20 ? 129  GLU A C   1 
ATOM   810  O O   . GLU A 1 104 ? 7.572   -14.961 10.367  1.00 26.22 ? 129  GLU A O   1 
ATOM   811  C CB  . GLU A 1 104 ? 9.266   -12.352 10.645  1.00 26.57 ? 129  GLU A CB  1 
ATOM   812  C CG  . GLU A 1 104 ? 10.501  -11.490 10.395  1.00 28.39 ? 129  GLU A CG  1 
ATOM   813  C CD  . GLU A 1 104 ? 10.381  -10.083 10.968  1.00 30.29 ? 129  GLU A CD  1 
ATOM   814  O OE1 . GLU A 1 104 ? 9.671   -9.899  11.980  1.00 32.27 ? 129  GLU A OE1 1 
ATOM   815  O OE2 . GLU A 1 104 ? 11.001  -9.153  10.404  1.00 32.40 ? 129  GLU A OE2 1 
ATOM   816  N N   . TYR A 1 105 ? 6.308   -13.323 9.470   1.00 26.43 ? 130  TYR A N   1 
ATOM   817  C CA  . TYR A 1 105 ? 5.033   -13.947 9.827   1.00 26.73 ? 130  TYR A CA  1 
ATOM   818  C C   . TYR A 1 105 ? 4.304   -14.549 8.636   1.00 27.09 ? 130  TYR A C   1 
ATOM   819  O O   . TYR A 1 105 ? 3.601   -15.547 8.799   1.00 27.34 ? 130  TYR A O   1 
ATOM   820  C CB  . TYR A 1 105 ? 4.128   -12.913 10.489  1.00 26.58 ? 130  TYR A CB  1 
ATOM   821  C CG  . TYR A 1 105 ? 4.851   -12.109 11.532  1.00 26.69 ? 130  TYR A CG  1 
ATOM   822  C CD1 . TYR A 1 105 ? 5.276   -12.701 12.710  1.00 26.90 ? 130  TYR A CD1 1 
ATOM   823  C CD2 . TYR A 1 105 ? 5.140   -10.766 11.329  1.00 27.10 ? 130  TYR A CD2 1 
ATOM   824  C CE1 . TYR A 1 105 ? 5.954   -11.981 13.664  1.00 27.38 ? 130  TYR A CE1 1 
ATOM   825  C CE2 . TYR A 1 105 ? 5.818   -10.036 12.284  1.00 27.78 ? 130  TYR A CE2 1 
ATOM   826  C CZ  . TYR A 1 105 ? 6.220   -10.651 13.448  1.00 27.66 ? 130  TYR A CZ  1 
ATOM   827  O OH  . TYR A 1 105 ? 6.896   -9.935  14.404  1.00 29.56 ? 130  TYR A OH  1 
HETATM 828  C C1  . GOL B 2 .   ? 7.400   0.402   10.003  1.00 25.80 ? 910  GOL A C1  1 
HETATM 829  O O1  . GOL B 2 .   ? 6.309   0.948   10.737  1.00 21.75 ? 910  GOL A O1  1 
HETATM 830  C C2  . GOL B 2 .   ? 8.637   1.303   9.964   1.00 27.10 ? 910  GOL A C2  1 
HETATM 831  O O2  . GOL B 2 .   ? 8.359   2.635   10.369  1.00 27.14 ? 910  GOL A O2  1 
HETATM 832  C C3  . GOL B 2 .   ? 9.223   1.332   8.556   1.00 27.00 ? 910  GOL A C3  1 
HETATM 833  O O3  . GOL B 2 .   ? 10.408  0.550   8.549   1.00 27.61 ? 910  GOL A O3  1 
HETATM 834  O O   . HOH C 3 .   ? 2.668   7.885   -2.241  1.00 13.34 ? 911  HOH A O   1 
HETATM 835  O O   . HOH C 3 .   ? -2.943  -7.073  4.414   1.00 12.83 ? 912  HOH A O   1 
HETATM 836  O O   . HOH C 3 .   ? -4.386  6.152   2.759   1.00 10.24 ? 913  HOH A O   1 
HETATM 837  O O   . HOH C 3 .   ? 2.533   7.755   0.629   1.00 12.16 ? 914  HOH A O   1 
HETATM 838  O O   . HOH C 3 .   ? -5.142  6.709   5.359   1.00 12.57 ? 915  HOH A O   1 
HETATM 839  O O   . HOH C 3 .   ? -7.921  1.356   9.322   1.00 12.98 ? 916  HOH A O   1 
HETATM 840  O O   . HOH C 3 .   ? 2.176   -8.180  -0.492  1.00 12.84 ? 917  HOH A O   1 
HETATM 841  O O   . HOH C 3 .   ? 2.353   -3.449  -11.726 1.00 13.77 ? 918  HOH A O   1 
HETATM 842  O O   . HOH C 3 .   ? 4.762   3.996   -12.685 1.00 15.33 ? 919  HOH A O   1 
HETATM 843  O O   . HOH C 3 .   ? 5.556   11.265  2.937   1.00 16.05 ? 920  HOH A O   1 
HETATM 844  O O   . HOH C 3 .   ? -2.238  -3.258  12.094  1.00 15.35 ? 921  HOH A O   1 
HETATM 845  O O   . HOH C 3 .   ? -10.400 1.888   -9.444  1.00 17.84 ? 922  HOH A O   1 
HETATM 846  O O   . HOH C 3 .   ? -4.632  1.226   -12.587 1.00 16.65 ? 923  HOH A O   1 
HETATM 847  O O   . HOH C 3 .   ? -2.718  8.827   -5.057  1.00 16.46 ? 924  HOH A O   1 
HETATM 848  O O   . HOH C 3 .   ? -3.629  14.217  2.294   1.00 18.05 ? 925  HOH A O   1 
HETATM 849  O O   . HOH C 3 .   ? -2.158  5.115   8.742   1.00 17.88 ? 926  HOH A O   1 
HETATM 850  O O   . HOH C 3 .   ? -14.577 -10.529 2.450   1.00 18.41 ? 927  HOH A O   1 
HETATM 851  O O   . HOH C 3 .   ? -2.982  7.285   7.200   1.00 18.05 ? 928  HOH A O   1 
HETATM 852  O O   . HOH C 3 .   ? -16.998 2.047   -4.766  1.00 17.65 ? 929  HOH A O   1 
HETATM 853  O O   . HOH C 3 .   ? -3.799  3.363   -9.475  1.00 18.61 ? 930  HOH A O   1 
HETATM 854  O O   . HOH C 3 .   ? -5.575  7.958   -7.568  1.00 25.23 ? 931  HOH A O   1 
HETATM 855  O O   . HOH C 3 .   ? -10.887 -4.910  -8.818  1.00 14.68 ? 932  HOH A O   1 
HETATM 856  O O   . HOH C 3 .   ? 4.742   -4.207  -4.474  1.00 18.46 ? 933  HOH A O   1 
HETATM 857  O O   . HOH C 3 .   ? -5.368  -8.812  -11.709 1.00 19.75 ? 934  HOH A O   1 
HETATM 858  O O   . HOH C 3 .   ? -12.663 -6.980  5.001   1.00 21.59 ? 935  HOH A O   1 
HETATM 859  O O   . HOH C 3 .   ? -9.341  11.186  -0.630  1.00 21.24 ? 936  HOH A O   1 
HETATM 860  O O   . HOH C 3 .   ? 5.579   -7.188  -1.135  1.00 18.37 ? 937  HOH A O   1 
HETATM 861  O O   . HOH C 3 .   ? -9.286  9.136   -2.512  1.00 19.04 ? 938  HOH A O   1 
HETATM 862  O O   . HOH C 3 .   ? 7.425   8.790   13.915  1.00 25.72 ? 939  HOH A O   1 
HETATM 863  O O   . HOH C 3 .   ? -11.019 -7.537  -3.010  1.00 16.13 ? 940  HOH A O   1 
HETATM 864  O O   . HOH C 3 .   ? -11.154 -11.300 0.125   1.00 19.40 ? 941  HOH A O   1 
HETATM 865  O O   . HOH C 3 .   ? -9.938  8.498   6.120   1.00 20.49 ? 942  HOH A O   1 
HETATM 866  O O   . HOH C 3 .   ? -6.964  8.570   6.325   1.00 22.21 ? 943  HOH A O   1 
HETATM 867  O O   . HOH C 3 .   ? 13.477  3.715   0.996   1.00 21.61 ? 944  HOH A O   1 
HETATM 868  O O   . HOH C 3 .   ? 6.457   -4.851  -2.319  1.00 19.73 ? 945  HOH A O   1 
HETATM 869  O O   . HOH C 3 .   ? -10.549 -3.707  8.406   1.00 20.37 ? 946  HOH A O   1 
HETATM 870  O O   . HOH C 3 .   ? 13.683  13.885  3.882   1.00 20.93 ? 947  HOH A O   1 
HETATM 871  O O   . HOH C 3 .   ? 1.909   -11.934 -7.312  1.00 25.70 ? 948  HOH A O   1 
HETATM 872  O O   . HOH C 3 .   ? -14.204 -4.385  -10.244 1.00 17.88 ? 949  HOH A O   1 
HETATM 873  O O   . HOH C 3 .   ? -10.440 -9.559  3.591   1.00 21.84 ? 950  HOH A O   1 
HETATM 874  O O   . HOH C 3 .   ? 3.618   -10.662 -0.553  1.00 23.53 ? 951  HOH A O   1 
HETATM 875  O O   . HOH C 3 .   ? -3.506  5.964   -8.471  1.00 17.95 ? 952  HOH A O   1 
HETATM 876  O O   . HOH C 3 .   ? 7.621   11.614  0.987   1.00 20.00 ? 953  HOH A O   1 
HETATM 877  O O   . HOH C 3 .   ? -2.020  1.241   13.130  1.00 22.66 ? 954  HOH A O   1 
HETATM 878  O O   . HOH C 3 .   ? 12.090  -4.280  2.793   1.00 22.79 ? 955  HOH A O   1 
HETATM 879  O O   . HOH C 3 .   ? -4.610  -6.826  -15.333 1.00 21.39 ? 956  HOH A O   1 
HETATM 880  O O   . HOH C 3 .   ? -8.486  -6.869  -3.648  1.00 21.00 ? 957  HOH A O   1 
HETATM 881  O O   . HOH C 3 .   ? 5.167   -11.477 7.504   1.00 21.49 ? 958  HOH A O   1 
HETATM 882  O O   . HOH C 3 .   ? -6.236  -0.518  -16.599 1.00 24.11 ? 959  HOH A O   1 
HETATM 883  O O   . HOH C 3 .   ? 3.004   3.983   14.865  1.00 22.53 ? 960  HOH A O   1 
HETATM 884  O O   . HOH C 3 .   ? 13.796  -0.374  -5.606  1.00 23.26 ? 961  HOH A O   1 
HETATM 885  O O   . HOH C 3 .   ? 9.895   -2.949  -10.443 1.00 23.86 ? 962  HOH A O   1 
HETATM 886  O O   . HOH C 3 .   ? -4.441  12.947  6.353   1.00 24.18 ? 963  HOH A O   1 
HETATM 887  O O   . HOH C 3 .   ? -5.562  -5.320  11.136  1.00 22.09 ? 964  HOH A O   1 
HETATM 888  O O   . HOH C 3 .   ? 11.312  4.996   10.518  1.00 28.19 ? 965  HOH A O   1 
HETATM 889  O O   . HOH C 3 .   ? 11.799  10.335  -3.688  1.00 23.09 ? 966  HOH A O   1 
HETATM 890  O O   . HOH C 3 .   ? -1.835  6.647   11.271  1.00 26.84 ? 967  HOH A O   1 
HETATM 891  O O   . HOH C 3 .   ? 8.915   -4.641  -7.669  1.00 28.97 ? 968  HOH A O   1 
HETATM 892  O O   . HOH C 3 .   ? -11.507 10.146  4.133   1.00 25.01 ? 969  HOH A O   1 
HETATM 893  O O   . HOH C 3 .   ? 9.677   12.988  9.868   1.00 26.53 ? 970  HOH A O   1 
HETATM 894  O O   . HOH C 3 .   ? -8.701  9.148   -6.692  1.00 24.31 ? 971  HOH A O   1 
HETATM 895  O O   . HOH C 3 .   ? 2.877   6.064   -10.589 1.00 24.00 ? 972  HOH A O   1 
HETATM 896  O O   . HOH C 3 .   ? 6.579   -5.988  -6.047  1.00 19.94 ? 973  HOH A O   1 
HETATM 897  O O   . HOH C 3 .   ? -5.380  -12.892 -2.756  1.00 27.68 ? 974  HOH A O   1 
HETATM 898  O O   . HOH C 3 .   ? -12.522 2.713   -7.409  1.00 23.68 ? 975  HOH A O   1 
HETATM 899  O O   . HOH C 3 .   ? -15.935 -1.975  4.891   1.00 30.14 ? 976  HOH A O   1 
HETATM 900  O O   . HOH C 3 .   ? -8.385  -8.319  -9.182  1.00 25.07 ? 977  HOH A O   1 
HETATM 901  O O   . HOH C 3 .   ? -6.674  11.169  6.580   1.00 24.71 ? 978  HOH A O   1 
HETATM 902  O O   . HOH C 3 .   ? 9.067   13.921  0.089   1.00 24.19 ? 979  HOH A O   1 
HETATM 903  O O   . HOH C 3 .   ? -15.443 8.278   4.000   1.00 28.17 ? 980  HOH A O   1 
HETATM 904  O O   . HOH C 3 .   ? 1.915   -8.773  -10.980 1.00 30.74 ? 981  HOH A O   1 
HETATM 905  O O   . HOH C 3 .   ? 8.855   -2.389  11.436  1.00 29.85 ? 982  HOH A O   1 
HETATM 906  O O   . HOH C 3 .   ? 9.848   -5.044  -12.206 1.00 24.13 ? 983  HOH A O   1 
HETATM 907  O O   . HOH C 3 .   ? -6.485  -7.314  -17.437 1.00 25.65 ? 984  HOH A O   1 
HETATM 908  O O   . HOH C 3 .   ? -15.621 4.908   -3.346  1.00 28.70 ? 985  HOH A O   1 
HETATM 909  O O   . HOH C 3 .   ? -10.322 4.290   -10.562 1.00 27.69 ? 986  HOH A O   1 
HETATM 910  O O   . HOH C 3 .   ? 11.995  6.726   14.227  1.00 42.53 ? 987  HOH A O   1 
HETATM 911  O O   . HOH C 3 .   ? -16.219 3.473   2.559   1.00 23.58 ? 988  HOH A O   1 
HETATM 912  O O   . HOH C 3 .   ? -1.372  3.712   11.076  1.00 23.96 ? 989  HOH A O   1 
HETATM 913  O O   . HOH C 3 .   ? 0.516   -0.027  14.507  1.00 23.10 ? 990  HOH A O   1 
HETATM 914  O O   . HOH C 3 .   ? 12.257  18.687  9.437   1.00 28.75 ? 991  HOH A O   1 
HETATM 915  O O   . HOH C 3 .   ? 4.721   8.821   14.033  1.00 32.09 ? 992  HOH A O   1 
HETATM 916  O O   . HOH C 3 .   ? 4.337   -13.147 5.076   1.00 31.96 ? 993  HOH A O   1 
HETATM 917  O O   . HOH C 3 .   ? -1.686  -15.846 -4.087  1.00 40.95 ? 994  HOH A O   1 
HETATM 918  O O   . HOH C 3 .   ? -17.191 3.655   -1.287  1.00 28.92 ? 995  HOH A O   1 
HETATM 919  O O   . HOH C 3 .   ? -9.086  2.069   -13.355 1.00 32.67 ? 996  HOH A O   1 
HETATM 920  O O   . HOH C 3 .   ? -12.963 -0.411  7.122   1.00 28.68 ? 997  HOH A O   1 
HETATM 921  O O   . HOH C 3 .   ? -10.608 -9.800  -4.735  1.00 28.11 ? 998  HOH A O   1 
HETATM 922  O O   . HOH C 3 .   ? -11.738 6.631   -3.731  1.00 29.94 ? 999  HOH A O   1 
HETATM 923  O O   . HOH C 3 .   ? 5.536   6.947   -11.885 1.00 32.93 ? 1000 HOH A O   1 
HETATM 924  O O   . HOH C 3 .   ? -8.389  -13.086 -2.359  1.00 32.33 ? 1001 HOH A O   1 
HETATM 925  O O   . HOH C 3 .   ? 11.995  4.814   8.080   1.00 36.04 ? 1002 HOH A O   1 
HETATM 926  O O   . HOH C 3 .   ? -7.832  -7.678  -6.175  1.00 22.73 ? 1003 HOH A O   1 
HETATM 927  O O   . HOH C 3 .   ? 10.194  -2.130  8.752   1.00 32.15 ? 1004 HOH A O   1 
HETATM 928  O O   . HOH C 3 .   ? 13.986  -2.791  4.222   1.00 28.80 ? 1005 HOH A O   1 
HETATM 929  O O   . HOH C 3 .   ? -16.441 1.456   -8.697  1.00 32.44 ? 1006 HOH A O   1 
HETATM 930  O O   . HOH C 3 .   ? 9.133   -4.536  -3.536  1.00 23.86 ? 1007 HOH A O   1 
HETATM 931  O O   . HOH C 3 .   ? -15.790 -5.065  -12.199 1.00 26.88 ? 1008 HOH A O   1 
HETATM 932  O O   . HOH C 3 .   ? -10.545 2.895   8.660   1.00 30.81 ? 1009 HOH A O   1 
HETATM 933  O O   . HOH C 3 .   ? 14.998  5.939   0.371   1.00 22.32 ? 1010 HOH A O   1 
HETATM 934  O O   . HOH C 3 .   ? -6.680  2.213   -10.945 1.00 23.67 ? 1011 HOH A O   1 
HETATM 935  O O   . HOH C 3 .   ? 6.829   18.750  10.006  1.00 36.54 ? 1012 HOH A O   1 
HETATM 936  O O   . HOH C 3 .   ? 14.395  1.102   6.347   1.00 35.45 ? 1013 HOH A O   1 
HETATM 937  O O   . HOH C 3 .   ? 9.561   -3.341  14.642  1.00 42.57 ? 1014 HOH A O   1 
HETATM 938  O O   . HOH C 3 .   ? 4.964   12.757  11.147  1.00 40.73 ? 1015 HOH A O   1 
HETATM 939  O O   . HOH C 3 .   ? 2.730   -7.453  -13.952 1.00 30.03 ? 1016 HOH A O   1 
HETATM 940  O O   . HOH C 3 .   ? -8.566  11.927  -3.997  1.00 26.63 ? 1017 HOH A O   1 
HETATM 941  O O   . HOH C 3 .   ? -3.249  -11.671 -19.507 1.00 34.94 ? 1018 HOH A O   1 
HETATM 942  O O   . HOH C 3 .   ? -6.718  -9.757  3.836   1.00 26.82 ? 1019 HOH A O   1 
HETATM 943  O O   . HOH C 3 .   ? 6.316   -11.036 -4.609  1.00 39.16 ? 1020 HOH A O   1 
HETATM 944  O O   . HOH C 3 .   ? -8.705  -9.919  -6.777  1.00 28.56 ? 1021 HOH A O   1 
HETATM 945  O O   . HOH C 3 .   ? -7.940  -1.398  -18.660 1.00 36.41 ? 1022 HOH A O   1 
HETATM 946  O O   . HOH C 3 .   ? 11.639  1.378   11.481  1.00 39.88 ? 1023 HOH A O   1 
HETATM 947  O O   . HOH C 3 .   ? 5.341   5.251   16.534  1.00 37.63 ? 1024 HOH A O   1 
HETATM 948  O O   . HOH C 3 .   ? 11.651  -4.370  -2.180  1.00 32.31 ? 1025 HOH A O   1 
HETATM 949  O O   . HOH C 3 .   ? 4.373   -17.591 6.590   1.00 38.10 ? 1026 HOH A O   1 
HETATM 950  O O   . HOH C 3 .   ? -3.886  -8.843  -13.930 1.00 26.75 ? 1027 HOH A O   1 
HETATM 951  O O   . HOH C 3 .   ? 4.087   -12.141 -2.835  1.00 35.44 ? 1028 HOH A O   1 
HETATM 952  O O   . HOH C 3 .   ? 0.582   2.554   15.035  1.00 35.51 ? 1029 HOH A O   1 
HETATM 953  O O   . HOH C 3 .   ? 6.414   -2.946  -6.461  1.00 22.41 ? 1030 HOH A O   1 
HETATM 954  O O   . HOH C 3 .   ? -4.779  11.028  7.946   1.00 38.85 ? 1031 HOH A O   1 
HETATM 955  O O   . HOH C 3 .   ? 4.408   17.821  7.301   1.00 28.86 ? 1032 HOH A O   1 
HETATM 956  O O   . HOH C 3 .   ? 2.993   12.188  9.572   1.00 28.91 ? 1033 HOH A O   1 
HETATM 957  O O   . HOH C 3 .   ? 6.857   7.994   -7.565  1.00 31.90 ? 1034 HOH A O   1 
HETATM 958  O O   . HOH C 3 .   ? 17.566  7.346   -5.958  1.00 41.90 ? 1035 HOH A O   1 
HETATM 959  O O   . HOH C 3 .   ? 18.417  10.332  -0.288  1.00 38.83 ? 1036 HOH A O   1 
HETATM 960  O O   . HOH C 3 .   ? 16.114  -4.640  4.430   1.00 43.29 ? 1037 HOH A O   1 
HETATM 961  O O   . HOH C 3 .   ? 12.055  12.272  10.840  1.00 36.72 ? 1038 HOH A O   1 
HETATM 962  O O   . HOH C 3 .   ? -3.505  -9.804  -9.756  1.00 28.05 ? 1039 HOH A O   1 
HETATM 963  O O   . HOH C 3 .   ? -11.421 -2.649  10.841  1.00 33.80 ? 1040 HOH A O   1 
HETATM 964  O O   . HOH C 3 .   ? -13.281 -9.526  4.603   1.00 33.50 ? 1041 HOH A O   1 
HETATM 965  O O   . HOH C 3 .   ? -6.316  1.338   -14.670 1.00 33.31 ? 1042 HOH A O   1 
HETATM 966  O O   . HOH C 3 .   ? 11.616  13.911  0.172   1.00 32.91 ? 1043 HOH A O   1 
HETATM 967  O O   . HOH C 3 .   ? 7.358   -8.438  -4.455  1.00 36.78 ? 1044 HOH A O   1 
HETATM 968  O O   . HOH C 3 .   ? 13.526  -5.774  1.261   1.00 46.16 ? 1045 HOH A O   1 
HETATM 969  O O   . HOH C 3 .   ? 11.786  13.443  -3.943  1.00 44.82 ? 1046 HOH A O   1 
HETATM 970  O O   . HOH C 3 .   ? 7.877   5.810   16.675  1.00 37.18 ? 1047 HOH A O   1 
HETATM 971  O O   . HOH C 3 .   ? 9.265   -4.837  5.372   1.00 47.92 ? 1048 HOH A O   1 
HETATM 972  O O   . HOH C 3 .   ? 1.149   3.449   -14.589 1.00 32.12 ? 1049 HOH A O   1 
HETATM 973  O O   . HOH C 3 .   ? -12.033 12.258  -0.331  1.00 37.12 ? 1050 HOH A O   1 
HETATM 974  O O   . HOH C 3 .   ? 13.620  11.506  8.699   1.00 46.75 ? 1051 HOH A O   1 
HETATM 975  O O   . HOH C 3 .   ? 16.965  16.420  7.508   1.00 38.47 ? 1052 HOH A O   1 
HETATM 976  O O   . HOH C 3 .   ? 13.531  -3.111  6.905   1.00 43.33 ? 1053 HOH A O   1 
HETATM 977  O O   . HOH C 3 .   ? 5.512   -12.297 -9.049  1.00 40.20 ? 1054 HOH A O   1 
HETATM 978  O O   . HOH C 3 .   ? -3.096  3.519   -13.180 1.00 40.18 ? 1055 HOH A O   1 
HETATM 979  O O   . HOH C 3 .   ? 15.074  19.161  5.205   1.00 32.05 ? 1056 HOH A O   1 
HETATM 980  O O   . HOH C 3 .   ? -13.172 -3.501  7.314   1.00 39.30 ? 1057 HOH A O   1 
HETATM 981  O O   . HOH C 3 .   ? -8.237  -13.607 2.226   1.00 39.78 ? 1058 HOH A O   1 
HETATM 982  O O   . HOH C 3 .   ? -7.266  5.981   -14.951 1.00 42.17 ? 1059 HOH A O   1 
HETATM 983  O O   . HOH C 3 .   ? -13.355 10.340  7.648   1.00 51.39 ? 1060 HOH A O   1 
HETATM 984  O O   . HOH C 3 .   ? 14.929  8.924   -8.132  1.00 44.31 ? 1061 HOH A O   1 
HETATM 985  O O   . HOH C 3 .   ? -10.923 7.351   -6.314  1.00 43.97 ? 1062 HOH A O   1 
HETATM 986  O O   . HOH C 3 .   ? 12.006  10.042  12.817  1.00 39.91 ? 1063 HOH A O   1 
HETATM 987  O O   . HOH C 3 .   ? 16.473  3.208   4.499   1.00 50.09 ? 1064 HOH A O   1 
HETATM 988  O O   . HOH C 3 .   ? -16.769 6.142   2.718   1.00 34.49 ? 1065 HOH A O   1 
HETATM 989  O O   . HOH C 3 .   ? -3.054  6.249   -11.140 1.00 34.34 ? 1066 HOH A O   1 
HETATM 990  O O   . HOH C 3 .   ? -5.966  0.080   13.837  1.00 29.94 ? 1067 HOH A O   1 
HETATM 991  O O   . HOH C 3 .   ? -3.728  13.873  4.918   1.00 29.89 ? 1068 HOH A O   1 
HETATM 992  O O   . HOH C 3 .   ? -5.013  -4.116  12.201  1.00 31.16 ? 1069 HOH A O   1 
HETATM 993  O O   . HOH C 3 .   ? 7.259   12.539  11.264  1.00 39.93 ? 1070 HOH A O   1 
HETATM 994  O O   . HOH C 3 .   ? 8.918   10.920  13.299  1.00 40.44 ? 1071 HOH A O   1 
HETATM 995  O O   . HOH C 3 .   ? -14.502 1.969   5.254   1.00 34.61 ? 1072 HOH A O   1 
HETATM 996  O O   . HOH C 3 .   ? -16.543 5.409   6.526   1.00 44.79 ? 1073 HOH A O   1 
HETATM 997  O O   . HOH C 3 .   ? -10.840 5.604   9.535   1.00 44.91 ? 1074 HOH A O   1 
HETATM 998  O O   . HOH C 3 .   ? -8.360  -11.282 3.611   1.00 23.00 ? 1075 HOH A O   1 
HETATM 999  O O   . HOH C 3 .   ? -10.368 -12.103 2.736   1.00 36.07 ? 1076 HOH A O   1 
HETATM 1000 O O   . HOH C 3 .   ? -1.338  -9.142  -13.699 1.00 36.44 ? 1077 HOH A O   1 
HETATM 1001 O O   . HOH C 3 .   ? 4.401   13.761  3.128   1.00 26.44 ? 1078 HOH A O   1 
HETATM 1002 O O   . HOH C 3 .   ? 7.453   12.519  -0.687  1.00 46.50 ? 1079 HOH A O   1 
HETATM 1003 O O   . HOH C 3 .   ? 9.925   -6.870  -4.182  1.00 42.84 ? 1080 HOH A O   1 
HETATM 1004 O O   . HOH C 3 .   ? 10.978  -6.484  -6.829  1.00 40.32 ? 1081 HOH A O   1 
HETATM 1005 O O   . HOH C 3 .   ? 16.711  5.407   -5.504  1.00 41.12 ? 1082 HOH A O   1 
HETATM 1006 O O   . HOH C 3 .   ? -0.162  -1.636  15.532  1.00 47.93 ? 1083 HOH A O   1 
HETATM 1007 O O   . HOH C 3 .   ? -8.702  -14.266 0.017   1.00 39.44 ? 1084 HOH A O   1 
HETATM 1008 O O   . HOH C 3 .   ? 7.523   -10.355 10.078  1.00 52.90 ? 1085 HOH A O   1 
HETATM 1009 O O   . HOH C 3 .   ? -0.121  -15.425 6.780   1.00 39.88 ? 1086 HOH A O   1 
HETATM 1010 O O   . HOH C 3 .   ? -2.934  -15.141 4.805   1.00 53.39 ? 1087 HOH A O   1 
HETATM 1011 O O   . HOH C 3 .   ? -5.343  -13.507 3.985   1.00 30.04 ? 1088 HOH A O   1 
# 
